data_3T5S
# 
_entry.id   3T5S 
# 
_audit_conform.dict_name       mmcif_pdbx.dic 
_audit_conform.dict_version    5.387 
_audit_conform.dict_location   http://mmcif.pdb.org/dictionaries/ascii/mmcif_pdbx.dic 
# 
loop_
_database_2.database_id 
_database_2.database_code 
_database_2.pdbx_database_accession 
_database_2.pdbx_DOI 
PDB   3T5S         pdb_00003t5s 10.2210/pdb3t5s/pdb 
RCSB  RCSB067072   ?            ?                   
WWPDB D_1000067072 ?            ?                   
# 
loop_
_pdbx_audit_revision_history.ordinal 
_pdbx_audit_revision_history.data_content_type 
_pdbx_audit_revision_history.major_revision 
_pdbx_audit_revision_history.minor_revision 
_pdbx_audit_revision_history.revision_date 
1 'Structure model' 1 0 2011-08-24 
2 'Structure model' 1 1 2013-06-26 
3 'Structure model' 1 2 2024-02-28 
# 
_pdbx_audit_revision_details.ordinal             1 
_pdbx_audit_revision_details.revision_ordinal    1 
_pdbx_audit_revision_details.data_content_type   'Structure model' 
_pdbx_audit_revision_details.provider            repository 
_pdbx_audit_revision_details.type                'Initial release' 
_pdbx_audit_revision_details.description         ? 
_pdbx_audit_revision_details.details             ? 
# 
loop_
_pdbx_audit_revision_group.ordinal 
_pdbx_audit_revision_group.revision_ordinal 
_pdbx_audit_revision_group.data_content_type 
_pdbx_audit_revision_group.group 
1 2 'Structure model' 'Database references'  
2 3 'Structure model' 'Data collection'      
3 3 'Structure model' 'Database references'  
4 3 'Structure model' 'Derived calculations' 
# 
loop_
_pdbx_audit_revision_category.ordinal 
_pdbx_audit_revision_category.revision_ordinal 
_pdbx_audit_revision_category.data_content_type 
_pdbx_audit_revision_category.category 
1 3 'Structure model' chem_comp_atom     
2 3 'Structure model' chem_comp_bond     
3 3 'Structure model' database_2         
4 3 'Structure model' struct_ref_seq_dif 
5 3 'Structure model' struct_site        
# 
loop_
_pdbx_audit_revision_item.ordinal 
_pdbx_audit_revision_item.revision_ordinal 
_pdbx_audit_revision_item.data_content_type 
_pdbx_audit_revision_item.item 
1 3 'Structure model' '_database_2.pdbx_DOI'                
2 3 'Structure model' '_database_2.pdbx_database_accession' 
3 3 'Structure model' '_struct_ref_seq_dif.details'         
4 3 'Structure model' '_struct_site.pdbx_auth_asym_id'      
5 3 'Structure model' '_struct_site.pdbx_auth_comp_id'      
6 3 'Structure model' '_struct_site.pdbx_auth_seq_id'       
# 
_pdbx_database_status.status_code                     REL 
_pdbx_database_status.entry_id                        3T5S 
_pdbx_database_status.recvd_initial_deposition_date   2011-07-28 
_pdbx_database_status.deposit_site                    RCSB 
_pdbx_database_status.process_site                    RCSB 
_pdbx_database_status.status_code_sf                  REL 
_pdbx_database_status.status_code_mr                  ? 
_pdbx_database_status.SG_entry                        Y 
_pdbx_database_status.status_code_cs                  ? 
_pdbx_database_status.pdb_format_compatible           Y 
_pdbx_database_status.status_code_nmr_data            ? 
_pdbx_database_status.methods_development_category    ? 
# 
_pdbx_database_related.db_name        TargetDB 
_pdbx_database_related.db_id          GilaA.00834.a 
_pdbx_database_related.details        . 
_pdbx_database_related.content_type   unspecified 
# 
_audit_author.name           'Seattle Structural Genomics Center for Infectious Disease (SSGCID)' 
_audit_author.pdbx_ordinal   1 
# 
_citation.id                        primary 
_citation.title                     'Crystal structure of a macrophage migration inhibitory factor from Giardia lamblia.' 
_citation.journal_abbrev            J.Struct.Funct.Genom. 
_citation.journal_volume            14 
_citation.page_first                47 
_citation.page_last                 57 
_citation.year                      2013 
_citation.journal_id_ASTM           ? 
_citation.country                   NE 
_citation.journal_id_ISSN           1345-711X 
_citation.journal_id_CSD            ? 
_citation.book_publisher            ? 
_citation.pdbx_database_id_PubMed   23709284 
_citation.pdbx_database_id_DOI      10.1007/s10969-013-9155-9 
# 
loop_
_citation_author.citation_id 
_citation_author.name 
_citation_author.ordinal 
_citation_author.identifier_ORCID 
primary 'Buchko, G.W.'      1 ? 
primary 'Abendroth, J.'     2 ? 
primary 'Robinson, H.'      3 ? 
primary 'Zhang, Y.'         4 ? 
primary 'Hewitt, S.N.'      5 ? 
primary 'Edwards, T.E.'     6 ? 
primary 'Van Voorhis, W.C.' 7 ? 
primary 'Myler, P.J.'       8 ? 
# 
loop_
_entity.id 
_entity.type 
_entity.src_method 
_entity.pdbx_description 
_entity.formula_weight 
_entity.pdbx_number_of_molecules 
_entity.pdbx_ec 
_entity.pdbx_mutation 
_entity.pdbx_fragment 
_entity.details 
1 polymer     man 'Macrophage migration inhibitory factor' 14669.674 1  ? ? ? ? 
2 non-polymer syn 'SULFATE ION'                            96.063    1  ? ? ? ? 
3 non-polymer syn 'CHLORIDE ION'                           35.453    1  ? ? ? ? 
4 water       nat water                                    18.015    10 ? ? ? ? 
# 
_entity_name_com.entity_id   1 
_entity_name_com.name        GILAA.00834.A 
# 
_entity_poly.entity_id                      1 
_entity_poly.type                           'polypeptide(L)' 
_entity_poly.nstd_linkage                   no 
_entity_poly.nstd_monomer                   no 
_entity_poly.pdbx_seq_one_letter_code       
;MAHHHHHHMGTLEAQTQGPGSMPCAIVTTNADFTKDQADAFCLDMGQVLAKETGKPVSYCMAGVRKADMSFGTSTDLCCF
VDFYCIGVISQAKNPSISAAITGCLTQHFKVKPERVYISFNEAKGHNWGFNGSTF
;
_entity_poly.pdbx_seq_one_letter_code_can   
;MAHHHHHHMGTLEAQTQGPGSMPCAIVTTNADFTKDQADAFCLDMGQVLAKETGKPVSYCMAGVRKADMSFGTSTDLCCF
VDFYCIGVISQAKNPSISAAITGCLTQHFKVKPERVYISFNEAKGHNWGFNGSTF
;
_entity_poly.pdbx_strand_id                 A 
_entity_poly.pdbx_target_identifier         GilaA.00834.a 
# 
loop_
_pdbx_entity_nonpoly.entity_id 
_pdbx_entity_nonpoly.name 
_pdbx_entity_nonpoly.comp_id 
2 'SULFATE ION'  SO4 
3 'CHLORIDE ION' CL  
4 water          HOH 
# 
loop_
_entity_poly_seq.entity_id 
_entity_poly_seq.num 
_entity_poly_seq.mon_id 
_entity_poly_seq.hetero 
1 1   MET n 
1 2   ALA n 
1 3   HIS n 
1 4   HIS n 
1 5   HIS n 
1 6   HIS n 
1 7   HIS n 
1 8   HIS n 
1 9   MET n 
1 10  GLY n 
1 11  THR n 
1 12  LEU n 
1 13  GLU n 
1 14  ALA n 
1 15  GLN n 
1 16  THR n 
1 17  GLN n 
1 18  GLY n 
1 19  PRO n 
1 20  GLY n 
1 21  SER n 
1 22  MET n 
1 23  PRO n 
1 24  CYS n 
1 25  ALA n 
1 26  ILE n 
1 27  VAL n 
1 28  THR n 
1 29  THR n 
1 30  ASN n 
1 31  ALA n 
1 32  ASP n 
1 33  PHE n 
1 34  THR n 
1 35  LYS n 
1 36  ASP n 
1 37  GLN n 
1 38  ALA n 
1 39  ASP n 
1 40  ALA n 
1 41  PHE n 
1 42  CYS n 
1 43  LEU n 
1 44  ASP n 
1 45  MET n 
1 46  GLY n 
1 47  GLN n 
1 48  VAL n 
1 49  LEU n 
1 50  ALA n 
1 51  LYS n 
1 52  GLU n 
1 53  THR n 
1 54  GLY n 
1 55  LYS n 
1 56  PRO n 
1 57  VAL n 
1 58  SER n 
1 59  TYR n 
1 60  CYS n 
1 61  MET n 
1 62  ALA n 
1 63  GLY n 
1 64  VAL n 
1 65  ARG n 
1 66  LYS n 
1 67  ALA n 
1 68  ASP n 
1 69  MET n 
1 70  SER n 
1 71  PHE n 
1 72  GLY n 
1 73  THR n 
1 74  SER n 
1 75  THR n 
1 76  ASP n 
1 77  LEU n 
1 78  CYS n 
1 79  CYS n 
1 80  PHE n 
1 81  VAL n 
1 82  ASP n 
1 83  PHE n 
1 84  TYR n 
1 85  CYS n 
1 86  ILE n 
1 87  GLY n 
1 88  VAL n 
1 89  ILE n 
1 90  SER n 
1 91  GLN n 
1 92  ALA n 
1 93  LYS n 
1 94  ASN n 
1 95  PRO n 
1 96  SER n 
1 97  ILE n 
1 98  SER n 
1 99  ALA n 
1 100 ALA n 
1 101 ILE n 
1 102 THR n 
1 103 GLY n 
1 104 CYS n 
1 105 LEU n 
1 106 THR n 
1 107 GLN n 
1 108 HIS n 
1 109 PHE n 
1 110 LYS n 
1 111 VAL n 
1 112 LYS n 
1 113 PRO n 
1 114 GLU n 
1 115 ARG n 
1 116 VAL n 
1 117 TYR n 
1 118 ILE n 
1 119 SER n 
1 120 PHE n 
1 121 ASN n 
1 122 GLU n 
1 123 ALA n 
1 124 LYS n 
1 125 GLY n 
1 126 HIS n 
1 127 ASN n 
1 128 TRP n 
1 129 GLY n 
1 130 PHE n 
1 131 ASN n 
1 132 GLY n 
1 133 SER n 
1 134 THR n 
1 135 PHE n 
# 
_entity_src_gen.entity_id                          1 
_entity_src_gen.pdbx_src_id                        1 
_entity_src_gen.pdbx_alt_source_flag               sample 
_entity_src_gen.pdbx_seq_type                      ? 
_entity_src_gen.pdbx_beg_seq_num                   ? 
_entity_src_gen.pdbx_end_seq_num                   ? 
_entity_src_gen.gene_src_common_name               ? 
_entity_src_gen.gene_src_genus                     ? 
_entity_src_gen.pdbx_gene_src_gene                 GL50803_12091 
_entity_src_gen.gene_src_species                   ? 
_entity_src_gen.gene_src_strain                    'ATCC 50803' 
_entity_src_gen.gene_src_tissue                    ? 
_entity_src_gen.gene_src_tissue_fraction           ? 
_entity_src_gen.gene_src_details                   ? 
_entity_src_gen.pdbx_gene_src_fragment             ? 
_entity_src_gen.pdbx_gene_src_scientific_name      'Giardia lamblia' 
_entity_src_gen.pdbx_gene_src_ncbi_taxonomy_id     184922 
_entity_src_gen.pdbx_gene_src_variant              ? 
_entity_src_gen.pdbx_gene_src_cell_line            ? 
_entity_src_gen.pdbx_gene_src_atcc                 ? 
_entity_src_gen.pdbx_gene_src_organ                ? 
_entity_src_gen.pdbx_gene_src_organelle            ? 
_entity_src_gen.pdbx_gene_src_cell                 ? 
_entity_src_gen.pdbx_gene_src_cellular_location    ? 
_entity_src_gen.host_org_common_name               ? 
_entity_src_gen.pdbx_host_org_scientific_name      'Escherichia coli' 
_entity_src_gen.pdbx_host_org_ncbi_taxonomy_id     562 
_entity_src_gen.host_org_genus                     ? 
_entity_src_gen.pdbx_host_org_gene                 ? 
_entity_src_gen.pdbx_host_org_organ                ? 
_entity_src_gen.host_org_species                   ? 
_entity_src_gen.pdbx_host_org_tissue               ? 
_entity_src_gen.pdbx_host_org_tissue_fraction      ? 
_entity_src_gen.pdbx_host_org_strain               'BL21(DE3)' 
_entity_src_gen.pdbx_host_org_variant              ? 
_entity_src_gen.pdbx_host_org_cell_line            ? 
_entity_src_gen.pdbx_host_org_atcc                 ? 
_entity_src_gen.pdbx_host_org_culture_collection   ? 
_entity_src_gen.pdbx_host_org_cell                 ? 
_entity_src_gen.pdbx_host_org_organelle            ? 
_entity_src_gen.pdbx_host_org_cellular_location    ? 
_entity_src_gen.pdbx_host_org_vector_type          PLASMID 
_entity_src_gen.pdbx_host_org_vector               ? 
_entity_src_gen.host_org_details                   ? 
_entity_src_gen.expression_system_id               ? 
_entity_src_gen.plasmid_name                       AVA0421 
_entity_src_gen.plasmid_details                    ? 
_entity_src_gen.pdbx_description                   ? 
# 
loop_
_chem_comp.id 
_chem_comp.type 
_chem_comp.mon_nstd_flag 
_chem_comp.name 
_chem_comp.pdbx_synonyms 
_chem_comp.formula 
_chem_comp.formula_weight 
ALA 'L-peptide linking' y ALANINE         ? 'C3 H7 N O2'     89.093  
ARG 'L-peptide linking' y ARGININE        ? 'C6 H15 N4 O2 1' 175.209 
ASN 'L-peptide linking' y ASPARAGINE      ? 'C4 H8 N2 O3'    132.118 
ASP 'L-peptide linking' y 'ASPARTIC ACID' ? 'C4 H7 N O4'     133.103 
CL  non-polymer         . 'CHLORIDE ION'  ? 'Cl -1'          35.453  
CYS 'L-peptide linking' y CYSTEINE        ? 'C3 H7 N O2 S'   121.158 
GLN 'L-peptide linking' y GLUTAMINE       ? 'C5 H10 N2 O3'   146.144 
GLU 'L-peptide linking' y 'GLUTAMIC ACID' ? 'C5 H9 N O4'     147.129 
GLY 'peptide linking'   y GLYCINE         ? 'C2 H5 N O2'     75.067  
HIS 'L-peptide linking' y HISTIDINE       ? 'C6 H10 N3 O2 1' 156.162 
HOH non-polymer         . WATER           ? 'H2 O'           18.015  
ILE 'L-peptide linking' y ISOLEUCINE      ? 'C6 H13 N O2'    131.173 
LEU 'L-peptide linking' y LEUCINE         ? 'C6 H13 N O2'    131.173 
LYS 'L-peptide linking' y LYSINE          ? 'C6 H15 N2 O2 1' 147.195 
MET 'L-peptide linking' y METHIONINE      ? 'C5 H11 N O2 S'  149.211 
PHE 'L-peptide linking' y PHENYLALANINE   ? 'C9 H11 N O2'    165.189 
PRO 'L-peptide linking' y PROLINE         ? 'C5 H9 N O2'     115.130 
SER 'L-peptide linking' y SERINE          ? 'C3 H7 N O3'     105.093 
SO4 non-polymer         . 'SULFATE ION'   ? 'O4 S -2'        96.063  
THR 'L-peptide linking' y THREONINE       ? 'C4 H9 N O3'     119.119 
TRP 'L-peptide linking' y TRYPTOPHAN      ? 'C11 H12 N2 O2'  204.225 
TYR 'L-peptide linking' y TYROSINE        ? 'C9 H11 N O3'    181.189 
VAL 'L-peptide linking' y VALINE          ? 'C5 H11 N O2'    117.146 
# 
loop_
_pdbx_poly_seq_scheme.asym_id 
_pdbx_poly_seq_scheme.entity_id 
_pdbx_poly_seq_scheme.seq_id 
_pdbx_poly_seq_scheme.mon_id 
_pdbx_poly_seq_scheme.ndb_seq_num 
_pdbx_poly_seq_scheme.pdb_seq_num 
_pdbx_poly_seq_scheme.auth_seq_num 
_pdbx_poly_seq_scheme.pdb_mon_id 
_pdbx_poly_seq_scheme.auth_mon_id 
_pdbx_poly_seq_scheme.pdb_strand_id 
_pdbx_poly_seq_scheme.pdb_ins_code 
_pdbx_poly_seq_scheme.hetero 
A 1 1   MET 1   -20 ?   ?   ?   A . n 
A 1 2   ALA 2   -19 ?   ?   ?   A . n 
A 1 3   HIS 3   -18 ?   ?   ?   A . n 
A 1 4   HIS 4   -17 ?   ?   ?   A . n 
A 1 5   HIS 5   -16 ?   ?   ?   A . n 
A 1 6   HIS 6   -15 ?   ?   ?   A . n 
A 1 7   HIS 7   -14 ?   ?   ?   A . n 
A 1 8   HIS 8   -13 ?   ?   ?   A . n 
A 1 9   MET 9   -12 ?   ?   ?   A . n 
A 1 10  GLY 10  -11 ?   ?   ?   A . n 
A 1 11  THR 11  -10 ?   ?   ?   A . n 
A 1 12  LEU 12  -9  ?   ?   ?   A . n 
A 1 13  GLU 13  -8  ?   ?   ?   A . n 
A 1 14  ALA 14  -7  ?   ?   ?   A . n 
A 1 15  GLN 15  -6  ?   ?   ?   A . n 
A 1 16  THR 16  -5  ?   ?   ?   A . n 
A 1 17  GLN 17  -4  ?   ?   ?   A . n 
A 1 18  GLY 18  -3  ?   ?   ?   A . n 
A 1 19  PRO 19  -2  ?   ?   ?   A . n 
A 1 20  GLY 20  -1  ?   ?   ?   A . n 
A 1 21  SER 21  0   0   SER SER A . n 
A 1 22  MET 22  1   1   MET MET A . n 
A 1 23  PRO 23  2   2   PRO PRO A . n 
A 1 24  CYS 24  3   3   CYS CYS A . n 
A 1 25  ALA 25  4   4   ALA ALA A . n 
A 1 26  ILE 26  5   5   ILE ILE A . n 
A 1 27  VAL 27  6   6   VAL VAL A . n 
A 1 28  THR 28  7   7   THR THR A . n 
A 1 29  THR 29  8   8   THR THR A . n 
A 1 30  ASN 30  9   9   ASN ASN A . n 
A 1 31  ALA 31  10  10  ALA ALA A . n 
A 1 32  ASP 32  11  11  ASP ASP A . n 
A 1 33  PHE 33  12  12  PHE PHE A . n 
A 1 34  THR 34  13  13  THR THR A . n 
A 1 35  LYS 35  14  14  LYS LYS A . n 
A 1 36  ASP 36  15  15  ASP ASP A . n 
A 1 37  GLN 37  16  16  GLN GLN A . n 
A 1 38  ALA 38  17  17  ALA ALA A . n 
A 1 39  ASP 39  18  18  ASP ASP A . n 
A 1 40  ALA 40  19  19  ALA ALA A . n 
A 1 41  PHE 41  20  20  PHE PHE A . n 
A 1 42  CYS 42  21  21  CYS CYS A . n 
A 1 43  LEU 43  22  22  LEU LEU A . n 
A 1 44  ASP 44  23  23  ASP ASP A . n 
A 1 45  MET 45  24  24  MET MET A . n 
A 1 46  GLY 46  25  25  GLY GLY A . n 
A 1 47  GLN 47  26  26  GLN GLN A . n 
A 1 48  VAL 48  27  27  VAL VAL A . n 
A 1 49  LEU 49  28  28  LEU LEU A . n 
A 1 50  ALA 50  29  29  ALA ALA A . n 
A 1 51  LYS 51  30  30  LYS LYS A . n 
A 1 52  GLU 52  31  31  GLU GLU A . n 
A 1 53  THR 53  32  32  THR THR A . n 
A 1 54  GLY 54  33  33  GLY GLY A . n 
A 1 55  LYS 55  34  34  LYS LYS A . n 
A 1 56  PRO 56  35  35  PRO PRO A . n 
A 1 57  VAL 57  36  36  VAL VAL A . n 
A 1 58  SER 58  37  37  SER SER A . n 
A 1 59  TYR 59  38  38  TYR TYR A . n 
A 1 60  CYS 60  39  39  CYS CYS A . n 
A 1 61  MET 61  40  40  MET MET A . n 
A 1 62  ALA 62  41  41  ALA ALA A . n 
A 1 63  GLY 63  42  42  GLY GLY A . n 
A 1 64  VAL 64  43  43  VAL VAL A . n 
A 1 65  ARG 65  44  44  ARG ARG A . n 
A 1 66  LYS 66  45  45  LYS LYS A . n 
A 1 67  ALA 67  46  46  ALA ALA A . n 
A 1 68  ASP 68  47  47  ASP ASP A . n 
A 1 69  MET 69  48  48  MET MET A . n 
A 1 70  SER 70  49  49  SER SER A . n 
A 1 71  PHE 71  50  50  PHE PHE A . n 
A 1 72  GLY 72  51  51  GLY GLY A . n 
A 1 73  THR 73  52  52  THR THR A . n 
A 1 74  SER 74  53  53  SER SER A . n 
A 1 75  THR 75  54  54  THR THR A . n 
A 1 76  ASP 76  55  55  ASP ASP A . n 
A 1 77  LEU 77  56  56  LEU LEU A . n 
A 1 78  CYS 78  57  57  CYS CYS A . n 
A 1 79  CYS 79  58  58  CYS CYS A . n 
A 1 80  PHE 80  59  59  PHE PHE A . n 
A 1 81  VAL 81  60  60  VAL VAL A . n 
A 1 82  ASP 82  61  61  ASP ASP A . n 
A 1 83  PHE 83  62  62  PHE PHE A . n 
A 1 84  TYR 84  63  63  TYR TYR A . n 
A 1 85  CYS 85  64  64  CYS CYS A . n 
A 1 86  ILE 86  65  65  ILE ILE A . n 
A 1 87  GLY 87  66  66  GLY GLY A . n 
A 1 88  VAL 88  67  ?   ?   ?   A . n 
A 1 89  ILE 89  68  ?   ?   ?   A . n 
A 1 90  SER 90  69  ?   ?   ?   A . n 
A 1 91  GLN 91  70  ?   ?   ?   A . n 
A 1 92  ALA 92  71  ?   ?   ?   A . n 
A 1 93  LYS 93  72  72  LYS LYS A . n 
A 1 94  ASN 94  73  73  ASN ASN A . n 
A 1 95  PRO 95  74  74  PRO PRO A . n 
A 1 96  SER 96  75  75  SER SER A . n 
A 1 97  ILE 97  76  76  ILE ILE A . n 
A 1 98  SER 98  77  77  SER SER A . n 
A 1 99  ALA 99  78  78  ALA ALA A . n 
A 1 100 ALA 100 79  79  ALA ALA A . n 
A 1 101 ILE 101 80  80  ILE ILE A . n 
A 1 102 THR 102 81  81  THR THR A . n 
A 1 103 GLY 103 82  82  GLY GLY A . n 
A 1 104 CYS 104 83  83  CYS CYS A . n 
A 1 105 LEU 105 84  84  LEU LEU A . n 
A 1 106 THR 106 85  85  THR THR A . n 
A 1 107 GLN 107 86  86  GLN GLN A . n 
A 1 108 HIS 108 87  87  HIS HIS A . n 
A 1 109 PHE 109 88  88  PHE PHE A . n 
A 1 110 LYS 110 89  89  LYS LYS A . n 
A 1 111 VAL 111 90  90  VAL VAL A . n 
A 1 112 LYS 112 91  91  LYS LYS A . n 
A 1 113 PRO 113 92  92  PRO PRO A . n 
A 1 114 GLU 114 93  93  GLU GLU A . n 
A 1 115 ARG 115 94  94  ARG ARG A . n 
A 1 116 VAL 116 95  95  VAL VAL A . n 
A 1 117 TYR 117 96  96  TYR TYR A . n 
A 1 118 ILE 118 97  97  ILE ILE A . n 
A 1 119 SER 119 98  98  SER SER A . n 
A 1 120 PHE 120 99  99  PHE PHE A . n 
A 1 121 ASN 121 100 100 ASN ASN A . n 
A 1 122 GLU 122 101 101 GLU GLU A . n 
A 1 123 ALA 123 102 ?   ?   ?   A . n 
A 1 124 LYS 124 103 ?   ?   ?   A . n 
A 1 125 GLY 125 104 ?   ?   ?   A . n 
A 1 126 HIS 126 105 ?   ?   ?   A . n 
A 1 127 ASN 127 106 ?   ?   ?   A . n 
A 1 128 TRP 128 107 ?   ?   ?   A . n 
A 1 129 GLY 129 108 ?   ?   ?   A . n 
A 1 130 PHE 130 109 ?   ?   ?   A . n 
A 1 131 ASN 131 110 ?   ?   ?   A . n 
A 1 132 GLY 132 111 ?   ?   ?   A . n 
A 1 133 SER 133 112 ?   ?   ?   A . n 
A 1 134 THR 134 113 ?   ?   ?   A . n 
A 1 135 PHE 135 114 ?   ?   ?   A . n 
# 
loop_
_pdbx_nonpoly_scheme.asym_id 
_pdbx_nonpoly_scheme.entity_id 
_pdbx_nonpoly_scheme.mon_id 
_pdbx_nonpoly_scheme.ndb_seq_num 
_pdbx_nonpoly_scheme.pdb_seq_num 
_pdbx_nonpoly_scheme.auth_seq_num 
_pdbx_nonpoly_scheme.pdb_mon_id 
_pdbx_nonpoly_scheme.auth_mon_id 
_pdbx_nonpoly_scheme.pdb_strand_id 
_pdbx_nonpoly_scheme.pdb_ins_code 
B 2 SO4 1  115 115 SO4 SO4 A . 
C 3 CL  1  116 116 CL  CL  A . 
D 4 HOH 1  117 117 HOH HOH A . 
D 4 HOH 2  118 118 HOH HOH A . 
D 4 HOH 3  119 119 HOH HOH A . 
D 4 HOH 4  120 120 HOH HOH A . 
D 4 HOH 5  121 121 HOH HOH A . 
D 4 HOH 6  122 122 HOH HOH A . 
D 4 HOH 7  123 123 HOH HOH A . 
D 4 HOH 8  124 124 HOH HOH A . 
D 4 HOH 9  125 125 HOH HOH A . 
D 4 HOH 10 126 126 HOH HOH A . 
# 
loop_
_pdbx_unobs_or_zero_occ_atoms.id 
_pdbx_unobs_or_zero_occ_atoms.PDB_model_num 
_pdbx_unobs_or_zero_occ_atoms.polymer_flag 
_pdbx_unobs_or_zero_occ_atoms.occupancy_flag 
_pdbx_unobs_or_zero_occ_atoms.auth_asym_id 
_pdbx_unobs_or_zero_occ_atoms.auth_comp_id 
_pdbx_unobs_or_zero_occ_atoms.auth_seq_id 
_pdbx_unobs_or_zero_occ_atoms.PDB_ins_code 
_pdbx_unobs_or_zero_occ_atoms.auth_atom_id 
_pdbx_unobs_or_zero_occ_atoms.label_alt_id 
_pdbx_unobs_or_zero_occ_atoms.label_asym_id 
_pdbx_unobs_or_zero_occ_atoms.label_comp_id 
_pdbx_unobs_or_zero_occ_atoms.label_seq_id 
_pdbx_unobs_or_zero_occ_atoms.label_atom_id 
1  1 Y 1 A ASP 11  ? CG  ? A ASP 32  CG  
2  1 Y 1 A ASP 11  ? OD1 ? A ASP 32  OD1 
3  1 Y 1 A ASP 11  ? OD2 ? A ASP 32  OD2 
4  1 Y 1 A LYS 14  ? CG  ? A LYS 35  CG  
5  1 Y 1 A LYS 14  ? CD  ? A LYS 35  CD  
6  1 Y 1 A LYS 14  ? CE  ? A LYS 35  CE  
7  1 Y 1 A LYS 14  ? NZ  ? A LYS 35  NZ  
8  1 Y 1 A GLN 26  ? CG  ? A GLN 47  CG  
9  1 Y 1 A GLN 26  ? CD  ? A GLN 47  CD  
10 1 Y 1 A GLN 26  ? OE1 ? A GLN 47  OE1 
11 1 Y 1 A GLN 26  ? NE2 ? A GLN 47  NE2 
12 1 Y 1 A LYS 30  ? CG  ? A LYS 51  CG  
13 1 Y 1 A LYS 30  ? CD  ? A LYS 51  CD  
14 1 Y 1 A LYS 30  ? CE  ? A LYS 51  CE  
15 1 Y 1 A LYS 30  ? NZ  ? A LYS 51  NZ  
16 1 Y 1 A GLU 31  ? CG  ? A GLU 52  CG  
17 1 Y 1 A GLU 31  ? CD  ? A GLU 52  CD  
18 1 Y 1 A GLU 31  ? OE1 ? A GLU 52  OE1 
19 1 Y 1 A GLU 31  ? OE2 ? A GLU 52  OE2 
20 1 Y 1 A LYS 34  ? CG  ? A LYS 55  CG  
21 1 Y 1 A LYS 34  ? CD  ? A LYS 55  CD  
22 1 Y 1 A LYS 34  ? CE  ? A LYS 55  CE  
23 1 Y 1 A LYS 34  ? NZ  ? A LYS 55  NZ  
24 1 Y 1 A CYS 64  ? SG  ? A CYS 85  SG  
25 1 Y 1 A ILE 65  ? CG1 ? A ILE 86  CG1 
26 1 Y 1 A ILE 65  ? CG2 ? A ILE 86  CG2 
27 1 Y 1 A ILE 65  ? CD1 ? A ILE 86  CD1 
28 1 Y 1 A LYS 72  ? CG  ? A LYS 93  CG  
29 1 Y 1 A LYS 72  ? CD  ? A LYS 93  CD  
30 1 Y 1 A LYS 72  ? CE  ? A LYS 93  CE  
31 1 Y 1 A LYS 72  ? NZ  ? A LYS 93  NZ  
32 1 Y 1 A SER 75  ? OG  ? A SER 96  OG  
33 1 Y 1 A ILE 76  ? CG1 ? A ILE 97  CG1 
34 1 Y 1 A ILE 76  ? CG2 ? A ILE 97  CG2 
35 1 Y 1 A ILE 76  ? CD1 ? A ILE 97  CD1 
36 1 Y 1 A GLN 86  ? CG  ? A GLN 107 CG  
37 1 Y 1 A GLN 86  ? CD  ? A GLN 107 CD  
38 1 Y 1 A GLN 86  ? OE1 ? A GLN 107 OE1 
39 1 Y 1 A GLN 86  ? NE2 ? A GLN 107 NE2 
40 1 Y 1 A LYS 89  ? CG  ? A LYS 110 CG  
41 1 Y 1 A LYS 89  ? CD  ? A LYS 110 CD  
42 1 Y 1 A LYS 89  ? CE  ? A LYS 110 CE  
43 1 Y 1 A LYS 89  ? NZ  ? A LYS 110 NZ  
44 1 Y 1 A GLU 101 ? CG  ? A GLU 122 CG  
45 1 Y 1 A GLU 101 ? CD  ? A GLU 122 CD  
46 1 Y 1 A GLU 101 ? OE1 ? A GLU 122 OE1 
47 1 Y 1 A GLU 101 ? OE2 ? A GLU 122 OE2 
# 
loop_
_software.name 
_software.classification 
_software.version 
_software.citation_id 
_software.pdbx_ordinal 
Blu-Ice 'data collection' .        ? 1 
PHASER  phasing           .        ? 2 
REFMAC  refinement        5.6.0117 ? 3 
XDS     'data reduction'  .        ? 4 
XSCALE  'data scaling'    .        ? 5 
# 
_cell.entry_id           3T5S 
_cell.length_a           95.550 
_cell.length_b           95.550 
_cell.length_c           95.550 
_cell.angle_alpha        90.00 
_cell.angle_beta         90.00 
_cell.angle_gamma        90.00 
_cell.Z_PDB              24 
_cell.pdbx_unique_axis   ? 
# 
_symmetry.entry_id                         3T5S 
_symmetry.space_group_name_H-M             'I 21 3' 
_symmetry.pdbx_full_space_group_name_H-M   ? 
_symmetry.cell_setting                     ? 
_symmetry.Int_Tables_number                199 
# 
_exptl.entry_id          3T5S 
_exptl.method            'X-RAY DIFFRACTION' 
_exptl.crystals_number   2 
# 
_exptl_crystal.id                    1 
_exptl_crystal.density_meas          ? 
_exptl_crystal.density_Matthews      2.57 
_exptl_crystal.density_percent_sol   52.00 
_exptl_crystal.description           ? 
_exptl_crystal.F_000                 ? 
_exptl_crystal.preparation           ? 
# 
_exptl_crystal_grow.crystal_id      1 
_exptl_crystal_grow.method          'VAPOR DIFFUSION, SITTING DROP' 
_exptl_crystal_grow.temp            290 
_exptl_crystal_grow.temp_details    ? 
_exptl_crystal_grow.pH              4.5 
_exptl_crystal_grow.pdbx_details    
;EMERALD BIOSYSTEMS PRECIPITANT SYNERGY 15: 2 M LITHIUM SULFATE, 5% ISOPROPANOL, 0.1 M ACETATE PH 4.5, 0.1 M MGSO4; GILAA.00834.A.A1 AT 4 MG/ML, PH 6.5, VAPOR DIFFUSION, SITTING DROP, TEMPERATURE 290K
;
_exptl_crystal_grow.pdbx_pH_range   ? 
# 
loop_
_diffrn.id 
_diffrn.ambient_temp 
_diffrn.ambient_temp_details 
_diffrn.crystal_id 
1 100 ? 1 
2 100 ? 1 
# 
loop_
_diffrn_detector.diffrn_id 
_diffrn_detector.detector 
_diffrn_detector.type 
_diffrn_detector.pdbx_collection_date 
_diffrn_detector.details 
1 CCD 'ADSC QUANTUM 315r'    2011-04-15 ? 
2 CCD 'MARMOSAIC 300 mm CCD' 2011-06-30 ? 
# 
loop_
_diffrn_radiation.diffrn_id 
_diffrn_radiation.wavelength_id 
_diffrn_radiation.pdbx_monochromatic_or_laue_m_l 
_diffrn_radiation.monochromator 
_diffrn_radiation.pdbx_diffrn_protocol 
_diffrn_radiation.pdbx_scattering_type 
1 1 M 'Cryogenically cooled double crystal monochromator with horizontal focusing sagittal bend second mono crystal' 
'SINGLE WAVELENGTH' x-ray 
2 1 M 'double crystal monochromator'                                                                                 
'SINGLE WAVELENGTH' x-ray 
# 
loop_
_diffrn_radiation_wavelength.id 
_diffrn_radiation_wavelength.wavelength 
_diffrn_radiation_wavelength.wt 
1 1.54    1.0 
2 0.97934 1.0 
# 
loop_
_diffrn_source.diffrn_id 
_diffrn_source.source 
_diffrn_source.type 
_diffrn_source.pdbx_synchrotron_site 
_diffrn_source.pdbx_synchrotron_beamline 
_diffrn_source.pdbx_wavelength 
_diffrn_source.pdbx_wavelength_list 
1 SYNCHROTRON 'NSLS BEAMLINE X29A'   NSLS X29A    ? 1.54    
2 SYNCHROTRON 'APS BEAMLINE 23-ID-D' APS  23-ID-D ? 0.97934 
# 
_reflns.entry_id                     3T5S 
_reflns.observed_criterion_sigma_I   -3.000 
_reflns.observed_criterion_sigma_F   0 
_reflns.d_resolution_low             50 
_reflns.d_resolution_high            2.300 
_reflns.number_obs                   6594 
_reflns.number_all                   6597 
_reflns.percent_possible_obs         100.0 
_reflns.pdbx_Rmerge_I_obs            0.03200 
_reflns.pdbx_Rsym_value              ? 
_reflns.pdbx_netI_over_sigmaI        33.8600 
_reflns.B_iso_Wilson_estimate        70.32 
_reflns.pdbx_redundancy              7.2 
_reflns.R_free_details               ? 
_reflns.limit_h_max                  ? 
_reflns.limit_h_min                  ? 
_reflns.limit_k_max                  ? 
_reflns.limit_k_min                  ? 
_reflns.limit_l_max                  ? 
_reflns.limit_l_min                  ? 
_reflns.observed_criterion_F_max     ? 
_reflns.observed_criterion_F_min     ? 
_reflns.pdbx_chi_squared             ? 
_reflns.pdbx_scaling_rejects         ? 
_reflns.pdbx_ordinal                 1 
_reflns.pdbx_diffrn_id               1,2 
# 
_reflns_shell.d_res_high             2.30 
_reflns_shell.d_res_low              2.36 
_reflns_shell.percent_possible_all   100.0 
_reflns_shell.Rmerge_I_obs           0.44100 
_reflns_shell.pdbx_Rsym_value        ? 
_reflns_shell.meanI_over_sigI_obs    4.400 
_reflns_shell.pdbx_redundancy        7.4 
_reflns_shell.percent_possible_obs   ? 
_reflns_shell.number_unique_all      494 
_reflns_shell.number_measured_all    ? 
_reflns_shell.number_measured_obs    ? 
_reflns_shell.number_unique_obs      ? 
_reflns_shell.pdbx_chi_squared       ? 
_reflns_shell.pdbx_ordinal           1 
_reflns_shell.pdbx_diffrn_id         1,2 
# 
_refine.entry_id                                 3T5S 
_refine.ls_number_reflns_obs                     6569 
_refine.ls_number_reflns_all                     6597 
_refine.pdbx_ls_sigma_I                          ? 
_refine.pdbx_ls_sigma_F                          0.000 
_refine.pdbx_data_cutoff_high_absF               ? 
_refine.pdbx_data_cutoff_low_absF                ? 
_refine.pdbx_data_cutoff_high_rms_absF           ? 
_refine.ls_d_res_low                             39.01 
_refine.ls_d_res_high                            2.30 
_refine.ls_percent_reflns_obs                    99.8 
_refine.ls_R_factor_obs                          0.223 
_refine.ls_R_factor_all                          0.223 
_refine.ls_R_factor_R_work                       0.221 
_refine.ls_R_factor_R_free                       0.268 
_refine.ls_R_factor_R_free_error                 ? 
_refine.ls_R_factor_R_free_error_details         ? 
_refine.ls_percent_reflns_R_free                 4.500 
_refine.ls_number_reflns_R_free                  298 
_refine.ls_number_parameters                     ? 
_refine.ls_number_restraints                     ? 
_refine.occupancy_min                            ? 
_refine.occupancy_max                            ? 
_refine.correlation_coeff_Fo_to_Fc               0.954 
_refine.correlation_coeff_Fo_to_Fc_free          0.928 
_refine.B_iso_mean                               53.32 
_refine.aniso_B[1][1]                            ? 
_refine.aniso_B[2][2]                            ? 
_refine.aniso_B[3][3]                            ? 
_refine.aniso_B[1][2]                            ? 
_refine.aniso_B[1][3]                            ? 
_refine.aniso_B[2][3]                            ? 
_refine.solvent_model_details                    MASK 
_refine.solvent_model_param_ksol                 ? 
_refine.solvent_model_param_bsol                 ? 
_refine.pdbx_solvent_vdw_probe_radii             1.20 
_refine.pdbx_solvent_ion_probe_radii             0.80 
_refine.pdbx_solvent_shrinkage_radii             0.80 
_refine.pdbx_ls_cross_valid_method               THROUGHOUT 
_refine.details                                  'HYDROGENS HAVE BEEN ADDED IN THE' 
_refine.pdbx_starting_model                      ? 
_refine.pdbx_method_to_determine_struct          SAD 
_refine.pdbx_isotropic_thermal_model             'isotropic, TLS' 
_refine.pdbx_stereochemistry_target_values       'MAXIMUM LIKELIHOOD' 
_refine.pdbx_stereochem_target_val_spec_case     ? 
_refine.pdbx_R_Free_selection_details            RANDOM 
_refine.pdbx_overall_ESU_R_Free                  0.209 
_refine.overall_SU_ML                            0.169 
_refine.pdbx_overall_phase_error                 ? 
_refine.overall_SU_B                             14.714 
_refine.overall_SU_R_Cruickshank_DPI             ? 
_refine.ls_redundancy_reflns_obs                 ? 
_refine.B_iso_min                                ? 
_refine.B_iso_max                                ? 
_refine.overall_SU_R_free                        ? 
_refine.ls_wR_factor_R_free                      ? 
_refine.ls_wR_factor_R_work                      ? 
_refine.overall_FOM_free_R_set                   ? 
_refine.overall_FOM_work_R_set                   ? 
_refine.pdbx_diffrn_id                           1,2 
_refine.pdbx_refine_id                           'X-RAY DIFFRACTION' 
_refine.pdbx_overall_ESU_R                       ? 
_refine.pdbx_TLS_residual_ADP_flag               ? 
_refine.pdbx_overall_SU_R_free_Cruickshank_DPI   ? 
_refine.pdbx_overall_SU_R_Blow_DPI               ? 
_refine.pdbx_overall_SU_R_free_Blow_DPI          ? 
# 
_refine_hist.pdbx_refine_id                   'X-RAY DIFFRACTION' 
_refine_hist.cycle_id                         LAST 
_refine_hist.pdbx_number_atoms_protein        685 
_refine_hist.pdbx_number_atoms_nucleic_acid   0 
_refine_hist.pdbx_number_atoms_ligand         6 
_refine_hist.number_atoms_solvent             10 
_refine_hist.number_atoms_total               701 
_refine_hist.d_res_high                       2.30 
_refine_hist.d_res_low                        39.01 
# 
loop_
_refine_ls_restr.type 
_refine_ls_restr.dev_ideal 
_refine_ls_restr.dev_ideal_target 
_refine_ls_restr.weight 
_refine_ls_restr.number 
_refine_ls_restr.pdbx_restraint_function 
_refine_ls_restr.pdbx_refine_id 
r_bond_refined_d       0.012  0.020  ? 702  ? 'X-RAY DIFFRACTION' 
r_bond_other_d         0.001  0.020  ? 430  ? 'X-RAY DIFFRACTION' 
r_angle_refined_deg    1.631  1.951  ? 956  ? 'X-RAY DIFFRACTION' 
r_angle_other_deg      0.906  3.000  ? 1051 ? 'X-RAY DIFFRACTION' 
r_dihedral_angle_1_deg 6.439  5.000  ? 95   ? 'X-RAY DIFFRACTION' 
r_dihedral_angle_2_deg 33.847 23.750 ? 24   ? 'X-RAY DIFFRACTION' 
r_dihedral_angle_3_deg 15.066 15.000 ? 91   ? 'X-RAY DIFFRACTION' 
r_dihedral_angle_4_deg 13.817 15.000 ? 2    ? 'X-RAY DIFFRACTION' 
r_chiral_restr         0.084  0.200  ? 114  ? 'X-RAY DIFFRACTION' 
r_gen_planes_refined   0.007  0.021  ? 802  ? 'X-RAY DIFFRACTION' 
r_gen_planes_other     0.001  0.020  ? 148  ? 'X-RAY DIFFRACTION' 
# 
_refine_ls_shell.pdbx_total_number_of_bins_used   20 
_refine_ls_shell.d_res_high                       2.30 
_refine_ls_shell.d_res_low                        2.36 
_refine_ls_shell.number_reflns_R_work             422 
_refine_ls_shell.R_factor_R_work                  0.4440 
_refine_ls_shell.percent_reflns_obs               99.55 
_refine_ls_shell.R_factor_R_free                  0.3650 
_refine_ls_shell.R_factor_R_free_error            ? 
_refine_ls_shell.percent_reflns_R_free            ? 
_refine_ls_shell.number_reflns_R_free             23 
_refine_ls_shell.number_reflns_all                ? 
_refine_ls_shell.R_factor_all                     ? 
_refine_ls_shell.number_reflns_obs                494 
_refine_ls_shell.redundancy_reflns_obs            ? 
_refine_ls_shell.pdbx_refine_id                   'X-RAY DIFFRACTION' 
# 
_struct.entry_id                  3T5S 
_struct.title                     'Structure of macrophage migration inhibitory factor from Giardia lamblia' 
_struct.pdbx_model_details        ? 
_struct.pdbx_CASP_flag            ? 
_struct.pdbx_model_type_details   ? 
# 
_struct_keywords.entry_id        3T5S 
_struct_keywords.pdbx_keywords   'IMMUNE SYSTEM' 
_struct_keywords.text            
'SSGCID, Structural Genomics, Seattle Structural Genomics Center for Infectious Disease, IMMUNE SYSTEM' 
# 
loop_
_struct_asym.id 
_struct_asym.pdbx_blank_PDB_chainid_flag 
_struct_asym.pdbx_modified 
_struct_asym.entity_id 
_struct_asym.details 
A N N 1 ? 
B N N 2 ? 
C N N 3 ? 
D N N 4 ? 
# 
_struct_ref.id                         1 
_struct_ref.db_name                    UNP 
_struct_ref.db_code                    A8BFP4_GIAIC 
_struct_ref.pdbx_db_accession          A8BFP4 
_struct_ref.entity_id                  1 
_struct_ref.pdbx_seq_one_letter_code   
;MPCAIVTTNADFTKDQADAFCLDMGQVLAKETGKPVSYCMAGVRKADMSFGTSTDLCCFVDFYCIGVISQAKNPSISAAI
TGCLTQHFKVKPERVYISFNEAKGHNWGFNGSTF
;
_struct_ref.pdbx_align_begin           1 
_struct_ref.pdbx_db_isoform            ? 
# 
_struct_ref_seq.align_id                      1 
_struct_ref_seq.ref_id                        1 
_struct_ref_seq.pdbx_PDB_id_code              3T5S 
_struct_ref_seq.pdbx_strand_id                A 
_struct_ref_seq.seq_align_beg                 22 
_struct_ref_seq.pdbx_seq_align_beg_ins_code   ? 
_struct_ref_seq.seq_align_end                 135 
_struct_ref_seq.pdbx_seq_align_end_ins_code   ? 
_struct_ref_seq.pdbx_db_accession             A8BFP4 
_struct_ref_seq.db_align_beg                  1 
_struct_ref_seq.pdbx_db_align_beg_ins_code    ? 
_struct_ref_seq.db_align_end                  114 
_struct_ref_seq.pdbx_db_align_end_ins_code    ? 
_struct_ref_seq.pdbx_auth_seq_align_beg       1 
_struct_ref_seq.pdbx_auth_seq_align_end       114 
# 
loop_
_struct_ref_seq_dif.align_id 
_struct_ref_seq_dif.pdbx_pdb_id_code 
_struct_ref_seq_dif.mon_id 
_struct_ref_seq_dif.pdbx_pdb_strand_id 
_struct_ref_seq_dif.seq_num 
_struct_ref_seq_dif.pdbx_pdb_ins_code 
_struct_ref_seq_dif.pdbx_seq_db_name 
_struct_ref_seq_dif.pdbx_seq_db_accession_code 
_struct_ref_seq_dif.db_mon_id 
_struct_ref_seq_dif.pdbx_seq_db_seq_num 
_struct_ref_seq_dif.details 
_struct_ref_seq_dif.pdbx_auth_seq_num 
_struct_ref_seq_dif.pdbx_ordinal 
1 3T5S MET A 1  ? UNP A8BFP4 ? ? 'expression tag' -20 1  
1 3T5S ALA A 2  ? UNP A8BFP4 ? ? 'expression tag' -19 2  
1 3T5S HIS A 3  ? UNP A8BFP4 ? ? 'expression tag' -18 3  
1 3T5S HIS A 4  ? UNP A8BFP4 ? ? 'expression tag' -17 4  
1 3T5S HIS A 5  ? UNP A8BFP4 ? ? 'expression tag' -16 5  
1 3T5S HIS A 6  ? UNP A8BFP4 ? ? 'expression tag' -15 6  
1 3T5S HIS A 7  ? UNP A8BFP4 ? ? 'expression tag' -14 7  
1 3T5S HIS A 8  ? UNP A8BFP4 ? ? 'expression tag' -13 8  
1 3T5S MET A 9  ? UNP A8BFP4 ? ? 'expression tag' -12 9  
1 3T5S GLY A 10 ? UNP A8BFP4 ? ? 'expression tag' -11 10 
1 3T5S THR A 11 ? UNP A8BFP4 ? ? 'expression tag' -10 11 
1 3T5S LEU A 12 ? UNP A8BFP4 ? ? 'expression tag' -9  12 
1 3T5S GLU A 13 ? UNP A8BFP4 ? ? 'expression tag' -8  13 
1 3T5S ALA A 14 ? UNP A8BFP4 ? ? 'expression tag' -7  14 
1 3T5S GLN A 15 ? UNP A8BFP4 ? ? 'expression tag' -6  15 
1 3T5S THR A 16 ? UNP A8BFP4 ? ? 'expression tag' -5  16 
1 3T5S GLN A 17 ? UNP A8BFP4 ? ? 'expression tag' -4  17 
1 3T5S GLY A 18 ? UNP A8BFP4 ? ? 'expression tag' -3  18 
1 3T5S PRO A 19 ? UNP A8BFP4 ? ? 'expression tag' -2  19 
1 3T5S GLY A 20 ? UNP A8BFP4 ? ? 'expression tag' -1  20 
1 3T5S SER A 21 ? UNP A8BFP4 ? ? 'expression tag' 0   21 
# 
_pdbx_struct_assembly.id                   1 
_pdbx_struct_assembly.details              author_and_software_defined_assembly 
_pdbx_struct_assembly.method_details       PISA 
_pdbx_struct_assembly.oligomeric_details   trimeric 
_pdbx_struct_assembly.oligomeric_count     3 
# 
loop_
_pdbx_struct_assembly_prop.biol_id 
_pdbx_struct_assembly_prop.type 
_pdbx_struct_assembly_prop.value 
_pdbx_struct_assembly_prop.details 
1 'ABSA (A^2)' 5180  ? 
1 MORE         -87   ? 
1 'SSA (A^2)'  12000 ? 
# 
_pdbx_struct_assembly_gen.assembly_id       1 
_pdbx_struct_assembly_gen.oper_expression   1,2,3 
_pdbx_struct_assembly_gen.asym_id_list      A,B,C,D 
# 
loop_
_pdbx_struct_oper_list.id 
_pdbx_struct_oper_list.type 
_pdbx_struct_oper_list.name 
_pdbx_struct_oper_list.symmetry_operation 
_pdbx_struct_oper_list.matrix[1][1] 
_pdbx_struct_oper_list.matrix[1][2] 
_pdbx_struct_oper_list.matrix[1][3] 
_pdbx_struct_oper_list.vector[1] 
_pdbx_struct_oper_list.matrix[2][1] 
_pdbx_struct_oper_list.matrix[2][2] 
_pdbx_struct_oper_list.matrix[2][3] 
_pdbx_struct_oper_list.vector[2] 
_pdbx_struct_oper_list.matrix[3][1] 
_pdbx_struct_oper_list.matrix[3][2] 
_pdbx_struct_oper_list.matrix[3][3] 
_pdbx_struct_oper_list.vector[3] 
1 'identity operation'         1_555  x,y,z           1.0000000000 0.0000000000  0.0000000000  0.0000000000 0.0000000000  1.0000000000  0.0000000000  0.0000000000   0.0000000000  0.0000000000  1.0000000000  0.0000000000  
2 'crystal symmetry operation' 8_555  -z,x+1/2,-y+1/2 0.8409345302 0.1667704421  -0.5147977619 7.0365054614 -0.3817686323 -0.4913820883 -0.7828131033 6.6868554037   -0.3835124866 0.8548282067  -0.3495524419 19.4067968272 
3 'crystal symmetry operation' 11_455 y-1/2,-z+1/2,-x 0.8409345302 -0.3817686323 -0.3835124866 4.0783401361 0.1667704421  -0.4913820883 0.8548282067  -14.4771574845 -0.5147977619 -0.7828131033 -0.3495524419 15.6406285134  
# 
_struct_biol.id        1 
_struct_biol.details   ? 
# 
loop_
_struct_conf.conf_type_id 
_struct_conf.id 
_struct_conf.pdbx_PDB_helix_id 
_struct_conf.beg_label_comp_id 
_struct_conf.beg_label_asym_id 
_struct_conf.beg_label_seq_id 
_struct_conf.pdbx_beg_PDB_ins_code 
_struct_conf.end_label_comp_id 
_struct_conf.end_label_asym_id 
_struct_conf.end_label_seq_id 
_struct_conf.pdbx_end_PDB_ins_code 
_struct_conf.beg_auth_comp_id 
_struct_conf.beg_auth_asym_id 
_struct_conf.beg_auth_seq_id 
_struct_conf.end_auth_comp_id 
_struct_conf.end_auth_asym_id 
_struct_conf.end_auth_seq_id 
_struct_conf.pdbx_PDB_helix_class 
_struct_conf.details 
_struct_conf.pdbx_PDB_helix_length 
HELX_P HELX_P1 1 THR A 34  ? GLY A 54  ? THR A 13 GLY A 33 1 ? 21 
HELX_P HELX_P2 2 PRO A 56  ? CYS A 60  ? PRO A 35 CYS A 39 5 ? 5  
HELX_P HELX_P3 3 ASN A 94  ? LYS A 110 ? ASN A 73 LYS A 89 1 ? 17 
HELX_P HELX_P4 4 LYS A 112 ? GLU A 114 ? LYS A 91 GLU A 93 5 ? 3  
# 
_struct_conf_type.id          HELX_P 
_struct_conf_type.criteria    ? 
_struct_conf_type.reference   ? 
# 
_struct_sheet.id               A 
_struct_sheet.type             ? 
_struct_sheet.number_strands   4 
_struct_sheet.details          ? 
# 
loop_
_struct_sheet_order.sheet_id 
_struct_sheet_order.range_id_1 
_struct_sheet_order.range_id_2 
_struct_sheet_order.offset 
_struct_sheet_order.sense 
A 1 2 ? parallel      
A 2 3 ? anti-parallel 
A 3 4 ? parallel      
# 
loop_
_struct_sheet_range.sheet_id 
_struct_sheet_range.id 
_struct_sheet_range.beg_label_comp_id 
_struct_sheet_range.beg_label_asym_id 
_struct_sheet_range.beg_label_seq_id 
_struct_sheet_range.pdbx_beg_PDB_ins_code 
_struct_sheet_range.end_label_comp_id 
_struct_sheet_range.end_label_asym_id 
_struct_sheet_range.end_label_seq_id 
_struct_sheet_range.pdbx_end_PDB_ins_code 
_struct_sheet_range.beg_auth_comp_id 
_struct_sheet_range.beg_auth_asym_id 
_struct_sheet_range.beg_auth_seq_id 
_struct_sheet_range.end_auth_comp_id 
_struct_sheet_range.end_auth_asym_id 
_struct_sheet_range.end_auth_seq_id 
A 1 MET A 61  ? LYS A 66  ? MET A 40 LYS A 45  
A 2 CYS A 24  ? THR A 29  ? CYS A 3  THR A 8   
A 3 CYS A 79  ? TYR A 84  ? CYS A 58 TYR A 63  
A 4 VAL A 116 ? ASN A 121 ? VAL A 95 ASN A 100 
# 
loop_
_pdbx_struct_sheet_hbond.sheet_id 
_pdbx_struct_sheet_hbond.range_id_1 
_pdbx_struct_sheet_hbond.range_id_2 
_pdbx_struct_sheet_hbond.range_1_label_atom_id 
_pdbx_struct_sheet_hbond.range_1_label_comp_id 
_pdbx_struct_sheet_hbond.range_1_label_asym_id 
_pdbx_struct_sheet_hbond.range_1_label_seq_id 
_pdbx_struct_sheet_hbond.range_1_PDB_ins_code 
_pdbx_struct_sheet_hbond.range_1_auth_atom_id 
_pdbx_struct_sheet_hbond.range_1_auth_comp_id 
_pdbx_struct_sheet_hbond.range_1_auth_asym_id 
_pdbx_struct_sheet_hbond.range_1_auth_seq_id 
_pdbx_struct_sheet_hbond.range_2_label_atom_id 
_pdbx_struct_sheet_hbond.range_2_label_comp_id 
_pdbx_struct_sheet_hbond.range_2_label_asym_id 
_pdbx_struct_sheet_hbond.range_2_label_seq_id 
_pdbx_struct_sheet_hbond.range_2_PDB_ins_code 
_pdbx_struct_sheet_hbond.range_2_auth_atom_id 
_pdbx_struct_sheet_hbond.range_2_auth_comp_id 
_pdbx_struct_sheet_hbond.range_2_auth_asym_id 
_pdbx_struct_sheet_hbond.range_2_auth_seq_id 
A 1 2 O GLY A 63 ? O GLY A 42 N VAL A 27  ? N VAL A 6  
A 2 3 N THR A 28 ? N THR A 7  O PHE A 80  ? O PHE A 59 
A 3 4 N VAL A 81 ? N VAL A 60 O SER A 119 ? O SER A 98 
# 
loop_
_struct_site.id 
_struct_site.pdbx_evidence_code 
_struct_site.pdbx_auth_asym_id 
_struct_site.pdbx_auth_comp_id 
_struct_site.pdbx_auth_seq_id 
_struct_site.pdbx_auth_ins_code 
_struct_site.pdbx_num_residues 
_struct_site.details 
AC1 Software A SO4 115 ? 2 'BINDING SITE FOR RESIDUE SO4 A 115' 
AC2 Software A CL  116 ? 1 'BINDING SITE FOR RESIDUE CL A 116'  
# 
loop_
_struct_site_gen.id 
_struct_site_gen.site_id 
_struct_site_gen.pdbx_num_res 
_struct_site_gen.label_comp_id 
_struct_site_gen.label_asym_id 
_struct_site_gen.label_seq_id 
_struct_site_gen.pdbx_auth_ins_code 
_struct_site_gen.auth_comp_id 
_struct_site_gen.auth_asym_id 
_struct_site_gen.auth_seq_id 
_struct_site_gen.label_atom_id 
_struct_site_gen.label_alt_id 
_struct_site_gen.symmetry 
_struct_site_gen.details 
1 AC1 2 THR A 34  ? THR A 13 . ? 1_555 ? 
2 AC1 2 LYS A 35  ? LYS A 14 . ? 1_555 ? 
3 AC2 1 HIS A 108 ? HIS A 87 . ? 1_555 ? 
# 
_pdbx_SG_project.id                    1 
_pdbx_SG_project.project_name          ? 
_pdbx_SG_project.full_name_of_center   'Seattle Structural Genomics Center for Infectious Disease' 
_pdbx_SG_project.initial_of_center     SSGCID 
# 
_pdbx_struct_special_symmetry.id              1 
_pdbx_struct_special_symmetry.PDB_model_num   1 
_pdbx_struct_special_symmetry.auth_asym_id    A 
_pdbx_struct_special_symmetry.auth_comp_id    HOH 
_pdbx_struct_special_symmetry.auth_seq_id     123 
_pdbx_struct_special_symmetry.PDB_ins_code    ? 
_pdbx_struct_special_symmetry.label_asym_id   D 
_pdbx_struct_special_symmetry.label_comp_id   HOH 
_pdbx_struct_special_symmetry.label_seq_id    . 
# 
loop_
_pdbx_refine_tls.pdbx_refine_id 
_pdbx_refine_tls.id 
_pdbx_refine_tls.details 
_pdbx_refine_tls.method 
_pdbx_refine_tls.origin_x 
_pdbx_refine_tls.origin_y 
_pdbx_refine_tls.origin_z 
_pdbx_refine_tls.T[1][1] 
_pdbx_refine_tls.T[2][2] 
_pdbx_refine_tls.T[3][3] 
_pdbx_refine_tls.T[1][2] 
_pdbx_refine_tls.T[1][3] 
_pdbx_refine_tls.T[2][3] 
_pdbx_refine_tls.L[1][1] 
_pdbx_refine_tls.L[2][2] 
_pdbx_refine_tls.L[3][3] 
_pdbx_refine_tls.L[1][2] 
_pdbx_refine_tls.L[1][3] 
_pdbx_refine_tls.L[2][3] 
_pdbx_refine_tls.S[1][1] 
_pdbx_refine_tls.S[1][2] 
_pdbx_refine_tls.S[1][3] 
_pdbx_refine_tls.S[2][1] 
_pdbx_refine_tls.S[2][2] 
_pdbx_refine_tls.S[2][3] 
_pdbx_refine_tls.S[3][1] 
_pdbx_refine_tls.S[3][2] 
_pdbx_refine_tls.S[3][3] 
'X-RAY DIFFRACTION' 1 ? refined -1.0260 -1.8878 1.8097  0.3853 0.3482 0.2826 -0.1017 0.0508 0.0352 0.9253 3.3964 3.2383 1.1784 1.4186 1.1213 -0.2562 0.3271 0.0883 -0.3886 0.1583 -0.2297 -0.0457 0.3975 0.0978 
'X-RAY DIFFRACTION' 2 ? refined 2.1094  5.2080  -2.4469 0.4886 0.4760 0.2474 -0.2354 0.0566 0.1442 5.4911 3.5776 4.1535 2.8942 1.1946 1.8025 -0.4991 0.6784 0.2780 -0.8915 0.3161 -0.0621 -0.8204 0.6097 0.1830 
# 
loop_
_pdbx_refine_tls_group.pdbx_refine_id 
_pdbx_refine_tls_group.id 
_pdbx_refine_tls_group.refine_tls_id 
_pdbx_refine_tls_group.beg_auth_asym_id 
_pdbx_refine_tls_group.beg_auth_seq_id 
_pdbx_refine_tls_group.beg_label_asym_id 
_pdbx_refine_tls_group.beg_label_seq_id 
_pdbx_refine_tls_group.end_auth_asym_id 
_pdbx_refine_tls_group.end_auth_seq_id 
_pdbx_refine_tls_group.end_label_asym_id 
_pdbx_refine_tls_group.end_label_seq_id 
_pdbx_refine_tls_group.selection 
_pdbx_refine_tls_group.selection_details 
'X-RAY DIFFRACTION' 1 1 A 0  ? ? A 66  ? ? ? ? 
'X-RAY DIFFRACTION' 2 2 A 72 ? ? A 101 ? ? ? ? 
# 
loop_
_pdbx_unobs_or_zero_occ_residues.id 
_pdbx_unobs_or_zero_occ_residues.PDB_model_num 
_pdbx_unobs_or_zero_occ_residues.polymer_flag 
_pdbx_unobs_or_zero_occ_residues.occupancy_flag 
_pdbx_unobs_or_zero_occ_residues.auth_asym_id 
_pdbx_unobs_or_zero_occ_residues.auth_comp_id 
_pdbx_unobs_or_zero_occ_residues.auth_seq_id 
_pdbx_unobs_or_zero_occ_residues.PDB_ins_code 
_pdbx_unobs_or_zero_occ_residues.label_asym_id 
_pdbx_unobs_or_zero_occ_residues.label_comp_id 
_pdbx_unobs_or_zero_occ_residues.label_seq_id 
1  1 Y 1 A MET -20 ? A MET 1   
2  1 Y 1 A ALA -19 ? A ALA 2   
3  1 Y 1 A HIS -18 ? A HIS 3   
4  1 Y 1 A HIS -17 ? A HIS 4   
5  1 Y 1 A HIS -16 ? A HIS 5   
6  1 Y 1 A HIS -15 ? A HIS 6   
7  1 Y 1 A HIS -14 ? A HIS 7   
8  1 Y 1 A HIS -13 ? A HIS 8   
9  1 Y 1 A MET -12 ? A MET 9   
10 1 Y 1 A GLY -11 ? A GLY 10  
11 1 Y 1 A THR -10 ? A THR 11  
12 1 Y 1 A LEU -9  ? A LEU 12  
13 1 Y 1 A GLU -8  ? A GLU 13  
14 1 Y 1 A ALA -7  ? A ALA 14  
15 1 Y 1 A GLN -6  ? A GLN 15  
16 1 Y 1 A THR -5  ? A THR 16  
17 1 Y 1 A GLN -4  ? A GLN 17  
18 1 Y 1 A GLY -3  ? A GLY 18  
19 1 Y 1 A PRO -2  ? A PRO 19  
20 1 Y 1 A GLY -1  ? A GLY 20  
21 1 Y 1 A VAL 67  ? A VAL 88  
22 1 Y 1 A ILE 68  ? A ILE 89  
23 1 Y 1 A SER 69  ? A SER 90  
24 1 Y 1 A GLN 70  ? A GLN 91  
25 1 Y 1 A ALA 71  ? A ALA 92  
26 1 Y 1 A ALA 102 ? A ALA 123 
27 1 Y 1 A LYS 103 ? A LYS 124 
28 1 Y 1 A GLY 104 ? A GLY 125 
29 1 Y 1 A HIS 105 ? A HIS 126 
30 1 Y 1 A ASN 106 ? A ASN 127 
31 1 Y 1 A TRP 107 ? A TRP 128 
32 1 Y 1 A GLY 108 ? A GLY 129 
33 1 Y 1 A PHE 109 ? A PHE 130 
34 1 Y 1 A ASN 110 ? A ASN 131 
35 1 Y 1 A GLY 111 ? A GLY 132 
36 1 Y 1 A SER 112 ? A SER 133 
37 1 Y 1 A THR 113 ? A THR 134 
38 1 Y 1 A PHE 114 ? A PHE 135 
# 
loop_
_chem_comp_atom.comp_id 
_chem_comp_atom.atom_id 
_chem_comp_atom.type_symbol 
_chem_comp_atom.pdbx_aromatic_flag 
_chem_comp_atom.pdbx_stereo_config 
_chem_comp_atom.pdbx_ordinal 
ALA N    N  N N 1   
ALA CA   C  N S 2   
ALA C    C  N N 3   
ALA O    O  N N 4   
ALA CB   C  N N 5   
ALA OXT  O  N N 6   
ALA H    H  N N 7   
ALA H2   H  N N 8   
ALA HA   H  N N 9   
ALA HB1  H  N N 10  
ALA HB2  H  N N 11  
ALA HB3  H  N N 12  
ALA HXT  H  N N 13  
ARG N    N  N N 14  
ARG CA   C  N S 15  
ARG C    C  N N 16  
ARG O    O  N N 17  
ARG CB   C  N N 18  
ARG CG   C  N N 19  
ARG CD   C  N N 20  
ARG NE   N  N N 21  
ARG CZ   C  N N 22  
ARG NH1  N  N N 23  
ARG NH2  N  N N 24  
ARG OXT  O  N N 25  
ARG H    H  N N 26  
ARG H2   H  N N 27  
ARG HA   H  N N 28  
ARG HB2  H  N N 29  
ARG HB3  H  N N 30  
ARG HG2  H  N N 31  
ARG HG3  H  N N 32  
ARG HD2  H  N N 33  
ARG HD3  H  N N 34  
ARG HE   H  N N 35  
ARG HH11 H  N N 36  
ARG HH12 H  N N 37  
ARG HH21 H  N N 38  
ARG HH22 H  N N 39  
ARG HXT  H  N N 40  
ASN N    N  N N 41  
ASN CA   C  N S 42  
ASN C    C  N N 43  
ASN O    O  N N 44  
ASN CB   C  N N 45  
ASN CG   C  N N 46  
ASN OD1  O  N N 47  
ASN ND2  N  N N 48  
ASN OXT  O  N N 49  
ASN H    H  N N 50  
ASN H2   H  N N 51  
ASN HA   H  N N 52  
ASN HB2  H  N N 53  
ASN HB3  H  N N 54  
ASN HD21 H  N N 55  
ASN HD22 H  N N 56  
ASN HXT  H  N N 57  
ASP N    N  N N 58  
ASP CA   C  N S 59  
ASP C    C  N N 60  
ASP O    O  N N 61  
ASP CB   C  N N 62  
ASP CG   C  N N 63  
ASP OD1  O  N N 64  
ASP OD2  O  N N 65  
ASP OXT  O  N N 66  
ASP H    H  N N 67  
ASP H2   H  N N 68  
ASP HA   H  N N 69  
ASP HB2  H  N N 70  
ASP HB3  H  N N 71  
ASP HD2  H  N N 72  
ASP HXT  H  N N 73  
CL  CL   CL N N 74  
CYS N    N  N N 75  
CYS CA   C  N R 76  
CYS C    C  N N 77  
CYS O    O  N N 78  
CYS CB   C  N N 79  
CYS SG   S  N N 80  
CYS OXT  O  N N 81  
CYS H    H  N N 82  
CYS H2   H  N N 83  
CYS HA   H  N N 84  
CYS HB2  H  N N 85  
CYS HB3  H  N N 86  
CYS HG   H  N N 87  
CYS HXT  H  N N 88  
GLN N    N  N N 89  
GLN CA   C  N S 90  
GLN C    C  N N 91  
GLN O    O  N N 92  
GLN CB   C  N N 93  
GLN CG   C  N N 94  
GLN CD   C  N N 95  
GLN OE1  O  N N 96  
GLN NE2  N  N N 97  
GLN OXT  O  N N 98  
GLN H    H  N N 99  
GLN H2   H  N N 100 
GLN HA   H  N N 101 
GLN HB2  H  N N 102 
GLN HB3  H  N N 103 
GLN HG2  H  N N 104 
GLN HG3  H  N N 105 
GLN HE21 H  N N 106 
GLN HE22 H  N N 107 
GLN HXT  H  N N 108 
GLU N    N  N N 109 
GLU CA   C  N S 110 
GLU C    C  N N 111 
GLU O    O  N N 112 
GLU CB   C  N N 113 
GLU CG   C  N N 114 
GLU CD   C  N N 115 
GLU OE1  O  N N 116 
GLU OE2  O  N N 117 
GLU OXT  O  N N 118 
GLU H    H  N N 119 
GLU H2   H  N N 120 
GLU HA   H  N N 121 
GLU HB2  H  N N 122 
GLU HB3  H  N N 123 
GLU HG2  H  N N 124 
GLU HG3  H  N N 125 
GLU HE2  H  N N 126 
GLU HXT  H  N N 127 
GLY N    N  N N 128 
GLY CA   C  N N 129 
GLY C    C  N N 130 
GLY O    O  N N 131 
GLY OXT  O  N N 132 
GLY H    H  N N 133 
GLY H2   H  N N 134 
GLY HA2  H  N N 135 
GLY HA3  H  N N 136 
GLY HXT  H  N N 137 
HIS N    N  N N 138 
HIS CA   C  N S 139 
HIS C    C  N N 140 
HIS O    O  N N 141 
HIS CB   C  N N 142 
HIS CG   C  Y N 143 
HIS ND1  N  Y N 144 
HIS CD2  C  Y N 145 
HIS CE1  C  Y N 146 
HIS NE2  N  Y N 147 
HIS OXT  O  N N 148 
HIS H    H  N N 149 
HIS H2   H  N N 150 
HIS HA   H  N N 151 
HIS HB2  H  N N 152 
HIS HB3  H  N N 153 
HIS HD1  H  N N 154 
HIS HD2  H  N N 155 
HIS HE1  H  N N 156 
HIS HE2  H  N N 157 
HIS HXT  H  N N 158 
HOH O    O  N N 159 
HOH H1   H  N N 160 
HOH H2   H  N N 161 
ILE N    N  N N 162 
ILE CA   C  N S 163 
ILE C    C  N N 164 
ILE O    O  N N 165 
ILE CB   C  N S 166 
ILE CG1  C  N N 167 
ILE CG2  C  N N 168 
ILE CD1  C  N N 169 
ILE OXT  O  N N 170 
ILE H    H  N N 171 
ILE H2   H  N N 172 
ILE HA   H  N N 173 
ILE HB   H  N N 174 
ILE HG12 H  N N 175 
ILE HG13 H  N N 176 
ILE HG21 H  N N 177 
ILE HG22 H  N N 178 
ILE HG23 H  N N 179 
ILE HD11 H  N N 180 
ILE HD12 H  N N 181 
ILE HD13 H  N N 182 
ILE HXT  H  N N 183 
LEU N    N  N N 184 
LEU CA   C  N S 185 
LEU C    C  N N 186 
LEU O    O  N N 187 
LEU CB   C  N N 188 
LEU CG   C  N N 189 
LEU CD1  C  N N 190 
LEU CD2  C  N N 191 
LEU OXT  O  N N 192 
LEU H    H  N N 193 
LEU H2   H  N N 194 
LEU HA   H  N N 195 
LEU HB2  H  N N 196 
LEU HB3  H  N N 197 
LEU HG   H  N N 198 
LEU HD11 H  N N 199 
LEU HD12 H  N N 200 
LEU HD13 H  N N 201 
LEU HD21 H  N N 202 
LEU HD22 H  N N 203 
LEU HD23 H  N N 204 
LEU HXT  H  N N 205 
LYS N    N  N N 206 
LYS CA   C  N S 207 
LYS C    C  N N 208 
LYS O    O  N N 209 
LYS CB   C  N N 210 
LYS CG   C  N N 211 
LYS CD   C  N N 212 
LYS CE   C  N N 213 
LYS NZ   N  N N 214 
LYS OXT  O  N N 215 
LYS H    H  N N 216 
LYS H2   H  N N 217 
LYS HA   H  N N 218 
LYS HB2  H  N N 219 
LYS HB3  H  N N 220 
LYS HG2  H  N N 221 
LYS HG3  H  N N 222 
LYS HD2  H  N N 223 
LYS HD3  H  N N 224 
LYS HE2  H  N N 225 
LYS HE3  H  N N 226 
LYS HZ1  H  N N 227 
LYS HZ2  H  N N 228 
LYS HZ3  H  N N 229 
LYS HXT  H  N N 230 
MET N    N  N N 231 
MET CA   C  N S 232 
MET C    C  N N 233 
MET O    O  N N 234 
MET CB   C  N N 235 
MET CG   C  N N 236 
MET SD   S  N N 237 
MET CE   C  N N 238 
MET OXT  O  N N 239 
MET H    H  N N 240 
MET H2   H  N N 241 
MET HA   H  N N 242 
MET HB2  H  N N 243 
MET HB3  H  N N 244 
MET HG2  H  N N 245 
MET HG3  H  N N 246 
MET HE1  H  N N 247 
MET HE2  H  N N 248 
MET HE3  H  N N 249 
MET HXT  H  N N 250 
PHE N    N  N N 251 
PHE CA   C  N S 252 
PHE C    C  N N 253 
PHE O    O  N N 254 
PHE CB   C  N N 255 
PHE CG   C  Y N 256 
PHE CD1  C  Y N 257 
PHE CD2  C  Y N 258 
PHE CE1  C  Y N 259 
PHE CE2  C  Y N 260 
PHE CZ   C  Y N 261 
PHE OXT  O  N N 262 
PHE H    H  N N 263 
PHE H2   H  N N 264 
PHE HA   H  N N 265 
PHE HB2  H  N N 266 
PHE HB3  H  N N 267 
PHE HD1  H  N N 268 
PHE HD2  H  N N 269 
PHE HE1  H  N N 270 
PHE HE2  H  N N 271 
PHE HZ   H  N N 272 
PHE HXT  H  N N 273 
PRO N    N  N N 274 
PRO CA   C  N S 275 
PRO C    C  N N 276 
PRO O    O  N N 277 
PRO CB   C  N N 278 
PRO CG   C  N N 279 
PRO CD   C  N N 280 
PRO OXT  O  N N 281 
PRO H    H  N N 282 
PRO HA   H  N N 283 
PRO HB2  H  N N 284 
PRO HB3  H  N N 285 
PRO HG2  H  N N 286 
PRO HG3  H  N N 287 
PRO HD2  H  N N 288 
PRO HD3  H  N N 289 
PRO HXT  H  N N 290 
SER N    N  N N 291 
SER CA   C  N S 292 
SER C    C  N N 293 
SER O    O  N N 294 
SER CB   C  N N 295 
SER OG   O  N N 296 
SER OXT  O  N N 297 
SER H    H  N N 298 
SER H2   H  N N 299 
SER HA   H  N N 300 
SER HB2  H  N N 301 
SER HB3  H  N N 302 
SER HG   H  N N 303 
SER HXT  H  N N 304 
SO4 S    S  N N 305 
SO4 O1   O  N N 306 
SO4 O2   O  N N 307 
SO4 O3   O  N N 308 
SO4 O4   O  N N 309 
THR N    N  N N 310 
THR CA   C  N S 311 
THR C    C  N N 312 
THR O    O  N N 313 
THR CB   C  N R 314 
THR OG1  O  N N 315 
THR CG2  C  N N 316 
THR OXT  O  N N 317 
THR H    H  N N 318 
THR H2   H  N N 319 
THR HA   H  N N 320 
THR HB   H  N N 321 
THR HG1  H  N N 322 
THR HG21 H  N N 323 
THR HG22 H  N N 324 
THR HG23 H  N N 325 
THR HXT  H  N N 326 
TRP N    N  N N 327 
TRP CA   C  N S 328 
TRP C    C  N N 329 
TRP O    O  N N 330 
TRP CB   C  N N 331 
TRP CG   C  Y N 332 
TRP CD1  C  Y N 333 
TRP CD2  C  Y N 334 
TRP NE1  N  Y N 335 
TRP CE2  C  Y N 336 
TRP CE3  C  Y N 337 
TRP CZ2  C  Y N 338 
TRP CZ3  C  Y N 339 
TRP CH2  C  Y N 340 
TRP OXT  O  N N 341 
TRP H    H  N N 342 
TRP H2   H  N N 343 
TRP HA   H  N N 344 
TRP HB2  H  N N 345 
TRP HB3  H  N N 346 
TRP HD1  H  N N 347 
TRP HE1  H  N N 348 
TRP HE3  H  N N 349 
TRP HZ2  H  N N 350 
TRP HZ3  H  N N 351 
TRP HH2  H  N N 352 
TRP HXT  H  N N 353 
TYR N    N  N N 354 
TYR CA   C  N S 355 
TYR C    C  N N 356 
TYR O    O  N N 357 
TYR CB   C  N N 358 
TYR CG   C  Y N 359 
TYR CD1  C  Y N 360 
TYR CD2  C  Y N 361 
TYR CE1  C  Y N 362 
TYR CE2  C  Y N 363 
TYR CZ   C  Y N 364 
TYR OH   O  N N 365 
TYR OXT  O  N N 366 
TYR H    H  N N 367 
TYR H2   H  N N 368 
TYR HA   H  N N 369 
TYR HB2  H  N N 370 
TYR HB3  H  N N 371 
TYR HD1  H  N N 372 
TYR HD2  H  N N 373 
TYR HE1  H  N N 374 
TYR HE2  H  N N 375 
TYR HH   H  N N 376 
TYR HXT  H  N N 377 
VAL N    N  N N 378 
VAL CA   C  N S 379 
VAL C    C  N N 380 
VAL O    O  N N 381 
VAL CB   C  N N 382 
VAL CG1  C  N N 383 
VAL CG2  C  N N 384 
VAL OXT  O  N N 385 
VAL H    H  N N 386 
VAL H2   H  N N 387 
VAL HA   H  N N 388 
VAL HB   H  N N 389 
VAL HG11 H  N N 390 
VAL HG12 H  N N 391 
VAL HG13 H  N N 392 
VAL HG21 H  N N 393 
VAL HG22 H  N N 394 
VAL HG23 H  N N 395 
VAL HXT  H  N N 396 
# 
loop_
_chem_comp_bond.comp_id 
_chem_comp_bond.atom_id_1 
_chem_comp_bond.atom_id_2 
_chem_comp_bond.value_order 
_chem_comp_bond.pdbx_aromatic_flag 
_chem_comp_bond.pdbx_stereo_config 
_chem_comp_bond.pdbx_ordinal 
ALA N   CA   sing N N 1   
ALA N   H    sing N N 2   
ALA N   H2   sing N N 3   
ALA CA  C    sing N N 4   
ALA CA  CB   sing N N 5   
ALA CA  HA   sing N N 6   
ALA C   O    doub N N 7   
ALA C   OXT  sing N N 8   
ALA CB  HB1  sing N N 9   
ALA CB  HB2  sing N N 10  
ALA CB  HB3  sing N N 11  
ALA OXT HXT  sing N N 12  
ARG N   CA   sing N N 13  
ARG N   H    sing N N 14  
ARG N   H2   sing N N 15  
ARG CA  C    sing N N 16  
ARG CA  CB   sing N N 17  
ARG CA  HA   sing N N 18  
ARG C   O    doub N N 19  
ARG C   OXT  sing N N 20  
ARG CB  CG   sing N N 21  
ARG CB  HB2  sing N N 22  
ARG CB  HB3  sing N N 23  
ARG CG  CD   sing N N 24  
ARG CG  HG2  sing N N 25  
ARG CG  HG3  sing N N 26  
ARG CD  NE   sing N N 27  
ARG CD  HD2  sing N N 28  
ARG CD  HD3  sing N N 29  
ARG NE  CZ   sing N N 30  
ARG NE  HE   sing N N 31  
ARG CZ  NH1  sing N N 32  
ARG CZ  NH2  doub N N 33  
ARG NH1 HH11 sing N N 34  
ARG NH1 HH12 sing N N 35  
ARG NH2 HH21 sing N N 36  
ARG NH2 HH22 sing N N 37  
ARG OXT HXT  sing N N 38  
ASN N   CA   sing N N 39  
ASN N   H    sing N N 40  
ASN N   H2   sing N N 41  
ASN CA  C    sing N N 42  
ASN CA  CB   sing N N 43  
ASN CA  HA   sing N N 44  
ASN C   O    doub N N 45  
ASN C   OXT  sing N N 46  
ASN CB  CG   sing N N 47  
ASN CB  HB2  sing N N 48  
ASN CB  HB3  sing N N 49  
ASN CG  OD1  doub N N 50  
ASN CG  ND2  sing N N 51  
ASN ND2 HD21 sing N N 52  
ASN ND2 HD22 sing N N 53  
ASN OXT HXT  sing N N 54  
ASP N   CA   sing N N 55  
ASP N   H    sing N N 56  
ASP N   H2   sing N N 57  
ASP CA  C    sing N N 58  
ASP CA  CB   sing N N 59  
ASP CA  HA   sing N N 60  
ASP C   O    doub N N 61  
ASP C   OXT  sing N N 62  
ASP CB  CG   sing N N 63  
ASP CB  HB2  sing N N 64  
ASP CB  HB3  sing N N 65  
ASP CG  OD1  doub N N 66  
ASP CG  OD2  sing N N 67  
ASP OD2 HD2  sing N N 68  
ASP OXT HXT  sing N N 69  
CYS N   CA   sing N N 70  
CYS N   H    sing N N 71  
CYS N   H2   sing N N 72  
CYS CA  C    sing N N 73  
CYS CA  CB   sing N N 74  
CYS CA  HA   sing N N 75  
CYS C   O    doub N N 76  
CYS C   OXT  sing N N 77  
CYS CB  SG   sing N N 78  
CYS CB  HB2  sing N N 79  
CYS CB  HB3  sing N N 80  
CYS SG  HG   sing N N 81  
CYS OXT HXT  sing N N 82  
GLN N   CA   sing N N 83  
GLN N   H    sing N N 84  
GLN N   H2   sing N N 85  
GLN CA  C    sing N N 86  
GLN CA  CB   sing N N 87  
GLN CA  HA   sing N N 88  
GLN C   O    doub N N 89  
GLN C   OXT  sing N N 90  
GLN CB  CG   sing N N 91  
GLN CB  HB2  sing N N 92  
GLN CB  HB3  sing N N 93  
GLN CG  CD   sing N N 94  
GLN CG  HG2  sing N N 95  
GLN CG  HG3  sing N N 96  
GLN CD  OE1  doub N N 97  
GLN CD  NE2  sing N N 98  
GLN NE2 HE21 sing N N 99  
GLN NE2 HE22 sing N N 100 
GLN OXT HXT  sing N N 101 
GLU N   CA   sing N N 102 
GLU N   H    sing N N 103 
GLU N   H2   sing N N 104 
GLU CA  C    sing N N 105 
GLU CA  CB   sing N N 106 
GLU CA  HA   sing N N 107 
GLU C   O    doub N N 108 
GLU C   OXT  sing N N 109 
GLU CB  CG   sing N N 110 
GLU CB  HB2  sing N N 111 
GLU CB  HB3  sing N N 112 
GLU CG  CD   sing N N 113 
GLU CG  HG2  sing N N 114 
GLU CG  HG3  sing N N 115 
GLU CD  OE1  doub N N 116 
GLU CD  OE2  sing N N 117 
GLU OE2 HE2  sing N N 118 
GLU OXT HXT  sing N N 119 
GLY N   CA   sing N N 120 
GLY N   H    sing N N 121 
GLY N   H2   sing N N 122 
GLY CA  C    sing N N 123 
GLY CA  HA2  sing N N 124 
GLY CA  HA3  sing N N 125 
GLY C   O    doub N N 126 
GLY C   OXT  sing N N 127 
GLY OXT HXT  sing N N 128 
HIS N   CA   sing N N 129 
HIS N   H    sing N N 130 
HIS N   H2   sing N N 131 
HIS CA  C    sing N N 132 
HIS CA  CB   sing N N 133 
HIS CA  HA   sing N N 134 
HIS C   O    doub N N 135 
HIS C   OXT  sing N N 136 
HIS CB  CG   sing N N 137 
HIS CB  HB2  sing N N 138 
HIS CB  HB3  sing N N 139 
HIS CG  ND1  sing Y N 140 
HIS CG  CD2  doub Y N 141 
HIS ND1 CE1  doub Y N 142 
HIS ND1 HD1  sing N N 143 
HIS CD2 NE2  sing Y N 144 
HIS CD2 HD2  sing N N 145 
HIS CE1 NE2  sing Y N 146 
HIS CE1 HE1  sing N N 147 
HIS NE2 HE2  sing N N 148 
HIS OXT HXT  sing N N 149 
HOH O   H1   sing N N 150 
HOH O   H2   sing N N 151 
ILE N   CA   sing N N 152 
ILE N   H    sing N N 153 
ILE N   H2   sing N N 154 
ILE CA  C    sing N N 155 
ILE CA  CB   sing N N 156 
ILE CA  HA   sing N N 157 
ILE C   O    doub N N 158 
ILE C   OXT  sing N N 159 
ILE CB  CG1  sing N N 160 
ILE CB  CG2  sing N N 161 
ILE CB  HB   sing N N 162 
ILE CG1 CD1  sing N N 163 
ILE CG1 HG12 sing N N 164 
ILE CG1 HG13 sing N N 165 
ILE CG2 HG21 sing N N 166 
ILE CG2 HG22 sing N N 167 
ILE CG2 HG23 sing N N 168 
ILE CD1 HD11 sing N N 169 
ILE CD1 HD12 sing N N 170 
ILE CD1 HD13 sing N N 171 
ILE OXT HXT  sing N N 172 
LEU N   CA   sing N N 173 
LEU N   H    sing N N 174 
LEU N   H2   sing N N 175 
LEU CA  C    sing N N 176 
LEU CA  CB   sing N N 177 
LEU CA  HA   sing N N 178 
LEU C   O    doub N N 179 
LEU C   OXT  sing N N 180 
LEU CB  CG   sing N N 181 
LEU CB  HB2  sing N N 182 
LEU CB  HB3  sing N N 183 
LEU CG  CD1  sing N N 184 
LEU CG  CD2  sing N N 185 
LEU CG  HG   sing N N 186 
LEU CD1 HD11 sing N N 187 
LEU CD1 HD12 sing N N 188 
LEU CD1 HD13 sing N N 189 
LEU CD2 HD21 sing N N 190 
LEU CD2 HD22 sing N N 191 
LEU CD2 HD23 sing N N 192 
LEU OXT HXT  sing N N 193 
LYS N   CA   sing N N 194 
LYS N   H    sing N N 195 
LYS N   H2   sing N N 196 
LYS CA  C    sing N N 197 
LYS CA  CB   sing N N 198 
LYS CA  HA   sing N N 199 
LYS C   O    doub N N 200 
LYS C   OXT  sing N N 201 
LYS CB  CG   sing N N 202 
LYS CB  HB2  sing N N 203 
LYS CB  HB3  sing N N 204 
LYS CG  CD   sing N N 205 
LYS CG  HG2  sing N N 206 
LYS CG  HG3  sing N N 207 
LYS CD  CE   sing N N 208 
LYS CD  HD2  sing N N 209 
LYS CD  HD3  sing N N 210 
LYS CE  NZ   sing N N 211 
LYS CE  HE2  sing N N 212 
LYS CE  HE3  sing N N 213 
LYS NZ  HZ1  sing N N 214 
LYS NZ  HZ2  sing N N 215 
LYS NZ  HZ3  sing N N 216 
LYS OXT HXT  sing N N 217 
MET N   CA   sing N N 218 
MET N   H    sing N N 219 
MET N   H2   sing N N 220 
MET CA  C    sing N N 221 
MET CA  CB   sing N N 222 
MET CA  HA   sing N N 223 
MET C   O    doub N N 224 
MET C   OXT  sing N N 225 
MET CB  CG   sing N N 226 
MET CB  HB2  sing N N 227 
MET CB  HB3  sing N N 228 
MET CG  SD   sing N N 229 
MET CG  HG2  sing N N 230 
MET CG  HG3  sing N N 231 
MET SD  CE   sing N N 232 
MET CE  HE1  sing N N 233 
MET CE  HE2  sing N N 234 
MET CE  HE3  sing N N 235 
MET OXT HXT  sing N N 236 
PHE N   CA   sing N N 237 
PHE N   H    sing N N 238 
PHE N   H2   sing N N 239 
PHE CA  C    sing N N 240 
PHE CA  CB   sing N N 241 
PHE CA  HA   sing N N 242 
PHE C   O    doub N N 243 
PHE C   OXT  sing N N 244 
PHE CB  CG   sing N N 245 
PHE CB  HB2  sing N N 246 
PHE CB  HB3  sing N N 247 
PHE CG  CD1  doub Y N 248 
PHE CG  CD2  sing Y N 249 
PHE CD1 CE1  sing Y N 250 
PHE CD1 HD1  sing N N 251 
PHE CD2 CE2  doub Y N 252 
PHE CD2 HD2  sing N N 253 
PHE CE1 CZ   doub Y N 254 
PHE CE1 HE1  sing N N 255 
PHE CE2 CZ   sing Y N 256 
PHE CE2 HE2  sing N N 257 
PHE CZ  HZ   sing N N 258 
PHE OXT HXT  sing N N 259 
PRO N   CA   sing N N 260 
PRO N   CD   sing N N 261 
PRO N   H    sing N N 262 
PRO CA  C    sing N N 263 
PRO CA  CB   sing N N 264 
PRO CA  HA   sing N N 265 
PRO C   O    doub N N 266 
PRO C   OXT  sing N N 267 
PRO CB  CG   sing N N 268 
PRO CB  HB2  sing N N 269 
PRO CB  HB3  sing N N 270 
PRO CG  CD   sing N N 271 
PRO CG  HG2  sing N N 272 
PRO CG  HG3  sing N N 273 
PRO CD  HD2  sing N N 274 
PRO CD  HD3  sing N N 275 
PRO OXT HXT  sing N N 276 
SER N   CA   sing N N 277 
SER N   H    sing N N 278 
SER N   H2   sing N N 279 
SER CA  C    sing N N 280 
SER CA  CB   sing N N 281 
SER CA  HA   sing N N 282 
SER C   O    doub N N 283 
SER C   OXT  sing N N 284 
SER CB  OG   sing N N 285 
SER CB  HB2  sing N N 286 
SER CB  HB3  sing N N 287 
SER OG  HG   sing N N 288 
SER OXT HXT  sing N N 289 
SO4 S   O1   doub N N 290 
SO4 S   O2   doub N N 291 
SO4 S   O3   sing N N 292 
SO4 S   O4   sing N N 293 
THR N   CA   sing N N 294 
THR N   H    sing N N 295 
THR N   H2   sing N N 296 
THR CA  C    sing N N 297 
THR CA  CB   sing N N 298 
THR CA  HA   sing N N 299 
THR C   O    doub N N 300 
THR C   OXT  sing N N 301 
THR CB  OG1  sing N N 302 
THR CB  CG2  sing N N 303 
THR CB  HB   sing N N 304 
THR OG1 HG1  sing N N 305 
THR CG2 HG21 sing N N 306 
THR CG2 HG22 sing N N 307 
THR CG2 HG23 sing N N 308 
THR OXT HXT  sing N N 309 
TRP N   CA   sing N N 310 
TRP N   H    sing N N 311 
TRP N   H2   sing N N 312 
TRP CA  C    sing N N 313 
TRP CA  CB   sing N N 314 
TRP CA  HA   sing N N 315 
TRP C   O    doub N N 316 
TRP C   OXT  sing N N 317 
TRP CB  CG   sing N N 318 
TRP CB  HB2  sing N N 319 
TRP CB  HB3  sing N N 320 
TRP CG  CD1  doub Y N 321 
TRP CG  CD2  sing Y N 322 
TRP CD1 NE1  sing Y N 323 
TRP CD1 HD1  sing N N 324 
TRP CD2 CE2  doub Y N 325 
TRP CD2 CE3  sing Y N 326 
TRP NE1 CE2  sing Y N 327 
TRP NE1 HE1  sing N N 328 
TRP CE2 CZ2  sing Y N 329 
TRP CE3 CZ3  doub Y N 330 
TRP CE3 HE3  sing N N 331 
TRP CZ2 CH2  doub Y N 332 
TRP CZ2 HZ2  sing N N 333 
TRP CZ3 CH2  sing Y N 334 
TRP CZ3 HZ3  sing N N 335 
TRP CH2 HH2  sing N N 336 
TRP OXT HXT  sing N N 337 
TYR N   CA   sing N N 338 
TYR N   H    sing N N 339 
TYR N   H2   sing N N 340 
TYR CA  C    sing N N 341 
TYR CA  CB   sing N N 342 
TYR CA  HA   sing N N 343 
TYR C   O    doub N N 344 
TYR C   OXT  sing N N 345 
TYR CB  CG   sing N N 346 
TYR CB  HB2  sing N N 347 
TYR CB  HB3  sing N N 348 
TYR CG  CD1  doub Y N 349 
TYR CG  CD2  sing Y N 350 
TYR CD1 CE1  sing Y N 351 
TYR CD1 HD1  sing N N 352 
TYR CD2 CE2  doub Y N 353 
TYR CD2 HD2  sing N N 354 
TYR CE1 CZ   doub Y N 355 
TYR CE1 HE1  sing N N 356 
TYR CE2 CZ   sing Y N 357 
TYR CE2 HE2  sing N N 358 
TYR CZ  OH   sing N N 359 
TYR OH  HH   sing N N 360 
TYR OXT HXT  sing N N 361 
VAL N   CA   sing N N 362 
VAL N   H    sing N N 363 
VAL N   H2   sing N N 364 
VAL CA  C    sing N N 365 
VAL CA  CB   sing N N 366 
VAL CA  HA   sing N N 367 
VAL C   O    doub N N 368 
VAL C   OXT  sing N N 369 
VAL CB  CG1  sing N N 370 
VAL CB  CG2  sing N N 371 
VAL CB  HB   sing N N 372 
VAL CG1 HG11 sing N N 373 
VAL CG1 HG12 sing N N 374 
VAL CG1 HG13 sing N N 375 
VAL CG2 HG21 sing N N 376 
VAL CG2 HG22 sing N N 377 
VAL CG2 HG23 sing N N 378 
VAL OXT HXT  sing N N 379 
# 
_atom_sites.entry_id                    3T5S 
_atom_sites.fract_transf_matrix[1][1]   -0.00431870 
_atom_sites.fract_transf_matrix[1][2]   0.00859239 
_atom_sites.fract_transf_matrix[1][3]   0.00413000 
_atom_sites.fract_transf_matrix[2][1]   -0.00432490 
_atom_sites.fract_transf_matrix[2][2]   -0.00580642 
_atom_sites.fract_transf_matrix[2][3]   0.00755764 
_atom_sites.fract_transf_matrix[3][1]   0.00849595 
_atom_sites.fract_transf_matrix[3][2]   0.00141194 
_atom_sites.fract_transf_matrix[3][3]   0.00594663 
_atom_sites.fract_transf_vector[1]      -0.240704 
_atom_sites.fract_transf_vector[2]      0.181898 
_atom_sites.fract_transf_vector[3]      0.133487 
# 
loop_
_atom_type.symbol 
C  
CL 
N  
O  
S  
# 
loop_
_atom_site.group_PDB 
_atom_site.id 
_atom_site.type_symbol 
_atom_site.label_atom_id 
_atom_site.label_alt_id 
_atom_site.label_comp_id 
_atom_site.label_asym_id 
_atom_site.label_entity_id 
_atom_site.label_seq_id 
_atom_site.pdbx_PDB_ins_code 
_atom_site.Cartn_x 
_atom_site.Cartn_y 
_atom_site.Cartn_z 
_atom_site.occupancy 
_atom_site.B_iso_or_equiv 
_atom_site.pdbx_formal_charge 
_atom_site.auth_seq_id 
_atom_site.auth_comp_id 
_atom_site.auth_asym_id 
_atom_site.auth_atom_id 
_atom_site.pdbx_PDB_model_num 
ATOM   1   N  N   . SER A 1 21  ? 10.710  -11.805 -4.849  1.00 95.93  ? 0   SER A N   1 
ATOM   2   C  CA  . SER A 1 21  ? 9.399   -12.512 -4.682  1.00 97.40  ? 0   SER A CA  1 
ATOM   3   C  C   . SER A 1 21  ? 8.976   -12.541 -3.204  1.00 93.23  ? 0   SER A C   1 
ATOM   4   O  O   . SER A 1 21  ? 9.534   -11.803 -2.381  1.00 90.49  ? 0   SER A O   1 
ATOM   5   C  CB  . SER A 1 21  ? 9.446   -13.939 -5.274  1.00 99.13  ? 0   SER A CB  1 
ATOM   6   O  OG  . SER A 1 21  ? 8.129   -14.474 -5.482  1.00 97.61  ? 0   SER A OG  1 
ATOM   7   N  N   . MET A 1 22  ? 8.002   -13.403 -2.881  1.00 92.34  ? 1   MET A N   1 
ATOM   8   C  CA  . MET A 1 22  ? 7.229   -13.332 -1.617  1.00 90.25  ? 1   MET A CA  1 
ATOM   9   C  C   . MET A 1 22  ? 6.854   -11.871 -1.295  1.00 85.16  ? 1   MET A C   1 
ATOM   10  O  O   . MET A 1 22  ? 7.088   -11.403 -0.167  1.00 86.89  ? 1   MET A O   1 
ATOM   11  C  CB  . MET A 1 22  ? 7.996   -13.981 -0.436  1.00 93.35  ? 1   MET A CB  1 
ATOM   12  C  CG  . MET A 1 22  ? 8.499   -15.408 -0.671  1.00 96.99  ? 1   MET A CG  1 
ATOM   13  S  SD  . MET A 1 22  ? 7.241   -16.629 -1.140  1.00 101.53 ? 1   MET A SD  1 
ATOM   14  C  CE  . MET A 1 22  ? 8.184   -18.164 -1.222  1.00 101.81 ? 1   MET A CE  1 
ATOM   15  N  N   . PRO A 1 23  ? 6.283   -11.141 -2.291  1.00 81.60  ? 2   PRO A N   1 
ATOM   16  C  CA  . PRO A 1 23  ? 6.098   -9.704  -2.104  1.00 78.47  ? 2   PRO A CA  1 
ATOM   17  C  C   . PRO A 1 23  ? 4.913   -9.436  -1.182  1.00 71.92  ? 2   PRO A C   1 
ATOM   18  O  O   . PRO A 1 23  ? 3.908   -10.146 -1.226  1.00 66.81  ? 2   PRO A O   1 
ATOM   19  C  CB  . PRO A 1 23  ? 5.814   -9.196  -3.517  1.00 79.00  ? 2   PRO A CB  1 
ATOM   20  C  CG  . PRO A 1 23  ? 5.106   -10.327 -4.174  1.00 79.48  ? 2   PRO A CG  1 
ATOM   21  C  CD  . PRO A 1 23  ? 5.602   -11.603 -3.520  1.00 82.03  ? 2   PRO A CD  1 
ATOM   22  N  N   . CYS A 1 24  ? 5.055   -8.417  -0.348  1.00 69.05  ? 3   CYS A N   1 
ATOM   23  C  CA  . CYS A 1 24  ? 4.065   -8.127  0.662   1.00 65.71  ? 3   CYS A CA  1 
ATOM   24  C  C   . CYS A 1 24  ? 4.014   -6.616  0.929   1.00 62.51  ? 3   CYS A C   1 
ATOM   25  O  O   . CYS A 1 24  ? 5.049   -5.988  1.143   1.00 62.14  ? 3   CYS A O   1 
ATOM   26  C  CB  . CYS A 1 24  ? 4.400   -8.924  1.918   1.00 66.13  ? 3   CYS A CB  1 
ATOM   27  S  SG  . CYS A 1 24  ? 3.366   -8.464  3.306   1.00 73.04  ? 3   CYS A SG  1 
ATOM   28  N  N   . ALA A 1 25  ? 2.810   -6.037  0.881   1.00 58.13  ? 4   ALA A N   1 
ATOM   29  C  CA  . ALA A 1 25  ? 2.609   -4.631  1.194   1.00 54.85  ? 4   ALA A CA  1 
ATOM   30  C  C   . ALA A 1 25  ? 1.643   -4.492  2.369   1.00 53.35  ? 4   ALA A C   1 
ATOM   31  O  O   . ALA A 1 25  ? 0.446   -4.839  2.252   1.00 52.82  ? 4   ALA A O   1 
ATOM   32  C  CB  . ALA A 1 25  ? 2.082   -3.893  -0.018  1.00 54.62  ? 4   ALA A CB  1 
ATOM   33  N  N   . ILE A 1 26  ? 2.162   -3.995  3.491   1.00 50.35  ? 5   ILE A N   1 
ATOM   34  C  CA  . ILE A 1 26  ? 1.378   -3.757  4.699   1.00 48.67  ? 5   ILE A CA  1 
ATOM   35  C  C   . ILE A 1 26  ? 1.239   -2.242  4.839   1.00 48.20  ? 5   ILE A C   1 
ATOM   36  O  O   . ILE A 1 26  ? 2.235   -1.516  4.918   1.00 50.47  ? 5   ILE A O   1 
ATOM   37  C  CB  . ILE A 1 26  ? 2.079   -4.330  5.961   1.00 50.28  ? 5   ILE A CB  1 
ATOM   38  C  CG1 . ILE A 1 26  ? 2.457   -5.807  5.780   1.00 51.46  ? 5   ILE A CG1 1 
ATOM   39  C  CG2 . ILE A 1 26  ? 1.200   -4.237  7.207   1.00 47.66  ? 5   ILE A CG2 1 
ATOM   40  C  CD1 . ILE A 1 26  ? 1.375   -6.796  6.116   1.00 51.19  ? 5   ILE A CD1 1 
ATOM   41  N  N   . VAL A 1 27  ? 0.002   -1.759  4.867   1.00 46.56  ? 6   VAL A N   1 
ATOM   42  C  CA  . VAL A 1 27  ? -0.298  -0.337  4.895   1.00 45.10  ? 6   VAL A CA  1 
ATOM   43  C  C   . VAL A 1 27  ? -0.842  0.083   6.227   1.00 43.34  ? 6   VAL A C   1 
ATOM   44  O  O   . VAL A 1 27  ? -1.726  -0.564  6.755   1.00 43.71  ? 6   VAL A O   1 
ATOM   45  C  CB  . VAL A 1 27  ? -1.381  -0.028  3.864   1.00 45.74  ? 6   VAL A CB  1 
ATOM   46  C  CG1 . VAL A 1 27  ? -1.754  1.440   3.905   1.00 46.93  ? 6   VAL A CG1 1 
ATOM   47  C  CG2 . VAL A 1 27  ? -0.877  -0.411  2.478   1.00 46.81  ? 6   VAL A CG2 1 
ATOM   48  N  N   . THR A 1 28  ? -0.303  1.161   6.782   1.00 43.55  ? 7   THR A N   1 
ATOM   49  C  CA  . THR A 1 28  ? -0.827  1.793   7.975   1.00 41.79  ? 7   THR A CA  1 
ATOM   50  C  C   . THR A 1 28  ? -1.371  3.169   7.572   1.00 42.71  ? 7   THR A C   1 
ATOM   51  O  O   . THR A 1 28  ? -0.637  3.995   7.003   1.00 43.72  ? 7   THR A O   1 
ATOM   52  C  CB  . THR A 1 28  ? 0.265   1.905   9.044   1.00 43.23  ? 7   THR A CB  1 
ATOM   53  O  OG1 . THR A 1 28  ? 0.902   0.633   9.172   1.00 44.77  ? 7   THR A OG1 1 
ATOM   54  C  CG2 . THR A 1 28  ? -0.312  2.320   10.402  1.00 41.34  ? 7   THR A CG2 1 
ATOM   55  N  N   . THR A 1 29  ? -2.663  3.397   7.818   1.00 42.43  ? 8   THR A N   1 
ATOM   56  C  CA  . THR A 1 29  ? -3.350  4.578   7.342   1.00 42.11  ? 8   THR A CA  1 
ATOM   57  C  C   . THR A 1 29  ? -4.354  5.056   8.381   1.00 43.20  ? 8   THR A C   1 
ATOM   58  O  O   . THR A 1 29  ? -4.800  4.291   9.262   1.00 43.99  ? 8   THR A O   1 
ATOM   59  C  CB  . THR A 1 29  ? -4.032  4.343   5.972   1.00 43.92  ? 8   THR A CB  1 
ATOM   60  O  OG1 . THR A 1 29  ? -4.638  5.567   5.520   1.00 45.13  ? 8   THR A OG1 1 
ATOM   61  C  CG2 . THR A 1 29  ? -5.079  3.202   6.010   1.00 42.39  ? 8   THR A CG2 1 
ATOM   62  N  N   . ASN A 1 30  ? -4.650  6.347   8.320   1.00 43.10  ? 9   ASN A N   1 
ATOM   63  C  CA  . ASN A 1 30  ? -5.684  6.896   9.143   1.00 43.95  ? 9   ASN A CA  1 
ATOM   64  C  C   . ASN A 1 30  ? -6.969  7.090   8.341   1.00 43.90  ? 9   ASN A C   1 
ATOM   65  O  O   . ASN A 1 30  ? -7.908  7.628   8.881   1.00 45.31  ? 9   ASN A O   1 
ATOM   66  C  CB  . ASN A 1 30  ? -5.204  8.204   9.816   1.00 44.68  ? 9   ASN A CB  1 
ATOM   67  C  CG  . ASN A 1 30  ? -4.789  9.272   8.818   1.00 45.10  ? 9   ASN A CG  1 
ATOM   68  O  OD1 . ASN A 1 30  ? -4.721  8.996   7.620   1.00 45.40  ? 9   ASN A OD1 1 
ATOM   69  N  ND2 . ASN A 1 30  ? -4.511  10.492  9.310   1.00 43.27  ? 9   ASN A ND2 1 
ATOM   70  N  N   . ALA A 1 31  ? -7.023  6.618   7.086   1.00 44.72  ? 10  ALA A N   1 
ATOM   71  C  CA  . ALA A 1 31  ? -8.281  6.604   6.299   1.00 46.02  ? 10  ALA A CA  1 
ATOM   72  C  C   . ALA A 1 31  ? -9.399  5.891   7.020   1.00 45.97  ? 10  ALA A C   1 
ATOM   73  O  O   . ALA A 1 31  ? -9.139  4.983   7.809   1.00 44.91  ? 10  ALA A O   1 
ATOM   74  C  CB  . ALA A 1 31  ? -8.094  6.024   4.904   1.00 44.96  ? 10  ALA A CB  1 
ATOM   75  N  N   . ASP A 1 32  ? -10.632 6.371   6.765   1.00 49.58  ? 11  ASP A N   1 
ATOM   76  C  CA  . ASP A 1 32  ? -11.897 5.826   7.255   1.00 52.21  ? 11  ASP A CA  1 
ATOM   77  C  C   . ASP A 1 32  ? -12.362 4.907   6.147   1.00 53.54  ? 11  ASP A C   1 
ATOM   78  O  O   . ASP A 1 32  ? -12.673 5.364   5.051   1.00 56.57  ? 11  ASP A O   1 
ATOM   79  C  CB  . ASP A 1 32  ? -12.933 6.950   7.451   1.00 56.12  ? 11  ASP A CB  1 
ATOM   80  N  N   . PHE A 1 33  ? -12.317 3.605   6.388   1.00 51.67  ? 12  PHE A N   1 
ATOM   81  C  CA  . PHE A 1 33  ? -12.720 2.626   5.385   1.00 50.75  ? 12  PHE A CA  1 
ATOM   82  C  C   . PHE A 1 33  ? -13.578 1.587   6.095   1.00 50.12  ? 12  PHE A C   1 
ATOM   83  O  O   . PHE A 1 33  ? -13.386 1.354   7.269   1.00 50.48  ? 12  PHE A O   1 
ATOM   84  C  CB  . PHE A 1 33  ? -11.478 1.987   4.694   1.00 49.09  ? 12  PHE A CB  1 
ATOM   85  C  CG  . PHE A 1 33  ? -10.426 1.452   5.663   1.00 47.44  ? 12  PHE A CG  1 
ATOM   86  C  CD1 . PHE A 1 33  ? -10.586 0.238   6.276   1.00 46.12  ? 12  PHE A CD1 1 
ATOM   87  C  CD2 . PHE A 1 33  ? -9.292  2.178   5.966   1.00 47.95  ? 12  PHE A CD2 1 
ATOM   88  C  CE1 . PHE A 1 33  ? -9.651  -0.240  7.182   1.00 46.25  ? 12  PHE A CE1 1 
ATOM   89  C  CE2 . PHE A 1 33  ? -8.356  1.707   6.870   1.00 45.49  ? 12  PHE A CE2 1 
ATOM   90  C  CZ  . PHE A 1 33  ? -8.547  0.494   7.489   1.00 44.61  ? 12  PHE A CZ  1 
ATOM   91  N  N   . THR A 1 34  ? -14.558 1.007   5.400   1.00 50.07  ? 13  THR A N   1 
ATOM   92  C  CA  . THR A 1 34  ? -15.250 -0.181  5.895   1.00 49.65  ? 13  THR A CA  1 
ATOM   93  C  C   . THR A 1 34  ? -14.367 -1.417  5.635   1.00 47.44  ? 13  THR A C   1 
ATOM   94  O  O   . THR A 1 34  ? -13.438 -1.326  4.838   1.00 45.65  ? 13  THR A O   1 
ATOM   95  C  CB  . THR A 1 34  ? -16.580 -0.341  5.167   1.00 51.68  ? 13  THR A CB  1 
ATOM   96  O  OG1 . THR A 1 34  ? -16.307 -0.659  3.800   1.00 50.57  ? 13  THR A OG1 1 
ATOM   97  C  CG2 . THR A 1 34  ? -17.394 0.994   5.225   1.00 53.20  ? 13  THR A CG2 1 
ATOM   98  N  N   . LYS A 1 35  ? -14.648 -2.548  6.305   1.00 47.05  ? 14  LYS A N   1 
ATOM   99  C  CA  . LYS A 1 35  ? -13.867 -3.801  6.173   1.00 46.27  ? 14  LYS A CA  1 
ATOM   100 C  C   . LYS A 1 35  ? -13.922 -4.285  4.765   1.00 46.33  ? 14  LYS A C   1 
ATOM   101 O  O   . LYS A 1 35  ? -12.948 -4.797  4.234   1.00 48.70  ? 14  LYS A O   1 
ATOM   102 C  CB  . LYS A 1 35  ? -14.426 -4.960  7.030   1.00 47.53  ? 14  LYS A CB  1 
ATOM   103 N  N   . ASP A 1 36  ? -15.079 -4.169  4.143   1.00 47.96  ? 15  ASP A N   1 
ATOM   104 C  CA  . ASP A 1 36  ? -15.212 -4.647  2.764   1.00 48.47  ? 15  ASP A CA  1 
ATOM   105 C  C   . ASP A 1 36  ? -14.397 -3.797  1.799   1.00 47.56  ? 15  ASP A C   1 
ATOM   106 O  O   . ASP A 1 36  ? -13.819 -4.331  0.862   1.00 46.04  ? 15  ASP A O   1 
ATOM   107 C  CB  . ASP A 1 36  ? -16.673 -4.687  2.350   1.00 51.36  ? 15  ASP A CB  1 
ATOM   108 C  CG  . ASP A 1 36  ? -17.490 -5.622  3.216   1.00 53.33  ? 15  ASP A CG  1 
ATOM   109 O  OD1 . ASP A 1 36  ? -16.887 -6.567  3.799   1.00 54.01  ? 15  ASP A OD1 1 
ATOM   110 O  OD2 . ASP A 1 36  ? -18.722 -5.391  3.310   1.00 54.95  ? 15  ASP A OD2 1 
ATOM   111 N  N   . GLN A 1 37  ? -14.328 -2.484  2.054   1.00 47.59  ? 16  GLN A N   1 
ATOM   112 C  CA  . GLN A 1 37  ? -13.451 -1.622  1.297   1.00 47.43  ? 16  GLN A CA  1 
ATOM   113 C  C   . GLN A 1 37  ? -11.997 -1.976  1.508   1.00 46.84  ? 16  GLN A C   1 
ATOM   114 O  O   . GLN A 1 37  ? -11.235 -1.947  0.553   1.00 48.73  ? 16  GLN A O   1 
ATOM   115 C  CB  . GLN A 1 37  ? -13.678 -0.165  1.641   1.00 48.50  ? 16  GLN A CB  1 
ATOM   116 C  CG  . GLN A 1 37  ? -14.940 0.405   0.996   1.00 50.39  ? 16  GLN A CG  1 
ATOM   117 C  CD  . GLN A 1 37  ? -15.067 1.898   1.268   1.00 52.10  ? 16  GLN A CD  1 
ATOM   118 O  OE1 . GLN A 1 37  ? -14.804 2.334   2.384   1.00 51.14  ? 16  GLN A OE1 1 
ATOM   119 N  NE2 . GLN A 1 37  ? -15.488 2.683   0.256   1.00 52.60  ? 16  GLN A NE2 1 
ATOM   120 N  N   . ALA A 1 38  ? -11.597 -2.313  2.738   1.00 45.63  ? 17  ALA A N   1 
ATOM   121 C  CA  . ALA A 1 38  ? -10.213 -2.715  2.955   1.00 43.77  ? 17  ALA A CA  1 
ATOM   122 C  C   . ALA A 1 38  ? -9.895  -3.996  2.209   1.00 44.85  ? 17  ALA A C   1 
ATOM   123 O  O   . ALA A 1 38  ? -8.802  -4.140  1.664   1.00 45.28  ? 17  ALA A O   1 
ATOM   124 C  CB  . ALA A 1 38  ? -9.943  -2.940  4.412   1.00 43.55  ? 17  ALA A CB  1 
ATOM   125 N  N   . ASP A 1 39  ? -10.807 -4.968  2.266   1.00 44.55  ? 18  ASP A N   1 
ATOM   126 C  CA  . ASP A 1 39  ? -10.642 -6.234  1.519   1.00 45.01  ? 18  ASP A CA  1 
ATOM   127 C  C   . ASP A 1 39  ? -10.498 -6.051  0.030   1.00 45.50  ? 18  ASP A C   1 
ATOM   128 O  O   . ASP A 1 39  ? -9.581  -6.613  -0.559  1.00 46.83  ? 18  ASP A O   1 
ATOM   129 C  CB  . ASP A 1 39  ? -11.805 -7.190  1.837   1.00 45.97  ? 18  ASP A CB  1 
ATOM   130 C  CG  . ASP A 1 39  ? -11.656 -7.776  3.225   1.00 47.35  ? 18  ASP A CG  1 
ATOM   131 O  OD1 . ASP A 1 39  ? -10.509 -7.676  3.729   1.00 48.16  ? 18  ASP A OD1 1 
ATOM   132 O  OD2 . ASP A 1 39  ? -12.633 -8.241  3.838   1.00 48.37  ? 18  ASP A OD2 1 
ATOM   133 N  N   . ALA A 1 40  ? -11.385 -5.263  -0.581  1.00 45.92  ? 19  ALA A N   1 
ATOM   134 C  CA  . ALA A 1 40  ? -11.224 -4.887  -1.970  1.00 46.69  ? 19  ALA A CA  1 
ATOM   135 C  C   . ALA A 1 40  ? -9.823  -4.305  -2.200  1.00 47.43  ? 19  ALA A C   1 
ATOM   136 O  O   . ALA A 1 40  ? -9.102  -4.724  -3.109  1.00 50.80  ? 19  ALA A O   1 
ATOM   137 C  CB  . ALA A 1 40  ? -12.301 -3.890  -2.370  1.00 46.53  ? 19  ALA A CB  1 
ATOM   138 N  N   . PHE A 1 41  ? -9.422  -3.327  -1.398  1.00 46.70  ? 20  PHE A N   1 
ATOM   139 C  CA  . PHE A 1 41  ? -8.081  -2.746  -1.566  1.00 46.55  ? 20  PHE A CA  1 
ATOM   140 C  C   . PHE A 1 41  ? -6.975  -3.791  -1.534  1.00 47.61  ? 20  PHE A C   1 
ATOM   141 O  O   . PHE A 1 41  ? -6.027  -3.736  -2.309  1.00 48.23  ? 20  PHE A O   1 
ATOM   142 C  CB  . PHE A 1 41  ? -7.771  -1.784  -0.443  1.00 46.45  ? 20  PHE A CB  1 
ATOM   143 C  CG  . PHE A 1 41  ? -6.342  -1.406  -0.400  1.00 46.03  ? 20  PHE A CG  1 
ATOM   144 C  CD1 . PHE A 1 41  ? -5.841  -0.529  -1.320  1.00 46.29  ? 20  PHE A CD1 1 
ATOM   145 C  CD2 . PHE A 1 41  ? -5.485  -1.999  0.489   1.00 45.75  ? 20  PHE A CD2 1 
ATOM   146 C  CE1 . PHE A 1 41  ? -4.496  -0.194  -1.329  1.00 47.34  ? 20  PHE A CE1 1 
ATOM   147 C  CE2 . PHE A 1 41  ? -4.136  -1.678  0.499   1.00 46.10  ? 20  PHE A CE2 1 
ATOM   148 C  CZ  . PHE A 1 41  ? -3.636  -0.769  -0.425  1.00 47.01  ? 20  PHE A CZ  1 
ATOM   149 N  N   . CYS A 1 42  ? -7.048  -4.694  -0.567  1.00 46.77  ? 21  CYS A N   1 
ATOM   150 C  CA  . CYS A 1 42  ? -5.959  -5.663  -0.384  1.00 48.31  ? 21  CYS A CA  1 
ATOM   151 C  C   . CYS A 1 42  ? -5.906  -6.587  -1.594  1.00 50.27  ? 21  CYS A C   1 
ATOM   152 O  O   . CYS A 1 42  ? -4.834  -6.893  -2.123  1.00 52.07  ? 21  CYS A O   1 
ATOM   153 C  CB  . CYS A 1 42  ? -6.200  -6.528  0.825   1.00 48.53  ? 21  CYS A CB  1 
ATOM   154 S  SG  . CYS A 1 42  ? -6.024  -5.687  2.406   1.00 51.43  ? 21  CYS A SG  1 
ATOM   155 N  N   . LEU A 1 43  ? -7.062  -7.076  -2.010  1.00 48.26  ? 22  LEU A N   1 
ATOM   156 C  CA  . LEU A 1 43  ? -7.079  -7.983  -3.171  1.00 49.89  ? 22  LEU A CA  1 
ATOM   157 C  C   . LEU A 1 43  ? -6.503  -7.300  -4.387  1.00 51.36  ? 22  LEU A C   1 
ATOM   158 O  O   . LEU A 1 43  ? -5.629  -7.863  -5.036  1.00 52.64  ? 22  LEU A O   1 
ATOM   159 C  CB  . LEU A 1 43  ? -8.479  -8.574  -3.431  1.00 49.78  ? 22  LEU A CB  1 
ATOM   160 C  CG  . LEU A 1 43  ? -8.687  -9.751  -2.463  1.00 48.99  ? 22  LEU A CG  1 
ATOM   161 C  CD1 . LEU A 1 43  ? -10.142 -9.973  -2.117  1.00 48.60  ? 22  LEU A CD1 1 
ATOM   162 C  CD2 . LEU A 1 43  ? -8.039  -11.006 -3.031  1.00 49.69  ? 22  LEU A CD2 1 
ATOM   163 N  N   . ASP A 1 44  ? -6.937  -6.062  -4.636  1.00 52.61  ? 23  ASP A N   1 
ATOM   164 C  CA  . ASP A 1 44  ? -6.435  -5.275  -5.742  1.00 53.93  ? 23  ASP A CA  1 
ATOM   165 C  C   . ASP A 1 44  ? -4.937  -5.001  -5.598  1.00 55.60  ? 23  ASP A C   1 
ATOM   166 O  O   . ASP A 1 44  ? -4.186  -4.956  -6.601  1.00 58.77  ? 23  ASP A O   1 
ATOM   167 C  CB  . ASP A 1 44  ? -7.161  -3.909  -5.845  1.00 55.04  ? 23  ASP A CB  1 
ATOM   168 C  CG  . ASP A 1 44  ? -8.603  -4.008  -6.386  1.00 55.35  ? 23  ASP A CG  1 
ATOM   169 O  OD1 . ASP A 1 44  ? -9.120  -5.104  -6.621  1.00 54.93  ? 23  ASP A OD1 1 
ATOM   170 O  OD2 . ASP A 1 44  ? -9.232  -2.954  -6.578  1.00 54.96  ? 23  ASP A OD2 1 
ATOM   171 N  N   . MET A 1 45  ? -4.509  -4.715  -4.372  1.00 55.12  ? 24  MET A N   1 
ATOM   172 C  CA  . MET A 1 45  ? -3.096  -4.457  -4.128  1.00 54.41  ? 24  MET A CA  1 
ATOM   173 C  C   . MET A 1 45  ? -2.302  -5.709  -4.440  1.00 54.47  ? 24  MET A C   1 
ATOM   174 O  O   . MET A 1 45  ? -1.178  -5.624  -4.853  1.00 57.92  ? 24  MET A O   1 
ATOM   175 C  CB  . MET A 1 45  ? -2.862  -4.027  -2.685  1.00 53.88  ? 24  MET A CB  1 
ATOM   176 C  CG  . MET A 1 45  ? -1.400  -3.931  -2.282  1.00 54.58  ? 24  MET A CG  1 
ATOM   177 S  SD  . MET A 1 45  ? -0.509  -2.775  -3.314  1.00 61.73  ? 24  MET A SD  1 
ATOM   178 C  CE  . MET A 1 45  ? -0.951  -1.184  -2.610  1.00 56.39  ? 24  MET A CE  1 
ATOM   179 N  N   . GLY A 1 46  ? -2.887  -6.876  -4.221  1.00 56.25  ? 25  GLY A N   1 
ATOM   180 C  CA  . GLY A 1 46  ? -2.200  -8.136  -4.494  1.00 58.47  ? 25  GLY A CA  1 
ATOM   181 C  C   . GLY A 1 46  ? -1.961  -8.327  -5.993  1.00 61.43  ? 25  GLY A C   1 
ATOM   182 O  O   . GLY A 1 46  ? -0.876  -8.766  -6.405  1.00 62.14  ? 25  GLY A O   1 
ATOM   183 N  N   . GLN A 1 47  ? -2.970  -8.006  -6.808  1.00 60.03  ? 26  GLN A N   1 
ATOM   184 C  CA  . GLN A 1 47  ? -2.821  -8.079  -8.257  1.00 64.41  ? 26  GLN A CA  1 
ATOM   185 C  C   . GLN A 1 47  ? -1.803  -7.027  -8.715  1.00 66.05  ? 26  GLN A C   1 
ATOM   186 O  O   . GLN A 1 47  ? -0.993  -7.307  -9.589  1.00 70.14  ? 26  GLN A O   1 
ATOM   187 C  CB  . GLN A 1 47  ? -4.187  -7.964  -8.991  1.00 63.27  ? 26  GLN A CB  1 
ATOM   188 N  N   . VAL A 1 48  ? -1.789  -5.837  -8.105  1.00 65.41  ? 27  VAL A N   1 
ATOM   189 C  CA  . VAL A 1 48  ? -0.779  -4.836  -8.454  1.00 65.84  ? 27  VAL A CA  1 
ATOM   190 C  C   . VAL A 1 48  ? 0.669   -5.279  -8.139  1.00 68.27  ? 27  VAL A C   1 
ATOM   191 O  O   . VAL A 1 48  ? 1.559   -5.071  -8.947  1.00 69.86  ? 27  VAL A O   1 
ATOM   192 C  CB  . VAL A 1 48  ? -1.041  -3.474  -7.764  1.00 65.17  ? 27  VAL A CB  1 
ATOM   193 C  CG1 . VAL A 1 48  ? 0.224   -2.632  -7.746  1.00 63.80  ? 27  VAL A CG1 1 
ATOM   194 C  CG2 . VAL A 1 48  ? -2.175  -2.723  -8.457  1.00 64.69  ? 27  VAL A CG2 1 
ATOM   195 N  N   . LEU A 1 49  ? 0.915   -5.862  -6.961  1.00 68.12  ? 28  LEU A N   1 
ATOM   196 C  CA  . LEU A 1 49  ? 2.268   -6.380  -6.614  1.00 68.94  ? 28  LEU A CA  1 
ATOM   197 C  C   . LEU A 1 49  ? 2.678   -7.526  -7.544  1.00 73.46  ? 28  LEU A C   1 
ATOM   198 O  O   . LEU A 1 49  ? 3.868   -7.794  -7.711  1.00 75.17  ? 28  LEU A O   1 
ATOM   199 C  CB  . LEU A 1 49  ? 2.318   -6.904  -5.177  1.00 65.34  ? 28  LEU A CB  1 
ATOM   200 C  CG  . LEU A 1 49  ? 2.150   -5.921  -4.036  1.00 61.84  ? 28  LEU A CG  1 
ATOM   201 C  CD1 . LEU A 1 49  ? 1.921   -6.689  -2.750  1.00 59.82  ? 28  LEU A CD1 1 
ATOM   202 C  CD2 . LEU A 1 49  ? 3.376   -5.037  -3.945  1.00 62.81  ? 28  LEU A CD2 1 
ATOM   203 N  N   . ALA A 1 50  ? 1.675   -8.208  -8.113  1.00 75.62  ? 29  ALA A N   1 
ATOM   204 C  CA  . ALA A 1 50  ? 1.872   -9.320  -9.058  1.00 76.99  ? 29  ALA A CA  1 
ATOM   205 C  C   . ALA A 1 50  ? 2.364   -8.825  -10.394 1.00 79.02  ? 29  ALA A C   1 
ATOM   206 O  O   . ALA A 1 50  ? 3.425   -9.263  -10.857 1.00 82.26  ? 29  ALA A O   1 
ATOM   207 C  CB  . ALA A 1 50  ? 0.576   -10.101 -9.249  1.00 76.49  ? 29  ALA A CB  1 
ATOM   208 N  N   . LYS A 1 51  ? 1.594   -7.923  -11.015 1.00 79.01  ? 30  LYS A N   1 
ATOM   209 C  CA  . LYS A 1 51  ? 2.020   -7.296  -12.264 1.00 80.87  ? 30  LYS A CA  1 
ATOM   210 C  C   . LYS A 1 51  ? 3.410   -6.734  -12.021 1.00 82.23  ? 30  LYS A C   1 
ATOM   211 O  O   . LYS A 1 51  ? 4.361   -7.143  -12.675 1.00 87.76  ? 30  LYS A O   1 
ATOM   212 C  CB  . LYS A 1 51  ? 1.051   -6.204  -12.743 1.00 79.74  ? 30  LYS A CB  1 
ATOM   213 N  N   . GLU A 1 52  ? 3.539   -5.849  -11.039 1.00 80.10  ? 31  GLU A N   1 
ATOM   214 C  CA  . GLU A 1 52  ? 4.802   -5.136  -10.796 1.00 81.25  ? 31  GLU A CA  1 
ATOM   215 C  C   . GLU A 1 52  ? 6.035   -6.057  -10.624 1.00 83.66  ? 31  GLU A C   1 
ATOM   216 O  O   . GLU A 1 52  ? 7.094   -5.712  -11.136 1.00 87.08  ? 31  GLU A O   1 
ATOM   217 C  CB  . GLU A 1 52  ? 4.671   -4.152  -9.620  1.00 77.36  ? 31  GLU A CB  1 
ATOM   218 N  N   . THR A 1 53  ? 5.902   -7.214  -9.957  1.00 83.88  ? 32  THR A N   1 
ATOM   219 C  CA  . THR A 1 53  ? 7.060   -8.139  -9.717  1.00 86.40  ? 32  THR A CA  1 
ATOM   220 C  C   . THR A 1 53  ? 7.095   -9.398  -10.601 1.00 89.13  ? 32  THR A C   1 
ATOM   221 O  O   . THR A 1 53  ? 8.107   -10.109 -10.626 1.00 90.67  ? 32  THR A O   1 
ATOM   222 C  CB  . THR A 1 53  ? 7.145   -8.656  -8.255  1.00 82.89  ? 32  THR A CB  1 
ATOM   223 O  OG1 . THR A 1 53  ? 5.853   -9.071  -7.825  1.00 78.71  ? 32  THR A OG1 1 
ATOM   224 C  CG2 . THR A 1 53  ? 7.672   -7.601  -7.310  1.00 82.31  ? 32  THR A CG2 1 
ATOM   225 N  N   . GLY A 1 54  ? 5.996   -9.698  -11.289 1.00 89.35  ? 33  GLY A N   1 
ATOM   226 C  CA  . GLY A 1 54  ? 5.925   -10.898 -12.119 1.00 90.62  ? 33  GLY A CA  1 
ATOM   227 C  C   . GLY A 1 54  ? 5.907   -12.210 -11.340 1.00 90.27  ? 33  GLY A C   1 
ATOM   228 O  O   . GLY A 1 54  ? 5.919   -13.275 -11.948 1.00 94.68  ? 33  GLY A O   1 
ATOM   229 N  N   . LYS A 1 55  ? 5.896   -12.158 -10.008 1.00 87.86  ? 34  LYS A N   1 
ATOM   230 C  CA  . LYS A 1 55  ? 5.675   -13.364 -9.217  1.00 86.66  ? 34  LYS A CA  1 
ATOM   231 C  C   . LYS A 1 55  ? 4.182   -13.626 -9.354  1.00 85.01  ? 34  LYS A C   1 
ATOM   232 O  O   . LYS A 1 55  ? 3.439   -12.729 -9.738  1.00 85.87  ? 34  LYS A O   1 
ATOM   233 C  CB  . LYS A 1 55  ? 6.090   -13.162 -7.758  1.00 84.57  ? 34  LYS A CB  1 
ATOM   234 N  N   . PRO A 1 56  ? 3.730   -14.859 -9.101  1.00 85.16  ? 35  PRO A N   1 
ATOM   235 C  CA  . PRO A 1 56  ? 2.273   -15.071 -9.220  1.00 83.20  ? 35  PRO A CA  1 
ATOM   236 C  C   . PRO A 1 56  ? 1.435   -14.493 -8.057  1.00 80.02  ? 35  PRO A C   1 
ATOM   237 O  O   . PRO A 1 56  ? 1.905   -14.371 -6.918  1.00 78.25  ? 35  PRO A O   1 
ATOM   238 C  CB  . PRO A 1 56  ? 2.122   -16.598 -9.287  1.00 84.73  ? 35  PRO A CB  1 
ATOM   239 C  CG  . PRO A 1 56  ? 3.405   -17.152 -8.783  1.00 87.31  ? 35  PRO A CG  1 
ATOM   240 C  CD  . PRO A 1 56  ? 4.482   -16.115 -8.963  1.00 87.52  ? 35  PRO A CD  1 
ATOM   241 N  N   . VAL A 1 57  ? 0.185   -14.165 -8.367  1.00 75.42  ? 36  VAL A N   1 
ATOM   242 C  CA  . VAL A 1 57  ? -0.728  -13.566 -7.414  1.00 73.03  ? 36  VAL A CA  1 
ATOM   243 C  C   . VAL A 1 57  ? -0.842  -14.414 -6.151  1.00 69.99  ? 36  VAL A C   1 
ATOM   244 O  O   . VAL A 1 57  ? -0.912  -13.881 -5.059  1.00 65.61  ? 36  VAL A O   1 
ATOM   245 C  CB  . VAL A 1 57  ? -2.118  -13.344 -8.056  1.00 72.84  ? 36  VAL A CB  1 
ATOM   246 C  CG1 . VAL A 1 57  ? -2.765  -14.672 -8.466  1.00 76.69  ? 36  VAL A CG1 1 
ATOM   247 C  CG2 . VAL A 1 57  ? -3.012  -12.548 -7.127  1.00 68.10  ? 36  VAL A CG2 1 
ATOM   248 N  N   . SER A 1 58  ? -0.805  -15.732 -6.307  1.00 71.13  ? 37  SER A N   1 
ATOM   249 C  CA  . SER A 1 58  ? -0.915  -16.650 -5.168  1.00 72.07  ? 37  SER A CA  1 
ATOM   250 C  C   . SER A 1 58  ? 0.105   -16.423 -4.044  1.00 69.93  ? 37  SER A C   1 
ATOM   251 O  O   . SER A 1 58  ? -0.093  -16.932 -2.932  1.00 66.65  ? 37  SER A O   1 
ATOM   252 C  CB  . SER A 1 58  ? -0.794  -18.105 -5.651  1.00 75.77  ? 37  SER A CB  1 
ATOM   253 O  OG  . SER A 1 58  ? 0.568   -18.470 -5.846  1.00 80.18  ? 37  SER A OG  1 
ATOM   254 N  N   . TYR A 1 59  ? 1.199   -15.715 -4.341  1.00 71.45  ? 38  TYR A N   1 
ATOM   255 C  CA  . TYR A 1 59  ? 2.253   -15.452 -3.348  1.00 74.14  ? 38  TYR A CA  1 
ATOM   256 C  C   . TYR A 1 59  ? 2.295   -14.020 -2.828  1.00 70.02  ? 38  TYR A C   1 
ATOM   257 O  O   . TYR A 1 59  ? 3.204   -13.659 -2.066  1.00 67.18  ? 38  TYR A O   1 
ATOM   258 C  CB  . TYR A 1 59  ? 3.626   -15.819 -3.919  1.00 81.67  ? 38  TYR A CB  1 
ATOM   259 C  CG  . TYR A 1 59  ? 3.706   -17.271 -4.314  1.00 90.06  ? 38  TYR A CG  1 
ATOM   260 C  CD1 . TYR A 1 59  ? 3.183   -18.272 -3.480  1.00 93.47  ? 38  TYR A CD1 1 
ATOM   261 C  CD2 . TYR A 1 59  ? 4.286   -17.651 -5.513  1.00 95.24  ? 38  TYR A CD2 1 
ATOM   262 C  CE1 . TYR A 1 59  ? 3.232   -19.610 -3.838  1.00 98.86  ? 38  TYR A CE1 1 
ATOM   263 C  CE2 . TYR A 1 59  ? 4.344   -18.989 -5.881  1.00 101.56 ? 38  TYR A CE2 1 
ATOM   264 C  CZ  . TYR A 1 59  ? 3.815   -19.967 -5.041  1.00 102.89 ? 38  TYR A CZ  1 
ATOM   265 O  OH  . TYR A 1 59  ? 3.869   -21.306 -5.393  1.00 109.19 ? 38  TYR A OH  1 
ATOM   266 N  N   . CYS A 1 60  ? 1.323   -13.203 -3.218  1.00 65.75  ? 39  CYS A N   1 
ATOM   267 C  CA  . CYS A 1 60  ? 1.334   -11.800 -2.818  1.00 64.10  ? 39  CYS A CA  1 
ATOM   268 C  C   . CYS A 1 60  ? 0.425   -11.548 -1.604  1.00 60.21  ? 39  CYS A C   1 
ATOM   269 O  O   . CYS A 1 60  ? -0.757  -11.955 -1.584  1.00 58.70  ? 39  CYS A O   1 
ATOM   270 C  CB  . CYS A 1 60  ? 0.925   -10.939 -3.994  1.00 64.80  ? 39  CYS A CB  1 
ATOM   271 S  SG  . CYS A 1 60  ? 2.055   -11.118 -5.392  1.00 68.92  ? 39  CYS A SG  1 
ATOM   272 N  N   . MET A 1 61  ? 0.990   -10.884 -0.600  1.00 58.45  ? 40  MET A N   1 
ATOM   273 C  CA  . MET A 1 61  ? 0.261   -10.530 0.625   1.00 54.95  ? 40  MET A CA  1 
ATOM   274 C  C   . MET A 1 61  ? 0.065   -9.027  0.663   1.00 52.98  ? 40  MET A C   1 
ATOM   275 O  O   . MET A 1 61  ? 0.973   -8.271  0.326   1.00 53.81  ? 40  MET A O   1 
ATOM   276 C  CB  . MET A 1 61  ? 1.054   -10.990 1.832   1.00 55.76  ? 40  MET A CB  1 
ATOM   277 C  CG  . MET A 1 61  ? 0.435   -10.627 3.174   1.00 56.23  ? 40  MET A CG  1 
ATOM   278 S  SD  . MET A 1 61  ? 1.250   -11.476 4.528   1.00 55.55  ? 40  MET A SD  1 
ATOM   279 C  CE  . MET A 1 61  ? 0.685   -13.161 4.302   1.00 54.00  ? 40  MET A CE  1 
ATOM   280 N  N   . ALA A 1 62  ? -1.136  -8.586  1.026   1.00 51.53  ? 41  ALA A N   1 
ATOM   281 C  CA  . ALA A 1 62  ? -1.381  -7.167  1.262   1.00 49.67  ? 41  ALA A CA  1 
ATOM   282 C  C   . ALA A 1 62  ? -2.210  -7.052  2.510   1.00 47.17  ? 41  ALA A C   1 
ATOM   283 O  O   . ALA A 1 62  ? -3.003  -7.909  2.773   1.00 47.84  ? 41  ALA A O   1 
ATOM   284 C  CB  . ALA A 1 62  ? -2.092  -6.514  0.084   1.00 50.57  ? 41  ALA A CB  1 
ATOM   285 N  N   . GLY A 1 63  ? -1.995  -6.001  3.298   1.00 46.65  ? 42  GLY A N   1 
ATOM   286 C  CA  . GLY A 1 63  ? -2.760  -5.769  4.499   1.00 45.14  ? 42  GLY A CA  1 
ATOM   287 C  C   . GLY A 1 63  ? -2.996  -4.283  4.641   1.00 45.33  ? 42  GLY A C   1 
ATOM   288 O  O   . GLY A 1 63  ? -2.206  -3.483  4.136   1.00 46.29  ? 42  GLY A O   1 
ATOM   289 N  N   . VAL A 1 64  ? -4.087  -3.906  5.287   1.00 42.95  ? 43  VAL A N   1 
ATOM   290 C  CA  . VAL A 1 64  ? -4.294  -2.524  5.676   1.00 45.51  ? 43  VAL A CA  1 
ATOM   291 C  C   . VAL A 1 64  ? -4.767  -2.507  7.115   1.00 46.46  ? 43  VAL A C   1 
ATOM   292 O  O   . VAL A 1 64  ? -5.606  -3.294  7.520   1.00 45.71  ? 43  VAL A O   1 
ATOM   293 C  CB  . VAL A 1 64  ? -5.308  -1.793  4.760   1.00 46.63  ? 43  VAL A CB  1 
ATOM   294 C  CG1 . VAL A 1 64  ? -6.648  -2.489  4.780   1.00 46.28  ? 43  VAL A CG1 1 
ATOM   295 C  CG2 . VAL A 1 64  ? -5.451  -0.327  5.200   1.00 46.70  ? 43  VAL A CG2 1 
ATOM   296 N  N   . ARG A 1 65  ? -4.214  -1.625  7.916   1.00 50.09  ? 44  ARG A N   1 
ATOM   297 C  CA  . ARG A 1 65  ? -4.610  -1.567  9.304   1.00 53.06  ? 44  ARG A CA  1 
ATOM   298 C  C   . ARG A 1 65  ? -4.743  -0.119  9.723   1.00 54.87  ? 44  ARG A C   1 
ATOM   299 O  O   . ARG A 1 65  ? -3.968  0.726   9.275   1.00 49.53  ? 44  ARG A O   1 
ATOM   300 C  CB  . ARG A 1 65  ? -3.553  -2.270  10.142  1.00 59.51  ? 44  ARG A CB  1 
ATOM   301 C  CG  . ARG A 1 65  ? -2.181  -1.639  10.117  1.00 60.56  ? 44  ARG A CG  1 
ATOM   302 C  CD  . ARG A 1 65  ? -1.100  -2.586  10.643  1.00 67.42  ? 44  ARG A CD  1 
ATOM   303 N  NE  . ARG A 1 65  ? 0.199   -2.119  10.169  1.00 71.92  ? 44  ARG A NE  1 
ATOM   304 C  CZ  . ARG A 1 65  ? 1.326   -2.833  10.121  1.00 80.84  ? 44  ARG A CZ  1 
ATOM   305 N  NH1 . ARG A 1 65  ? 1.354   -4.103  10.541  1.00 85.07  ? 44  ARG A NH1 1 
ATOM   306 N  NH2 . ARG A 1 65  ? 2.447   -2.268  9.630   1.00 81.67  ? 44  ARG A NH2 1 
ATOM   307 N  N   . LYS A 1 66  ? -5.712  0.178   10.587  1.00 59.02  ? 45  LYS A N   1 
ATOM   308 C  CA  . LYS A 1 66  ? -5.950  1.565   10.924  1.00 59.76  ? 45  LYS A CA  1 
ATOM   309 C  C   . LYS A 1 66  ? -5.015  2.044   12.020  1.00 53.66  ? 45  LYS A C   1 
ATOM   310 O  O   . LYS A 1 66  ? -4.509  1.275   12.834  1.00 55.96  ? 45  LYS A O   1 
ATOM   311 C  CB  . LYS A 1 66  ? -7.419  1.899   11.213  1.00 66.41  ? 45  LYS A CB  1 
ATOM   312 C  CG  . LYS A 1 66  ? -7.778  3.249   10.529  1.00 72.99  ? 45  LYS A CG  1 
ATOM   313 C  CD  . LYS A 1 66  ? -9.063  3.907   11.021  1.00 78.71  ? 45  LYS A CD  1 
ATOM   314 C  CE  . LYS A 1 66  ? -8.811  5.222   11.741  1.00 83.36  ? 45  LYS A CE  1 
ATOM   315 N  NZ  . LYS A 1 66  ? -8.204  5.050   13.090  1.00 86.71  ? 45  LYS A NZ  1 
ATOM   316 N  N   . ALA A 1 67  ? -4.711  3.324   11.946  1.00 49.16  ? 46  ALA A N   1 
ATOM   317 C  CA  . ALA A 1 67  ? -3.847  3.978   12.895  1.00 47.12  ? 46  ALA A CA  1 
ATOM   318 C  C   . ALA A 1 67  ? -4.261  5.446   12.978  1.00 46.96  ? 46  ALA A C   1 
ATOM   319 O  O   . ALA A 1 67  ? -4.772  6.019   11.996  1.00 47.01  ? 46  ALA A O   1 
ATOM   320 C  CB  . ALA A 1 67  ? -2.404  3.869   12.433  1.00 43.21  ? 46  ALA A CB  1 
ATOM   321 N  N   . ASP A 1 68  ? -4.028  6.058   14.137  1.00 45.74  ? 47  ASP A N   1 
ATOM   322 C  CA  . ASP A 1 68  ? -4.108  7.492   14.248  1.00 45.88  ? 47  ASP A CA  1 
ATOM   323 C  C   . ASP A 1 68  ? -2.727  7.980   13.832  1.00 44.56  ? 47  ASP A C   1 
ATOM   324 O  O   . ASP A 1 68  ? -1.706  7.411   14.243  1.00 43.79  ? 47  ASP A O   1 
ATOM   325 C  CB  . ASP A 1 68  ? -4.434  7.878   15.678  1.00 48.10  ? 47  ASP A CB  1 
ATOM   326 C  CG  . ASP A 1 68  ? -5.750  7.271   16.165  1.00 49.47  ? 47  ASP A CG  1 
ATOM   327 O  OD1 . ASP A 1 68  ? -6.756  7.472   15.486  1.00 54.63  ? 47  ASP A OD1 1 
ATOM   328 O  OD2 . ASP A 1 68  ? -5.792  6.577   17.194  1.00 50.34  ? 47  ASP A OD2 1 
ATOM   329 N  N   . MET A 1 69  ? -2.680  9.000   13.001  1.00 42.88  ? 48  MET A N   1 
ATOM   330 C  CA  . MET A 1 69  ? -1.473  9.377   12.338  1.00 43.72  ? 48  MET A CA  1 
ATOM   331 C  C   . MET A 1 69  ? -1.518  10.868  12.047  1.00 45.91  ? 48  MET A C   1 
ATOM   332 O  O   . MET A 1 69  ? -2.583  11.410  11.816  1.00 45.44  ? 48  MET A O   1 
ATOM   333 C  CB  . MET A 1 69  ? -1.329  8.648   10.998  1.00 43.82  ? 48  MET A CB  1 
ATOM   334 C  CG  . MET A 1 69  ? -1.240  7.138   11.051  1.00 42.66  ? 48  MET A CG  1 
ATOM   335 S  SD  . MET A 1 69  ? -0.991  6.450   9.416   1.00 43.70  ? 48  MET A SD  1 
ATOM   336 C  CE  . MET A 1 69  ? 0.765   6.713   9.203   1.00 42.27  ? 48  MET A CE  1 
ATOM   337 N  N   . SER A 1 70  ? -0.346  11.499  12.086  1.00 48.18  ? 49  SER A N   1 
ATOM   338 C  CA  . SER A 1 70  ? -0.131  12.857  11.564  1.00 52.64  ? 49  SER A CA  1 
ATOM   339 C  C   . SER A 1 70  ? 1.027   12.868  10.599  1.00 53.88  ? 49  SER A C   1 
ATOM   340 O  O   . SER A 1 70  ? 1.936   12.044  10.688  1.00 53.58  ? 49  SER A O   1 
ATOM   341 C  CB  . SER A 1 70  ? 0.236   13.856  12.663  1.00 53.69  ? 49  SER A CB  1 
ATOM   342 O  OG  . SER A 1 70  ? 1.413   13.462  13.349  1.00 57.04  ? 49  SER A OG  1 
ATOM   343 N  N   . PHE A 1 71  ? 0.976   13.828  9.691   1.00 56.02  ? 50  PHE A N   1 
ATOM   344 C  CA  . PHE A 1 71  ? 2.025   14.070  8.740   1.00 58.15  ? 50  PHE A CA  1 
ATOM   345 C  C   . PHE A 1 71  ? 2.107   15.590  8.666   1.00 59.71  ? 50  PHE A C   1 
ATOM   346 O  O   . PHE A 1 71  ? 1.147   16.270  8.275   1.00 60.58  ? 50  PHE A O   1 
ATOM   347 C  CB  . PHE A 1 71  ? 1.665   13.453  7.396   1.00 61.81  ? 50  PHE A CB  1 
ATOM   348 C  CG  . PHE A 1 71  ? 2.728   13.612  6.364   1.00 68.04  ? 50  PHE A CG  1 
ATOM   349 C  CD1 . PHE A 1 71  ? 3.908   12.903  6.463   1.00 71.85  ? 50  PHE A CD1 1 
ATOM   350 C  CD2 . PHE A 1 71  ? 2.561   14.491  5.306   1.00 73.90  ? 50  PHE A CD2 1 
ATOM   351 C  CE1 . PHE A 1 71  ? 4.914   13.053  5.526   1.00 75.88  ? 50  PHE A CE1 1 
ATOM   352 C  CE2 . PHE A 1 71  ? 3.558   14.651  4.355   1.00 78.20  ? 50  PHE A CE2 1 
ATOM   353 C  CZ  . PHE A 1 71  ? 4.737   13.927  4.464   1.00 79.00  ? 50  PHE A CZ  1 
ATOM   354 N  N   . GLY A 1 72  ? 3.234   16.127  9.098   1.00 59.70  ? 51  GLY A N   1 
ATOM   355 C  CA  . GLY A 1 72  ? 3.358   17.573  9.251   1.00 62.06  ? 51  GLY A CA  1 
ATOM   356 C  C   . GLY A 1 72  ? 2.507   18.025  10.422  1.00 61.78  ? 51  GLY A C   1 
ATOM   357 O  O   . GLY A 1 72  ? 2.494   17.396  11.510  1.00 60.81  ? 51  GLY A O   1 
ATOM   358 N  N   . THR A 1 73  ? 1.766   19.093  10.183  1.00 61.81  ? 52  THR A N   1 
ATOM   359 C  CA  . THR A 1 73  ? 1.051   19.789  11.236  1.00 61.68  ? 52  THR A CA  1 
ATOM   360 C  C   . THR A 1 73  ? -0.456  19.429  11.223  1.00 60.60  ? 52  THR A C   1 
ATOM   361 O  O   . THR A 1 73  ? -1.277  20.112  11.844  1.00 61.52  ? 52  THR A O   1 
ATOM   362 C  CB  . THR A 1 73  ? 1.255   21.300  11.057  1.00 62.97  ? 52  THR A CB  1 
ATOM   363 O  OG1 . THR A 1 73  ? 0.701   21.703  9.807   1.00 63.94  ? 52  THR A OG1 1 
ATOM   364 C  CG2 . THR A 1 73  ? 2.731   21.616  11.068  1.00 65.51  ? 52  THR A CG2 1 
ATOM   365 N  N   . SER A 1 74  ? -0.820  18.345  10.538  1.00 59.42  ? 53  SER A N   1 
ATOM   366 C  CA  . SER A 1 74  ? -2.228  17.937  10.472  1.00 57.26  ? 53  SER A CA  1 
ATOM   367 C  C   . SER A 1 74  ? -2.348  16.437  10.512  1.00 55.18  ? 53  SER A C   1 
ATOM   368 O  O   . SER A 1 74  ? -1.413  15.719  10.175  1.00 53.29  ? 53  SER A O   1 
ATOM   369 C  CB  . SER A 1 74  ? -2.902  18.469  9.204   1.00 59.23  ? 53  SER A CB  1 
ATOM   370 O  OG  . SER A 1 74  ? -2.858  17.490  8.171   1.00 60.18  ? 53  SER A OG  1 
ATOM   371 N  N   . THR A 1 75  ? -3.521  15.984  10.946  1.00 54.20  ? 54  THR A N   1 
ATOM   372 C  CA  . THR A 1 75  ? -3.900  14.594  10.904  1.00 53.55  ? 54  THR A CA  1 
ATOM   373 C  C   . THR A 1 75  ? -4.676  14.300  9.624   1.00 53.30  ? 54  THR A C   1 
ATOM   374 O  O   . THR A 1 75  ? -5.470  13.384  9.595   1.00 53.61  ? 54  THR A O   1 
ATOM   375 C  CB  . THR A 1 75  ? -4.773  14.260  12.123  1.00 52.48  ? 54  THR A CB  1 
ATOM   376 O  OG1 . THR A 1 75  ? -5.885  15.169  12.157  1.00 53.73  ? 54  THR A OG1 1 
ATOM   377 C  CG2 . THR A 1 75  ? -3.969  14.453  13.369  1.00 51.87  ? 54  THR A CG2 1 
ATOM   378 N  N   . ASP A 1 76  ? -4.447  15.050  8.555   1.00 54.60  ? 55  ASP A N   1 
ATOM   379 C  CA  . ASP A 1 76  ? -5.153  14.724  7.329   1.00 55.77  ? 55  ASP A CA  1 
ATOM   380 C  C   . ASP A 1 76  ? -4.667  13.393  6.806   1.00 53.77  ? 55  ASP A C   1 
ATOM   381 O  O   . ASP A 1 76  ? -3.611  12.914  7.159   1.00 51.35  ? 55  ASP A O   1 
ATOM   382 C  CB  . ASP A 1 76  ? -4.958  15.772  6.265   1.00 59.01  ? 55  ASP A CB  1 
ATOM   383 C  CG  . ASP A 1 76  ? -5.686  17.074  6.581   1.00 63.42  ? 55  ASP A CG  1 
ATOM   384 O  OD1 . ASP A 1 76  ? -6.357  17.160  7.631   1.00 66.73  ? 55  ASP A OD1 1 
ATOM   385 O  OD2 . ASP A 1 76  ? -5.597  18.011  5.764   1.00 68.12  ? 55  ASP A OD2 1 
ATOM   386 N  N   . LEU A 1 77  ? -5.455  12.835  5.914   1.00 54.28  ? 56  LEU A N   1 
ATOM   387 C  CA  . LEU A 1 77  ? -5.268  11.492  5.414   1.00 52.78  ? 56  LEU A CA  1 
ATOM   388 C  C   . LEU A 1 77  ? -3.838  11.314  4.963   1.00 51.97  ? 56  LEU A C   1 
ATOM   389 O  O   . LEU A 1 77  ? -3.349  12.111  4.186   1.00 53.18  ? 56  LEU A O   1 
ATOM   390 C  CB  . LEU A 1 77  ? -6.220  11.307  4.244   1.00 53.80  ? 56  LEU A CB  1 
ATOM   391 C  CG  . LEU A 1 77  ? -6.396  9.993   3.528   1.00 54.17  ? 56  LEU A CG  1 
ATOM   392 C  CD1 . LEU A 1 77  ? -6.865  8.914   4.467   1.00 52.33  ? 56  LEU A CD1 1 
ATOM   393 C  CD2 . LEU A 1 77  ? -7.434  10.230  2.427   1.00 58.13  ? 56  LEU A CD2 1 
ATOM   394 N  N   . CYS A 1 78  ? -3.172  10.289  5.490   1.00 50.78  ? 57  CYS A N   1 
ATOM   395 C  CA  . CYS A 1 78  ? -1.823  9.888   5.046   1.00 51.42  ? 57  CYS A CA  1 
ATOM   396 C  C   . CYS A 1 78  ? -1.677  8.366   5.196   1.00 50.17  ? 57  CYS A C   1 
ATOM   397 O  O   . CYS A 1 78  ? -2.567  7.701   5.779   1.00 50.24  ? 57  CYS A O   1 
ATOM   398 C  CB  . CYS A 1 78  ? -0.750  10.642  5.818   1.00 51.56  ? 57  CYS A CB  1 
ATOM   399 S  SG  . CYS A 1 78  ? -0.824  10.334  7.576   1.00 51.36  ? 57  CYS A SG  1 
ATOM   400 N  N   . CYS A 1 79  ? -0.632  7.804   4.589   1.00 50.69  ? 58  CYS A N   1 
ATOM   401 C  CA  . CYS A 1 79  ? -0.380  6.340   4.623   1.00 51.65  ? 58  CYS A CA  1 
ATOM   402 C  C   . CYS A 1 79  ? 1.107   6.038   4.760   1.00 51.85  ? 58  CYS A C   1 
ATOM   403 O  O   . CYS A 1 79  ? 1.912   6.658   4.078   1.00 52.71  ? 58  CYS A O   1 
ATOM   404 C  CB  . CYS A 1 79  ? -0.768  5.668   3.305   1.00 51.90  ? 58  CYS A CB  1 
ATOM   405 S  SG  . CYS A 1 79  ? -2.494  5.739   2.864   1.00 57.86  ? 58  CYS A SG  1 
ATOM   406 N  N   . PHE A 1 80  ? 1.449   5.024   5.542   1.00 51.74  ? 59  PHE A N   1 
ATOM   407 C  CA  . PHE A 1 80  ? 2.789   4.445   5.542   1.00 53.32  ? 59  PHE A CA  1 
ATOM   408 C  C   . PHE A 1 80  ? 2.674   3.019   4.993   1.00 52.98  ? 59  PHE A C   1 
ATOM   409 O  O   . PHE A 1 80  ? 1.747   2.289   5.347   1.00 52.61  ? 59  PHE A O   1 
ATOM   410 C  CB  . PHE A 1 80  ? 3.378   4.446   6.955   1.00 54.45  ? 59  PHE A CB  1 
ATOM   411 C  CG  . PHE A 1 80  ? 4.777   3.900   7.018   1.00 58.19  ? 59  PHE A CG  1 
ATOM   412 C  CD1 . PHE A 1 80  ? 5.843   4.698   6.737   1.00 59.44  ? 59  PHE A CD1 1 
ATOM   413 C  CD2 . PHE A 1 80  ? 5.008   2.579   7.337   1.00 60.60  ? 59  PHE A CD2 1 
ATOM   414 C  CE1 . PHE A 1 80  ? 7.123   4.202   6.770   1.00 63.38  ? 59  PHE A CE1 1 
ATOM   415 C  CE2 . PHE A 1 80  ? 6.288   2.073   7.372   1.00 63.28  ? 59  PHE A CE2 1 
ATOM   416 C  CZ  . PHE A 1 80  ? 7.343   2.885   7.073   1.00 62.66  ? 59  PHE A CZ  1 
ATOM   417 N  N   . VAL A 1 81  ? 3.575   2.653   4.084   1.00 54.51  ? 60  VAL A N   1 
ATOM   418 C  CA  . VAL A 1 81  ? 3.628   1.324   3.492   1.00 54.60  ? 60  VAL A CA  1 
ATOM   419 C  C   . VAL A 1 81  ? 4.967   0.633   3.813   1.00 56.82  ? 60  VAL A C   1 
ATOM   420 O  O   . VAL A 1 81  ? 6.025   1.194   3.595   1.00 58.23  ? 60  VAL A O   1 
ATOM   421 C  CB  . VAL A 1 81  ? 3.456   1.388   1.968   1.00 55.19  ? 60  VAL A CB  1 
ATOM   422 C  CG1 . VAL A 1 81  ? 3.243   -0.003  1.415   1.00 54.06  ? 60  VAL A CG1 1 
ATOM   423 C  CG2 . VAL A 1 81  ? 2.297   2.320   1.582   1.00 52.97  ? 60  VAL A CG2 1 
ATOM   424 N  N   . ASP A 1 82  ? 4.892   -0.560  4.389   1.00 57.98  ? 61  ASP A N   1 
ATOM   425 C  CA  . ASP A 1 82  ? 6.024   -1.469  4.484   1.00 59.53  ? 61  ASP A CA  1 
ATOM   426 C  C   . ASP A 1 82  ? 5.911   -2.424  3.327   1.00 59.58  ? 61  ASP A C   1 
ATOM   427 O  O   . ASP A 1 82  ? 4.971   -3.209  3.291   1.00 56.02  ? 61  ASP A O   1 
ATOM   428 C  CB  . ASP A 1 82  ? 5.950   -2.297  5.763   1.00 61.54  ? 61  ASP A CB  1 
ATOM   429 C  CG  . ASP A 1 82  ? 6.590   -1.616  6.938   1.00 65.56  ? 61  ASP A CG  1 
ATOM   430 O  OD1 . ASP A 1 82  ? 7.836   -1.555  6.978   1.00 69.80  ? 61  ASP A OD1 1 
ATOM   431 O  OD2 . ASP A 1 82  ? 5.838   -1.144  7.816   1.00 68.05  ? 61  ASP A OD2 1 
ATOM   432 N  N   . PHE A 1 83  ? 6.857   -2.361  2.393   1.00 60.94  ? 62  PHE A N   1 
ATOM   433 C  CA  . PHE A 1 83  ? 6.956   -3.328  1.301   1.00 63.24  ? 62  PHE A CA  1 
ATOM   434 C  C   . PHE A 1 83  ? 8.066   -4.341  1.609   1.00 65.56  ? 62  PHE A C   1 
ATOM   435 O  O   . PHE A 1 83  ? 9.155   -3.958  2.007   1.00 67.15  ? 62  PHE A O   1 
ATOM   436 C  CB  . PHE A 1 83  ? 7.236   -2.603  -0.037  1.00 65.77  ? 62  PHE A CB  1 
ATOM   437 C  CG  . PHE A 1 83  ? 7.536   -3.534  -1.192  1.00 67.98  ? 62  PHE A CG  1 
ATOM   438 C  CD1 . PHE A 1 83  ? 6.525   -4.236  -1.822  1.00 68.67  ? 62  PHE A CD1 1 
ATOM   439 C  CD2 . PHE A 1 83  ? 8.837   -3.697  -1.655  1.00 72.14  ? 62  PHE A CD2 1 
ATOM   440 C  CE1 . PHE A 1 83  ? 6.801   -5.099  -2.880  1.00 70.31  ? 62  PHE A CE1 1 
ATOM   441 C  CE2 . PHE A 1 83  ? 9.122   -4.551  -2.716  1.00 73.88  ? 62  PHE A CE2 1 
ATOM   442 C  CZ  . PHE A 1 83  ? 8.102   -5.255  -3.324  1.00 72.30  ? 62  PHE A CZ  1 
ATOM   443 N  N   . TYR A 1 84  ? 7.781   -5.634  1.461   1.00 67.23  ? 63  TYR A N   1 
ATOM   444 C  CA  . TYR A 1 84  ? 8.808   -6.673  1.644   1.00 70.65  ? 63  TYR A CA  1 
ATOM   445 C  C   . TYR A 1 84  ? 8.927   -7.558  0.383   1.00 74.68  ? 63  TYR A C   1 
ATOM   446 O  O   . TYR A 1 84  ? 7.919   -7.908  -0.245  1.00 73.74  ? 63  TYR A O   1 
ATOM   447 C  CB  . TYR A 1 84  ? 8.520   -7.556  2.872   1.00 69.77  ? 63  TYR A CB  1 
ATOM   448 C  CG  . TYR A 1 84  ? 8.209   -6.842  4.174   1.00 66.75  ? 63  TYR A CG  1 
ATOM   449 C  CD1 . TYR A 1 84  ? 9.189   -6.662  5.142   1.00 67.57  ? 63  TYR A CD1 1 
ATOM   450 C  CD2 . TYR A 1 84  ? 6.925   -6.401  4.466   1.00 64.92  ? 63  TYR A CD2 1 
ATOM   451 C  CE1 . TYR A 1 84  ? 8.911   -6.022  6.346   1.00 66.35  ? 63  TYR A CE1 1 
ATOM   452 C  CE2 . TYR A 1 84  ? 6.641   -5.768  5.678   1.00 63.44  ? 63  TYR A CE2 1 
ATOM   453 C  CZ  . TYR A 1 84  ? 7.644   -5.586  6.603   1.00 63.42  ? 63  TYR A CZ  1 
ATOM   454 O  OH  . TYR A 1 84  ? 7.387   -4.976  7.791   1.00 65.70  ? 63  TYR A OH  1 
ATOM   455 N  N   . CYS A 1 85  ? 10.172  -7.880  0.016   1.00 80.33  ? 64  CYS A N   1 
ATOM   456 C  CA  . CYS A 1 85  ? 10.503  -8.779  -1.094  1.00 85.08  ? 64  CYS A CA  1 
ATOM   457 C  C   . CYS A 1 85  ? 11.757  -9.530  -0.681  1.00 90.32  ? 64  CYS A C   1 
ATOM   458 O  O   . CYS A 1 85  ? 12.691  -8.928  -0.136  1.00 90.69  ? 64  CYS A O   1 
ATOM   459 C  CB  . CYS A 1 85  ? 10.794  -8.022  -2.411  1.00 85.27  ? 64  CYS A CB  1 
ATOM   460 N  N   . ILE A 1 86  ? 11.755  -10.843 -0.918  1.00 93.20  ? 65  ILE A N   1 
ATOM   461 C  CA  . ILE A 1 86  ? 12.961  -11.653 -0.793  1.00 97.50  ? 65  ILE A CA  1 
ATOM   462 C  C   . ILE A 1 86  ? 13.831  -11.288 -2.004  1.00 102.99 ? 65  ILE A C   1 
ATOM   463 O  O   . ILE A 1 86  ? 13.459  -11.580 -3.149  1.00 101.20 ? 65  ILE A O   1 
ATOM   464 C  CB  . ILE A 1 86  ? 12.637  -13.158 -0.764  1.00 94.50  ? 65  ILE A CB  1 
ATOM   465 N  N   . GLY A 1 87  ? 14.948  -10.601 -1.747  1.00 107.44 ? 66  GLY A N   1 
ATOM   466 C  CA  . GLY A 1 87  ? 15.825  -10.098 -2.810  1.00 111.15 ? 66  GLY A CA  1 
ATOM   467 C  C   . GLY A 1 87  ? 16.627  -8.882  -2.383  1.00 113.37 ? 66  GLY A C   1 
ATOM   468 O  O   . GLY A 1 87  ? 17.295  -8.250  -3.207  1.00 114.40 ? 66  GLY A O   1 
ATOM   469 N  N   . LYS A 1 93  ? 15.835  0.444   -9.848  1.00 116.74 ? 72  LYS A N   1 
ATOM   470 C  CA  . LYS A 1 93  ? 14.848  -0.273  -10.654 1.00 119.26 ? 72  LYS A CA  1 
ATOM   471 C  C   . LYS A 1 93  ? 13.450  -0.203  -10.019 1.00 119.60 ? 72  LYS A C   1 
ATOM   472 O  O   . LYS A 1 93  ? 12.561  -0.993  -10.369 1.00 116.09 ? 72  LYS A O   1 
ATOM   473 C  CB  . LYS A 1 93  ? 15.273  -1.736  -10.802 1.00 120.18 ? 72  LYS A CB  1 
ATOM   474 N  N   . ASN A 1 94  ? 13.270  0.789   -9.129  1.00 121.40 ? 73  ASN A N   1 
ATOM   475 C  CA  . ASN A 1 94  ? 12.226  0.818   -8.053  1.00 112.13 ? 73  ASN A CA  1 
ATOM   476 C  C   . ASN A 1 94  ? 11.024  1.779   -8.099  1.00 109.30 ? 73  ASN A C   1 
ATOM   477 O  O   . ASN A 1 94  ? 9.990   1.476   -7.497  1.00 102.57 ? 73  ASN A O   1 
ATOM   478 C  CB  . ASN A 1 94  ? 12.911  1.135   -6.706  1.00 108.54 ? 73  ASN A CB  1 
ATOM   479 C  CG  . ASN A 1 94  ? 12.923  -0.036  -5.759  1.00 103.78 ? 73  ASN A CG  1 
ATOM   480 O  OD1 . ASN A 1 94  ? 12.131  -0.966  -5.892  1.00 104.89 ? 73  ASN A OD1 1 
ATOM   481 N  ND2 . ASN A 1 94  ? 13.815  0.010   -4.779  1.00 100.32 ? 73  ASN A ND2 1 
ATOM   482 N  N   . PRO A 1 95  ? 11.164  2.967   -8.726  1.00 112.25 ? 74  PRO A N   1 
ATOM   483 C  CA  . PRO A 1 95  ? 9.994   3.838   -8.635  1.00 109.27 ? 74  PRO A CA  1 
ATOM   484 C  C   . PRO A 1 95  ? 8.796   3.269   -9.394  1.00 106.33 ? 74  PRO A C   1 
ATOM   485 O  O   . PRO A 1 95  ? 7.712   3.847   -9.317  1.00 103.15 ? 74  PRO A O   1 
ATOM   486 C  CB  . PRO A 1 95  ? 10.474  5.158   -9.264  1.00 114.49 ? 74  PRO A CB  1 
ATOM   487 C  CG  . PRO A 1 95  ? 11.569  4.770   -10.196 1.00 119.10 ? 74  PRO A CG  1 
ATOM   488 C  CD  . PRO A 1 95  ? 12.203  3.529   -9.617  1.00 119.57 ? 74  PRO A CD  1 
ATOM   489 N  N   . SER A 1 96  ? 8.998   2.167   -10.128 1.00 104.85 ? 75  SER A N   1 
ATOM   490 C  CA  . SER A 1 96  ? 7.895   1.413   -10.732 1.00 102.16 ? 75  SER A CA  1 
ATOM   491 C  C   . SER A 1 96  ? 6.951   0.888   -9.644  1.00 94.84  ? 75  SER A C   1 
ATOM   492 O  O   . SER A 1 96  ? 5.724   1.015   -9.769  1.00 90.92  ? 75  SER A O   1 
ATOM   493 C  CB  . SER A 1 96  ? 8.417   0.250   -11.588 1.00 102.18 ? 75  SER A CB  1 
ATOM   494 N  N   . ILE A 1 97  ? 7.523   0.308   -8.583  1.00 92.38  ? 76  ILE A N   1 
ATOM   495 C  CA  . ILE A 1 97  ? 6.727   -0.232  -7.473  1.00 86.66  ? 76  ILE A CA  1 
ATOM   496 C  C   . ILE A 1 97  ? 6.032   0.915   -6.735  1.00 82.33  ? 76  ILE A C   1 
ATOM   497 O  O   . ILE A 1 97  ? 4.843   0.842   -6.490  1.00 79.37  ? 76  ILE A O   1 
ATOM   498 C  CB  . ILE A 1 97  ? 7.575   -1.080  -6.495  1.00 87.42  ? 76  ILE A CB  1 
ATOM   499 N  N   . SER A 1 98  ? 6.767   1.992   -6.444  1.00 84.09  ? 77  SER A N   1 
ATOM   500 C  CA  . SER A 1 98  ? 6.222   3.184   -5.744  1.00 82.67  ? 77  SER A CA  1 
ATOM   501 C  C   . SER A 1 98  ? 4.973   3.840   -6.331  1.00 80.52  ? 77  SER A C   1 
ATOM   502 O  O   . SER A 1 98  ? 4.044   4.175   -5.589  1.00 79.37  ? 77  SER A O   1 
ATOM   503 C  CB  . SER A 1 98  ? 7.275   4.281   -5.658  1.00 85.61  ? 77  SER A CB  1 
ATOM   504 O  OG  . SER A 1 98  ? 8.156   4.017   -4.594  1.00 90.07  ? 77  SER A OG  1 
ATOM   505 N  N   . ALA A 1 99  ? 4.984   4.059   -7.640  1.00 78.72  ? 78  ALA A N   1 
ATOM   506 C  CA  . ALA A 1 99  ? 3.879   4.695   -8.368  1.00 79.38  ? 78  ALA A CA  1 
ATOM   507 C  C   . ALA A 1 99  ? 2.698   3.769   -8.416  1.00 76.31  ? 78  ALA A C   1 
ATOM   508 O  O   . ALA A 1 99  ? 1.548   4.193   -8.294  1.00 78.22  ? 78  ALA A O   1 
ATOM   509 C  CB  . ALA A 1 99  ? 4.316   5.051   -9.803  1.00 82.93  ? 78  ALA A CB  1 
ATOM   510 N  N   . ALA A 1 100 ? 2.999   2.492   -8.606  1.00 74.65  ? 79  ALA A N   1 
ATOM   511 C  CA  . ALA A 1 100 ? 2.003   1.457   -8.606  1.00 71.91  ? 79  ALA A CA  1 
ATOM   512 C  C   . ALA A 1 100 ? 1.325   1.354   -7.231  1.00 69.50  ? 79  ALA A C   1 
ATOM   513 O  O   . ALA A 1 100 ? 0.100   1.420   -7.149  1.00 67.91  ? 79  ALA A O   1 
ATOM   514 C  CB  . ALA A 1 100 ? 2.645   0.135   -8.980  1.00 73.19  ? 79  ALA A CB  1 
ATOM   515 N  N   . ILE A 1 101 ? 2.102   1.189   -6.162  1.00 66.71  ? 80  ILE A N   1 
ATOM   516 C  CA  . ILE A 1 101 ? 1.513   1.106   -4.789  1.00 65.09  ? 80  ILE A CA  1 
ATOM   517 C  C   . ILE A 1 101 ? 0.714   2.385   -4.432  1.00 63.52  ? 80  ILE A C   1 
ATOM   518 O  O   . ILE A 1 101 ? -0.407  2.313   -3.928  1.00 61.91  ? 80  ILE A O   1 
ATOM   519 C  CB  . ILE A 1 101 ? 2.601   0.841   -3.718  1.00 66.76  ? 80  ILE A CB  1 
ATOM   520 C  CG1 . ILE A 1 101 ? 3.185   -0.568  -3.884  1.00 69.18  ? 80  ILE A CG1 1 
ATOM   521 C  CG2 . ILE A 1 101 ? 2.055   0.991   -2.301  1.00 65.90  ? 80  ILE A CG2 1 
ATOM   522 C  CD1 . ILE A 1 101 ? 4.248   -0.915  -2.850  1.00 68.29  ? 80  ILE A CD1 1 
ATOM   523 N  N   . THR A 1 102 ? 1.290   3.549   -4.728  1.00 63.89  ? 81  THR A N   1 
ATOM   524 C  CA  . THR A 1 102 ? 0.661   4.832   -4.441  1.00 64.83  ? 81  THR A CA  1 
ATOM   525 C  C   . THR A 1 102 ? -0.630  5.060   -5.212  1.00 67.13  ? 81  THR A C   1 
ATOM   526 O  O   . THR A 1 102 ? -1.620  5.543   -4.638  1.00 68.22  ? 81  THR A O   1 
ATOM   527 C  CB  . THR A 1 102 ? 1.637   5.980   -4.718  1.00 68.60  ? 81  THR A CB  1 
ATOM   528 O  OG1 . THR A 1 102 ? 2.657   5.929   -3.712  1.00 68.82  ? 81  THR A OG1 1 
ATOM   529 C  CG2 . THR A 1 102 ? 0.926   7.349   -4.696  1.00 69.26  ? 81  THR A CG2 1 
ATOM   530 N  N   . GLY A 1 103 ? -0.614  4.753   -6.508  1.00 67.62  ? 82  GLY A N   1 
ATOM   531 C  CA  . GLY A 1 103 ? -1.822  4.843   -7.316  1.00 68.84  ? 82  GLY A CA  1 
ATOM   532 C  C   . GLY A 1 103 ? -2.930  3.920   -6.817  1.00 65.40  ? 82  GLY A C   1 
ATOM   533 O  O   . GLY A 1 103 ? -4.116  4.238   -6.906  1.00 65.96  ? 82  GLY A O   1 
ATOM   534 N  N   . CYS A 1 104 ? -2.560  2.774   -6.277  1.00 62.18  ? 83  CYS A N   1 
ATOM   535 C  CA  . CYS A 1 104 ? -3.557  1.894   -5.696  1.00 59.27  ? 83  CYS A CA  1 
ATOM   536 C  C   . CYS A 1 104 ? -4.163  2.535   -4.456  1.00 57.78  ? 83  CYS A C   1 
ATOM   537 O  O   . CYS A 1 104 ? -5.372  2.500   -4.247  1.00 58.37  ? 83  CYS A O   1 
ATOM   538 C  CB  . CYS A 1 104 ? -2.926  0.558   -5.357  1.00 58.37  ? 83  CYS A CB  1 
ATOM   539 S  SG  . CYS A 1 104 ? -4.158  -0.691  -4.946  1.00 59.01  ? 83  CYS A SG  1 
ATOM   540 N  N   . LEU A 1 105 ? -3.312  3.131   -3.633  1.00 59.20  ? 84  LEU A N   1 
ATOM   541 C  CA  . LEU A 1 105 ? -3.758  3.796   -2.406  1.00 57.67  ? 84  LEU A CA  1 
ATOM   542 C  C   . LEU A 1 105 ? -4.693  4.964   -2.710  1.00 58.32  ? 84  LEU A C   1 
ATOM   543 O  O   . LEU A 1 105 ? -5.750  5.150   -2.078  1.00 57.60  ? 84  LEU A O   1 
ATOM   544 C  CB  . LEU A 1 105 ? -2.551  4.317   -1.641  1.00 58.77  ? 84  LEU A CB  1 
ATOM   545 C  CG  . LEU A 1 105 ? -1.786  3.263   -0.840  1.00 57.53  ? 84  LEU A CG  1 
ATOM   546 C  CD1 . LEU A 1 105 ? -0.570  3.907   -0.160  1.00 61.21  ? 84  LEU A CD1 1 
ATOM   547 C  CD2 . LEU A 1 105 ? -2.676  2.632   0.190   1.00 52.03  ? 84  LEU A CD2 1 
ATOM   548 N  N   . THR A 1 106 ? -4.292  5.746   -3.696  1.00 58.77  ? 85  THR A N   1 
ATOM   549 C  CA  . THR A 1 106 ? -5.084  6.876   -4.170  1.00 61.57  ? 85  THR A CA  1 
ATOM   550 C  C   . THR A 1 106 ? -6.432  6.463   -4.752  1.00 62.21  ? 85  THR A C   1 
ATOM   551 O  O   . THR A 1 106 ? -7.442  7.102   -4.459  1.00 64.22  ? 85  THR A O   1 
ATOM   552 C  CB  . THR A 1 106 ? -4.265  7.677   -5.197  1.00 63.95  ? 85  THR A CB  1 
ATOM   553 O  OG1 . THR A 1 106 ? -3.066  8.132   -4.548  1.00 63.48  ? 85  THR A OG1 1 
ATOM   554 C  CG2 . THR A 1 106 ? -5.050  8.837   -5.703  1.00 65.99  ? 85  THR A CG2 1 
ATOM   555 N  N   . GLN A 1 107 ? -6.455  5.384   -5.541  1.00 62.26  ? 86  GLN A N   1 
ATOM   556 C  CA  . GLN A 1 107 ? -7.710  4.864   -6.116  1.00 62.38  ? 86  GLN A CA  1 
ATOM   557 C  C   . GLN A 1 107 ? -8.685  4.392   -5.017  1.00 59.26  ? 86  GLN A C   1 
ATOM   558 O  O   . GLN A 1 107 ? -9.906  4.544   -5.169  1.00 59.92  ? 86  GLN A O   1 
ATOM   559 C  CB  . GLN A 1 107 ? -7.469  3.746   -7.168  1.00 60.39  ? 86  GLN A CB  1 
ATOM   560 N  N   . HIS A 1 108 ? -8.171  3.825   -3.924  1.00 56.84  ? 87  HIS A N   1 
ATOM   561 C  CA  . HIS A 1 108 ? -9.049  3.274   -2.868  1.00 54.58  ? 87  HIS A CA  1 
ATOM   562 C  C   . HIS A 1 108 ? -9.368  4.203   -1.714  1.00 55.65  ? 87  HIS A C   1 
ATOM   563 O  O   . HIS A 1 108 ? -10.517 4.204   -1.257  1.00 55.29  ? 87  HIS A O   1 
ATOM   564 C  CB  . HIS A 1 108 ? -8.506  1.952   -2.370  1.00 52.09  ? 87  HIS A CB  1 
ATOM   565 C  CG  . HIS A 1 108 ? -8.722  0.816   -3.348  1.00 52.72  ? 87  HIS A CG  1 
ATOM   566 N  ND1 . HIS A 1 108 ? -7.875  0.578   -4.395  1.00 54.60  ? 87  HIS A ND1 1 
ATOM   567 C  CD2 . HIS A 1 108 ? -9.753  -0.093  -3.466  1.00 51.29  ? 87  HIS A CD2 1 
ATOM   568 C  CE1 . HIS A 1 108 ? -8.344  -0.466  -5.120  1.00 52.98  ? 87  HIS A CE1 1 
ATOM   569 N  NE2 . HIS A 1 108 ? -9.499  -0.857  -4.581  1.00 52.74  ? 87  HIS A NE2 1 
ATOM   570 N  N   . PHE A 1 109 ? -8.392  5.007   -1.246  1.00 55.95  ? 88  PHE A N   1 
ATOM   571 C  CA  . PHE A 1 109 ? -8.557  5.831   -0.022  1.00 56.40  ? 88  PHE A CA  1 
ATOM   572 C  C   . PHE A 1 109 ? -8.564  7.342   -0.273  1.00 60.05  ? 88  PHE A C   1 
ATOM   573 O  O   . PHE A 1 109 ? -8.958  8.103   0.608   1.00 60.14  ? 88  PHE A O   1 
ATOM   574 C  CB  . PHE A 1 109 ? -7.480  5.493   1.020   1.00 55.68  ? 88  PHE A CB  1 
ATOM   575 C  CG  . PHE A 1 109 ? -7.434  4.030   1.376   1.00 55.26  ? 88  PHE A CG  1 
ATOM   576 C  CD1 . PHE A 1 109 ? -8.563  3.386   1.795   1.00 54.57  ? 88  PHE A CD1 1 
ATOM   577 C  CD2 . PHE A 1 109 ? -6.267  3.310   1.252   1.00 57.33  ? 88  PHE A CD2 1 
ATOM   578 C  CE1 . PHE A 1 109 ? -8.548  2.040   2.080   1.00 55.18  ? 88  PHE A CE1 1 
ATOM   579 C  CE2 . PHE A 1 109 ? -6.228  1.971   1.555   1.00 54.18  ? 88  PHE A CE2 1 
ATOM   580 C  CZ  . PHE A 1 109 ? -7.377  1.331   1.961   1.00 54.36  ? 88  PHE A CZ  1 
ATOM   581 N  N   . LYS A 1 110 ? -8.120  7.758   -1.458  1.00 61.80  ? 89  LYS A N   1 
ATOM   582 C  CA  . LYS A 1 110 ? -8.178  9.166   -1.889  1.00 65.20  ? 89  LYS A CA  1 
ATOM   583 C  C   . LYS A 1 110 ? -7.037  10.003  -1.270  1.00 64.29  ? 89  LYS A C   1 
ATOM   584 O  O   . LYS A 1 110 ? -7.054  11.237  -1.299  1.00 66.85  ? 89  LYS A O   1 
ATOM   585 C  CB  . LYS A 1 110 ? -9.567  9.768   -1.595  1.00 67.71  ? 89  LYS A CB  1 
ATOM   586 N  N   . VAL A 1 111 ? -6.034  9.308   -0.747  1.00 61.72  ? 90  VAL A N   1 
ATOM   587 C  CA  . VAL A 1 111 ? -4.847  9.931   -0.183  1.00 62.14  ? 90  VAL A CA  1 
ATOM   588 C  C   . VAL A 1 111 ? -4.056  10.678  -1.261  1.00 65.22  ? 90  VAL A C   1 
ATOM   589 O  O   . VAL A 1 111 ? -3.920  10.193  -2.379  1.00 65.47  ? 90  VAL A O   1 
ATOM   590 C  CB  . VAL A 1 111 ? -3.926  8.877   0.493   1.00 60.27  ? 90  VAL A CB  1 
ATOM   591 C  CG1 . VAL A 1 111 ? -3.473  7.818   -0.512  1.00 60.52  ? 90  VAL A CG1 1 
ATOM   592 C  CG2 . VAL A 1 111 ? -2.720  9.553   1.138   1.00 58.12  ? 90  VAL A CG2 1 
ATOM   593 N  N   . LYS A 1 112 ? -3.539  11.863  -0.919  1.00 67.10  ? 91  LYS A N   1 
ATOM   594 C  CA  . LYS A 1 112 ? -2.718  12.620  -1.847  1.00 69.07  ? 91  LYS A CA  1 
ATOM   595 C  C   . LYS A 1 112 ? -1.395  11.888  -1.863  1.00 66.66  ? 91  LYS A C   1 
ATOM   596 O  O   . LYS A 1 112 ? -0.970  11.409  -0.822  1.00 64.52  ? 91  LYS A O   1 
ATOM   597 C  CB  . LYS A 1 112 ? -2.525  14.064  -1.367  1.00 74.04  ? 91  LYS A CB  1 
ATOM   598 C  CG  . LYS A 1 112 ? -3.795  14.872  -1.093  1.00 76.94  ? 91  LYS A CG  1 
ATOM   599 C  CD  . LYS A 1 112 ? -3.439  16.240  -0.506  1.00 82.28  ? 91  LYS A CD  1 
ATOM   600 C  CE  . LYS A 1 112 ? -4.571  17.264  -0.633  1.00 87.19  ? 91  LYS A CE  1 
ATOM   601 N  NZ  . LYS A 1 112 ? -4.147  18.622  -0.165  1.00 90.70  ? 91  LYS A NZ  1 
ATOM   602 N  N   . PRO A 1 113 ? -0.759  11.744  -3.034  1.00 68.53  ? 92  PRO A N   1 
ATOM   603 C  CA  . PRO A 1 113 ? 0.530   11.049  -3.136  1.00 68.06  ? 92  PRO A CA  1 
ATOM   604 C  C   . PRO A 1 113 ? 1.645   11.655  -2.309  1.00 69.54  ? 92  PRO A C   1 
ATOM   605 O  O   . PRO A 1 113 ? 2.575   10.951  -1.917  1.00 70.09  ? 92  PRO A O   1 
ATOM   606 C  CB  . PRO A 1 113 ? 0.898   11.176  -4.622  1.00 72.57  ? 92  PRO A CB  1 
ATOM   607 C  CG  . PRO A 1 113 ? -0.360  11.487  -5.323  1.00 74.22  ? 92  PRO A CG  1 
ATOM   608 C  CD  . PRO A 1 113 ? -1.216  12.236  -4.342  1.00 73.88  ? 92  PRO A CD  1 
ATOM   609 N  N   . GLU A 1 114 ? 1.578   12.955  -2.052  1.00 73.10  ? 93  GLU A N   1 
ATOM   610 C  CA  . GLU A 1 114 ? 2.585   13.594  -1.212  1.00 73.40  ? 93  GLU A CA  1 
ATOM   611 C  C   . GLU A 1 114 ? 2.376   13.267  0.265   1.00 68.94  ? 93  GLU A C   1 
ATOM   612 O  O   . GLU A 1 114 ? 3.139   13.717  1.104   1.00 70.42  ? 93  GLU A O   1 
ATOM   613 C  CB  . GLU A 1 114 ? 2.626   15.114  -1.436  1.00 79.91  ? 93  GLU A CB  1 
ATOM   614 C  CG  . GLU A 1 114 ? 1.418   15.894  -0.925  1.00 83.74  ? 93  GLU A CG  1 
ATOM   615 C  CD  . GLU A 1 114 ? 0.316   16.072  -1.961  1.00 89.55  ? 93  GLU A CD  1 
ATOM   616 O  OE1 . GLU A 1 114 ? 0.339   15.399  -3.025  1.00 90.80  ? 93  GLU A OE1 1 
ATOM   617 O  OE2 . GLU A 1 114 ? -0.582  16.905  -1.698  1.00 95.21  ? 93  GLU A OE2 1 
ATOM   618 N  N   . ARG A 1 115 ? 1.358   12.476  0.594   1.00 64.57  ? 94  ARG A N   1 
ATOM   619 C  CA  . ARG A 1 115 ? 1.155   12.040  1.989   1.00 61.41  ? 94  ARG A CA  1 
ATOM   620 C  C   . ARG A 1 115 ? 1.268   10.499  2.161   1.00 59.05  ? 94  ARG A C   1 
ATOM   621 O  O   . ARG A 1 115 ? 0.602   9.890   3.019   1.00 56.41  ? 94  ARG A O   1 
ATOM   622 C  CB  . ARG A 1 115 ? -0.173  12.631  2.512   1.00 60.67  ? 94  ARG A CB  1 
ATOM   623 C  CG  . ARG A 1 115 ? -0.069  14.143  2.743   1.00 62.81  ? 94  ARG A CG  1 
ATOM   624 C  CD  . ARG A 1 115 ? -1.296  14.794  3.372   1.00 63.69  ? 94  ARG A CD  1 
ATOM   625 N  NE  . ARG A 1 115 ? -1.539  14.458  4.790   1.00 61.50  ? 94  ARG A NE  1 
ATOM   626 C  CZ  . ARG A 1 115 ? -1.188  15.193  5.859   1.00 62.20  ? 94  ARG A CZ  1 
ATOM   627 N  NH1 . ARG A 1 115 ? -0.535  16.328  5.713   1.00 64.38  ? 94  ARG A NH1 1 
ATOM   628 N  NH2 . ARG A 1 115 ? -1.509  14.789  7.102   1.00 60.59  ? 94  ARG A NH2 1 
ATOM   629 N  N   . VAL A 1 116 ? 2.124   9.894   1.334   1.00 59.33  ? 95  VAL A N   1 
ATOM   630 C  CA  . VAL A 1 116 ? 2.343   8.444   1.272   1.00 58.29  ? 95  VAL A CA  1 
ATOM   631 C  C   . VAL A 1 116 ? 3.847   8.153   1.343   1.00 60.09  ? 95  VAL A C   1 
ATOM   632 O  O   . VAL A 1 116 ? 4.594   8.484   0.428   1.00 63.83  ? 95  VAL A O   1 
ATOM   633 C  CB  . VAL A 1 116 ? 1.763   7.805   -0.029  1.00 59.43  ? 95  VAL A CB  1 
ATOM   634 C  CG1 . VAL A 1 116 ? 2.251   6.352   -0.209  1.00 56.64  ? 95  VAL A CG1 1 
ATOM   635 C  CG2 . VAL A 1 116 ? 0.234   7.859   -0.029  1.00 58.58  ? 95  VAL A CG2 1 
ATOM   636 N  N   . TYR A 1 117 ? 4.291   7.558   2.441   1.00 60.36  ? 96  TYR A N   1 
ATOM   637 C  CA  . TYR A 1 117 ? 5.666   7.077   2.578   1.00 61.78  ? 96  TYR A CA  1 
ATOM   638 C  C   . TYR A 1 117 ? 5.676   5.584   2.404   1.00 60.32  ? 96  TYR A C   1 
ATOM   639 O  O   . TYR A 1 117 ? 4.799   4.881   2.964   1.00 57.97  ? 96  TYR A O   1 
ATOM   640 C  CB  . TYR A 1 117 ? 6.220   7.390   3.979   1.00 65.56  ? 96  TYR A CB  1 
ATOM   641 C  CG  . TYR A 1 117 ? 6.788   8.797   4.182   1.00 71.15  ? 96  TYR A CG  1 
ATOM   642 C  CD1 . TYR A 1 117 ? 6.973   9.668   3.108   1.00 75.69  ? 96  TYR A CD1 1 
ATOM   643 C  CD2 . TYR A 1 117 ? 7.181   9.229   5.453   1.00 72.56  ? 96  TYR A CD2 1 
ATOM   644 C  CE1 . TYR A 1 117 ? 7.512   10.934  3.294   1.00 82.54  ? 96  TYR A CE1 1 
ATOM   645 C  CE2 . TYR A 1 117 ? 7.713   10.488  5.659   1.00 74.93  ? 96  TYR A CE2 1 
ATOM   646 C  CZ  . TYR A 1 117 ? 7.880   11.340  4.572   1.00 82.16  ? 96  TYR A CZ  1 
ATOM   647 O  OH  . TYR A 1 117 ? 8.420   12.602  4.723   1.00 84.23  ? 96  TYR A OH  1 
ATOM   648 N  N   . ILE A 1 118 ? 6.680   5.100   1.680   1.00 60.61  ? 97  ILE A N   1 
ATOM   649 C  CA  . ILE A 1 118 ? 6.878   3.679   1.433   1.00 62.83  ? 97  ILE A CA  1 
ATOM   650 C  C   . ILE A 1 118 ? 8.251   3.242   1.909   1.00 64.29  ? 97  ILE A C   1 
ATOM   651 O  O   . ILE A 1 118 ? 9.252   3.856   1.575   1.00 66.72  ? 97  ILE A O   1 
ATOM   652 C  CB  . ILE A 1 118 ? 6.750   3.350   -0.064  1.00 66.22  ? 97  ILE A CB  1 
ATOM   653 C  CG1 . ILE A 1 118 ? 5.357   3.758   -0.576  1.00 66.69  ? 97  ILE A CG1 1 
ATOM   654 C  CG2 . ILE A 1 118 ? 6.969   1.860   -0.298  1.00 66.54  ? 97  ILE A CG2 1 
ATOM   655 C  CD1 . ILE A 1 118 ? 5.145   3.512   -2.056  1.00 66.72  ? 97  ILE A CD1 1 
ATOM   656 N  N   . SER A 1 119 ? 8.309   2.171   2.675   1.00 63.61  ? 98  SER A N   1 
ATOM   657 C  CA  . SER A 1 119 ? 9.582   1.638   3.152   1.00 67.93  ? 98  SER A CA  1 
ATOM   658 C  C   . SER A 1 119 ? 9.883   0.351   2.394   1.00 69.92  ? 98  SER A C   1 
ATOM   659 O  O   . SER A 1 119 ? 9.121   -0.603  2.480   1.00 67.57  ? 98  SER A O   1 
ATOM   660 C  CB  . SER A 1 119 ? 9.498   1.357   4.661   1.00 70.31  ? 98  SER A CB  1 
ATOM   661 O  OG  . SER A 1 119 ? 10.553  0.521   5.114   1.00 71.92  ? 98  SER A OG  1 
ATOM   662 N  N   . PHE A 1 120 ? 10.986  0.317   1.651   1.00 74.62  ? 99  PHE A N   1 
ATOM   663 C  CA  . PHE A 1 120 ? 11.398  -0.907  0.968   1.00 79.56  ? 99  PHE A CA  1 
ATOM   664 C  C   . PHE A 1 120 ? 12.295  -1.771  1.862   1.00 82.20  ? 99  PHE A C   1 
ATOM   665 O  O   . PHE A 1 120 ? 13.410  -1.368  2.204   1.00 85.49  ? 99  PHE A O   1 
ATOM   666 C  CB  . PHE A 1 120 ? 12.114  -0.569  -0.336  1.00 83.99  ? 99  PHE A CB  1 
ATOM   667 C  CG  . PHE A 1 120 ? 11.198  -0.051  -1.407  1.00 85.20  ? 99  PHE A CG  1 
ATOM   668 C  CD1 . PHE A 1 120 ? 10.743  1.264   -1.374  1.00 84.63  ? 99  PHE A CD1 1 
ATOM   669 C  CD2 . PHE A 1 120 ? 10.796  -0.872  -2.456  1.00 88.61  ? 99  PHE A CD2 1 
ATOM   670 C  CE1 . PHE A 1 120 ? 9.901   1.745   -2.353  1.00 84.72  ? 99  PHE A CE1 1 
ATOM   671 C  CE2 . PHE A 1 120 ? 9.957   -0.397  -3.446  1.00 88.73  ? 99  PHE A CE2 1 
ATOM   672 C  CZ  . PHE A 1 120 ? 9.508   0.913   -3.391  1.00 88.74  ? 99  PHE A CZ  1 
ATOM   673 N  N   . ASN A 1 121 ? 11.806  -2.960  2.216   1.00 80.77  ? 100 ASN A N   1 
ATOM   674 C  CA  . ASN A 1 121 ? 12.544  -3.899  3.068   1.00 85.68  ? 100 ASN A CA  1 
ATOM   675 C  C   . ASN A 1 121 ? 12.965  -5.160  2.297   1.00 89.40  ? 100 ASN A C   1 
ATOM   676 O  O   . ASN A 1 121 ? 12.297  -6.194  2.364   1.00 87.24  ? 100 ASN A O   1 
ATOM   677 C  CB  . ASN A 1 121 ? 11.682  -4.267  4.282   1.00 85.16  ? 100 ASN A CB  1 
ATOM   678 C  CG  . ASN A 1 121 ? 11.253  -3.044  5.087   1.00 85.61  ? 100 ASN A CG  1 
ATOM   679 O  OD1 . ASN A 1 121 ? 12.090  -2.369  5.699   1.00 89.82  ? 100 ASN A OD1 1 
ATOM   680 N  ND2 . ASN A 1 121 ? 9.950   -2.751  5.091   1.00 82.35  ? 100 ASN A ND2 1 
ATOM   681 N  N   . GLU A 1 122 ? 14.079  -5.065  1.573   1.00 93.43  ? 101 GLU A N   1 
ATOM   682 C  CA  . GLU A 1 122 ? 14.498  -6.124  0.653   1.00 97.91  ? 101 GLU A CA  1 
ATOM   683 C  C   . GLU A 1 122 ? 15.574  -7.011  1.281   1.00 102.78 ? 101 GLU A C   1 
ATOM   684 O  O   . GLU A 1 122 ? 15.423  -8.234  1.353   1.00 102.97 ? 101 GLU A O   1 
ATOM   685 C  CB  . GLU A 1 122 ? 15.008  -5.510  -0.659  1.00 99.94  ? 101 GLU A CB  1 
HETATM 686 S  S   . SO4 B 2 .   ? -16.759 -1.705  9.168   1.00 89.99  ? 115 SO4 A S   1 
HETATM 687 O  O1  . SO4 B 2 .   ? -17.778 -0.736  8.658   1.00 96.58  ? 115 SO4 A O1  1 
HETATM 688 O  O2  . SO4 B 2 .   ? -16.329 -2.563  8.041   1.00 100.54 ? 115 SO4 A O2  1 
HETATM 689 O  O3  . SO4 B 2 .   ? -15.592 -0.968  9.751   1.00 100.46 ? 115 SO4 A O3  1 
HETATM 690 O  O4  . SO4 B 2 .   ? -17.340 -2.608  10.197  1.00 102.07 ? 115 SO4 A O4  1 
HETATM 691 CL CL  . CL  C 3 .   ? -6.371  -0.638  -7.963  1.00 59.89  ? 116 CL  A CL  1 
HETATM 692 O  O   . HOH D 4 .   ? -10.690 9.202   4.919   1.00 60.54  ? 117 HOH A O   1 
HETATM 693 O  O   . HOH D 4 .   ? -7.920  5.693   18.041  1.00 46.65  ? 118 HOH A O   1 
HETATM 694 O  O   . HOH D 4 .   ? -7.890  14.745  4.907   1.00 62.85  ? 119 HOH A O   1 
HETATM 695 O  O   . HOH D 4 .   ? -11.833 5.066   2.462   1.00 67.10  ? 120 HOH A O   1 
HETATM 696 O  O   . HOH D 4 .   ? -15.828 1.575   -2.281  1.00 53.61  ? 121 HOH A O   1 
HETATM 697 O  O   . HOH D 4 .   ? -5.961  -2.172  12.270  1.00 58.39  ? 122 HOH A O   1 
HETATM 698 O  O   . HOH D 4 .   ? -6.442  -1.783  15.081  0.33 81.13  ? 123 HOH A O   1 
HETATM 699 O  O   . HOH D 4 .   ? -4.354  13.068  1.844   1.00 49.15  ? 124 HOH A O   1 
HETATM 700 O  O   . HOH D 4 .   ? -6.183  14.976  2.206   1.00 60.16  ? 125 HOH A O   1 
HETATM 701 O  O   . HOH D 4 .   ? -18.052 0.924   -3.458  1.00 51.10  ? 126 HOH A O   1 
# 
loop_
_atom_site_anisotrop.id 
_atom_site_anisotrop.type_symbol 
_atom_site_anisotrop.pdbx_label_atom_id 
_atom_site_anisotrop.pdbx_label_alt_id 
_atom_site_anisotrop.pdbx_label_comp_id 
_atom_site_anisotrop.pdbx_label_asym_id 
_atom_site_anisotrop.pdbx_label_seq_id 
_atom_site_anisotrop.pdbx_PDB_ins_code 
_atom_site_anisotrop.U[1][1] 
_atom_site_anisotrop.U[2][2] 
_atom_site_anisotrop.U[3][3] 
_atom_site_anisotrop.U[1][2] 
_atom_site_anisotrop.U[1][3] 
_atom_site_anisotrop.U[2][3] 
_atom_site_anisotrop.pdbx_auth_seq_id 
_atom_site_anisotrop.pdbx_auth_comp_id 
_atom_site_anisotrop.pdbx_auth_asym_id 
_atom_site_anisotrop.pdbx_auth_atom_id 
1   N N   . SER A 21  ? 1.1190 1.3645 1.1615 0.0104  0.2406  -0.1675 0   SER A N   
2   C CA  . SER A 21  ? 1.1757 1.3561 1.1688 0.0177  0.2213  -0.1552 0   SER A CA  
3   C C   . SER A 21  ? 1.1274 1.2830 1.1316 0.0301  0.1901  -0.1417 0   SER A C   
4   O O   . SER A 21  ? 1.0712 1.2539 1.1131 0.0283  0.1828  -0.1370 0   SER A O   
5   C CB  . SER A 21  ? 1.2098 1.3715 1.1853 0.0405  0.2261  -0.1763 0   SER A CB  
6   O OG  . SER A 21  ? 1.2296 1.3306 1.1482 0.0371  0.2139  -0.1633 0   SER A OG  
7   N N   . MET A 22  ? 1.1455 1.2485 1.1142 0.0407  0.1723  -0.1360 1   MET A N   
8   C CA  . MET A 22  ? 1.1332 1.2019 1.0939 0.0427  0.1456  -0.1189 1   MET A CA  
9   C C   . MET A 22  ? 1.0635 1.1431 1.0289 0.0181  0.1448  -0.0980 1   MET A C   
10  O O   . MET A 22  ? 1.0750 1.1609 1.0652 0.0210  0.1303  -0.0915 1   MET A O   
11  C CB  . MET A 22  ? 1.1606 1.2316 1.1548 0.0695  0.1259  -0.1297 1   MET A CB  
12  C CG  . MET A 22  ? 1.2105 1.2698 1.2046 0.0980  0.1223  -0.1527 1   MET A CG  
13  S SD  . MET A 22  ? 1.3125 1.3047 1.2402 0.1003  0.1151  -0.1501 1   MET A SD  
14  C CE  . MET A 22  ? 1.3153 1.2987 1.2542 0.1383  0.1068  -0.1804 1   MET A CE  
15  N N   . PRO A 23  ? 1.0279 1.1057 0.9666 -0.0061 0.1584  -0.0879 2   PRO A N   
16  C CA  . PRO A 23  ? 0.9826 1.0717 0.9269 -0.0282 0.1574  -0.0709 2   PRO A CA  
17  C C   . PRO A 23  ? 0.9170 0.9706 0.8449 -0.0309 0.1362  -0.0537 2   PRO A C   
18  O O   . PRO A 23  ? 0.8743 0.8922 0.7718 -0.0276 0.1285  -0.0507 2   PRO A O   
19  C CB  . PRO A 23  ? 1.0002 1.0883 0.9131 -0.0514 0.1751  -0.0671 2   PRO A CB  
20  C CG  . PRO A 23  ? 1.0296 1.0843 0.9057 -0.0437 0.1761  -0.0728 2   PRO A CG  
21  C CD  . PRO A 23  ? 1.0560 1.1097 0.9509 -0.0144 0.1694  -0.0891 2   PRO A CD  
22  N N   . CYS A 24  ? 0.8700 0.9350 0.8187 -0.0376 0.1276  -0.0436 3   CYS A N   
23  C CA  . CYS A 24  ? 0.8401 0.8773 0.7792 -0.0387 0.1093  -0.0307 3   CYS A CA  
24  C C   . CYS A 24  ? 0.7930 0.8406 0.7414 -0.0557 0.1059  -0.0175 3   CYS A C   
25  O O   . CYS A 24  ? 0.7690 0.8462 0.7456 -0.0587 0.1093  -0.0192 3   CYS A O   
26  C CB  . CYS A 24  ? 0.8431 0.8719 0.7974 -0.0188 0.0952  -0.0370 3   CYS A CB  
27  S SG  . CYS A 24  ? 0.9436 0.9435 0.8879 -0.0229 0.0763  -0.0232 3   CYS A SG  
28  N N   . ALA A 25  ? 0.7532 0.7766 0.6788 -0.0667 0.0983  -0.0053 4   ALA A N   
29  C CA  . ALA A 25  ? 0.7095 0.7344 0.6400 -0.0803 0.0911  0.0066  4   ALA A CA  
30  C C   . ALA A 25  ? 0.6983 0.7014 0.6271 -0.0750 0.0753  0.0122  4   ALA A C   
31  O O   . ALA A 25  ? 0.7057 0.6867 0.6146 -0.0753 0.0707  0.0141  4   ALA A O   
32  C CB  . ALA A 25  ? 0.7180 0.7338 0.6233 -0.0988 0.0949  0.0142  4   ALA A CB  
33  N N   . ILE A 26  ? 0.6509 0.6615 0.6004 -0.0714 0.0676  0.0138  5   ILE A N   
34  C CA  . ILE A 26  ? 0.6366 0.6284 0.5842 -0.0682 0.0548  0.0177  5   ILE A CA  
35  C C   . ILE A 26  ? 0.6289 0.6217 0.5807 -0.0797 0.0483  0.0268  5   ILE A C   
36  O O   . ILE A 26  ? 0.6470 0.6563 0.6140 -0.0850 0.0483  0.0293  5   ILE A O   
37  C CB  . ILE A 26  ? 0.6525 0.6440 0.6140 -0.0557 0.0481  0.0125  5   ILE A CB  
38  C CG1 . ILE A 26  ? 0.6695 0.6579 0.6275 -0.0427 0.0514  0.0024  5   ILE A CG1 
39  C CG2 . ILE A 26  ? 0.6306 0.5982 0.5818 -0.0547 0.0375  0.0151  5   ILE A CG2 
40  C CD1 . ILE A 26  ? 0.6851 0.6430 0.6167 -0.0390 0.0474  0.0007  5   ILE A CD1 
41  N N   . VAL A 27  ? 0.6183 0.5934 0.5571 -0.0834 0.0416  0.0309  6   VAL A N   
42  C CA  . VAL A 27  ? 0.6017 0.5713 0.5405 -0.0923 0.0325  0.0383  6   VAL A CA  
43  C C   . VAL A 27  ? 0.5811 0.5398 0.5255 -0.0868 0.0229  0.0374  6   VAL A C   
44  O O   . VAL A 27  ? 0.5903 0.5400 0.5302 -0.0807 0.0229  0.0322  6   VAL A O   
45  C CB  . VAL A 27  ? 0.6199 0.5762 0.5415 -0.0988 0.0291  0.0413  6   VAL A CB  
46  C CG1 . VAL A 27  ? 0.6396 0.5842 0.5593 -0.1056 0.0153  0.0480  6   VAL A CG1 
47  C CG2 . VAL A 27  ? 0.6359 0.5982 0.5443 -0.1070 0.0394  0.0423  6   VAL A CG2 
48  N N   . THR A 28  ? 0.5811 0.5399 0.5334 -0.0906 0.0153  0.0420  7   THR A N   
49  C CA  . THR A 28  ? 0.5626 0.5083 0.5168 -0.0868 0.0059  0.0408  7   THR A CA  
50  C C   . THR A 28  ? 0.5798 0.5139 0.5290 -0.0930 -0.0051 0.0459  7   THR A C   
51  O O   . THR A 28  ? 0.5931 0.5281 0.5398 -0.1032 -0.0091 0.0534  7   THR A O   
52  C CB  . THR A 28  ? 0.5764 0.5255 0.5405 -0.0852 0.0027  0.0415  7   THR A CB  
53  O OG1 . THR A 28  ? 0.5910 0.5497 0.5600 -0.0787 0.0097  0.0369  7   THR A OG1 
54  C CG2 . THR A 28  ? 0.5596 0.4912 0.5198 -0.0809 -0.0048 0.0384  7   THR A CG2 
55  N N   . THR A 29  ? 0.5806 0.5035 0.5279 -0.0876 -0.0105 0.0407  8   THR A N   
56  C CA  . THR A 29  ? 0.5826 0.4916 0.5258 -0.0897 -0.0242 0.0430  8   THR A CA  
57  C C   . THR A 29  ? 0.5966 0.4974 0.5473 -0.0800 -0.0308 0.0338  8   THR A C   
58  O O   . THR A 29  ? 0.6027 0.5098 0.5587 -0.0742 -0.0217 0.0250  8   THR A O   
59  C CB  . THR A 29  ? 0.6093 0.5157 0.5436 -0.0931 -0.0257 0.0446  8   THR A CB  
60  O OG1 . THR A 29  ? 0.6331 0.5203 0.5613 -0.0946 -0.0441 0.0471  8   THR A OG1 
61  C CG2 . THR A 29  ? 0.5856 0.4999 0.5248 -0.0858 -0.0180 0.0354  8   THR A CG2 
62  N N   . ASN A 30  ? 0.6013 0.4860 0.5501 -0.0794 -0.0467 0.0350  9   ASN A N   
63  C CA  . ASN A 30  ? 0.6109 0.4895 0.5694 -0.0685 -0.0533 0.0235  9   ASN A CA  
64  C C   . ASN A 30  ? 0.6084 0.4856 0.5741 -0.0625 -0.0630 0.0171  9   ASN A C   
65  O O   . ASN A 30  ? 0.6225 0.4978 0.6011 -0.0519 -0.0701 0.0050  9   ASN A O   
66  C CB  . ASN A 30  ? 0.6285 0.4874 0.5816 -0.0684 -0.0668 0.0259  9   ASN A CB  
67  C CG  . ASN A 30  ? 0.6454 0.4839 0.5841 -0.0768 -0.0846 0.0375  9   ASN A CG  
68  O OD1 . ASN A 30  ? 0.6513 0.4913 0.5821 -0.0846 -0.0848 0.0447  9   ASN A OD1 
69  N ND2 . ASN A 30  ? 0.6327 0.4482 0.5632 -0.0770 -0.1000 0.0396  9   ASN A ND2 
70  N N   . ALA A 31  ? 0.6206 0.4994 0.5790 -0.0688 -0.0634 0.0236  10  ALA A N   
71  C CA  . ALA A 31  ? 0.6347 0.5131 0.6007 -0.0633 -0.0737 0.0174  10  ALA A CA  
72  C C   . ALA A 31  ? 0.6192 0.5193 0.6080 -0.0541 -0.0637 0.0013  10  ALA A C   
73  O O   . ALA A 31  ? 0.6009 0.5148 0.5906 -0.0561 -0.0450 -0.0019 10  ALA A O   
74  C CB  . ALA A 31  ? 0.6280 0.5030 0.5771 -0.0737 -0.0732 0.0270  10  ALA A CB  
75  N N   . ASP A 32  ? 0.6583 0.5600 0.6652 -0.0445 -0.0779 -0.0096 11  ASP A N   
76  C CA  . ASP A 32  ? 0.6741 0.6012 0.7083 -0.0370 -0.0705 -0.0274 11  ASP A CA  
77  C C   . ASP A 32  ? 0.6895 0.6234 0.7213 -0.0432 -0.0703 -0.0239 11  ASP A C   
78  O O   . ASP A 32  ? 0.7340 0.6534 0.7619 -0.0423 -0.0901 -0.0191 11  ASP A O   
79  C CB  . ASP A 32  ? 0.7152 0.6420 0.7751 -0.0216 -0.0895 -0.0426 11  ASP A CB  
80  N N   . PHE A 33  ? 0.6619 0.6114 0.6897 -0.0507 -0.0498 -0.0246 12  PHE A N   
81  C CA  . PHE A 33  ? 0.6510 0.6046 0.6726 -0.0575 -0.0486 -0.0212 12  PHE A CA  
82  C C   . PHE A 33  ? 0.6294 0.6083 0.6663 -0.0602 -0.0322 -0.0345 12  PHE A C   
83  O O   . PHE A 33  ? 0.6312 0.6176 0.6689 -0.0613 -0.0171 -0.0403 12  PHE A O   
84  C CB  . PHE A 33  ? 0.6459 0.5843 0.6349 -0.0678 -0.0408 -0.0048 12  PHE A CB  
85  C CG  . PHE A 33  ? 0.6277 0.5682 0.6064 -0.0706 -0.0225 -0.0021 12  PHE A CG  
86  C CD1 . PHE A 33  ? 0.6083 0.5590 0.5847 -0.0740 -0.0065 -0.0075 12  PHE A CD1 
87  C CD2 . PHE A 33  ? 0.6404 0.5706 0.6108 -0.0706 -0.0241 0.0057  12  PHE A CD2 
88  C CE1 . PHE A 33  ? 0.6149 0.5623 0.5799 -0.0756 0.0057  -0.0052 12  PHE A CE1 
89  C CE2 . PHE A 33  ? 0.6107 0.5427 0.5746 -0.0721 -0.0112 0.0075  12  PHE A CE2 
90  C CZ  . PHE A 33  ? 0.5982 0.5375 0.5592 -0.0737 0.0027  0.0018  12  PHE A CZ  
91  N N   . THR A 34  ? 0.6215 0.6118 0.6688 -0.0630 -0.0363 -0.0393 13  THR A N   
92  C CA  . THR A 34  ? 0.6073 0.6181 0.6608 -0.0714 -0.0196 -0.0487 13  THR A CA  
93  C C   . THR A 34  ? 0.5966 0.5916 0.6140 -0.0823 -0.0068 -0.0362 13  THR A C   
94  O O   . THR A 34  ? 0.5880 0.5629 0.5836 -0.0822 -0.0121 -0.0227 13  THR A O   
95  C CB  . THR A 34  ? 0.6189 0.6474 0.6972 -0.0715 -0.0311 -0.0580 13  THR A CB  
96  O OG1 . THR A 34  ? 0.6197 0.6269 0.6749 -0.0758 -0.0432 -0.0442 13  THR A OG1 
97  C CG2 . THR A 34  ? 0.6212 0.6622 0.7378 -0.0563 -0.0501 -0.0710 13  THR A CG2 
98  N N   . LYS A 35  ? 0.5915 0.5943 0.6018 -0.0919 0.0095  -0.0417 14  LYS A N   
99  C CA  . LYS A 35  ? 0.5992 0.5838 0.5749 -0.1003 0.0197  -0.0323 14  LYS A CA  
100 C C   . LYS A 35  ? 0.6080 0.5820 0.5704 -0.1030 0.0111  -0.0245 14  LYS A C   
101 O O   . LYS A 35  ? 0.6532 0.6083 0.5888 -0.1036 0.0137  -0.0144 14  LYS A O   
102 C CB  . LYS A 35  ? 0.6164 0.6064 0.5830 -0.1130 0.0344  -0.0403 14  LYS A CB  
103 N N   . ASP A 36  ? 0.6178 0.6049 0.5993 -0.1047 0.0009  -0.0304 15  ASP A N   
104 C CA  . ASP A 36  ? 0.6347 0.6076 0.5993 -0.1089 -0.0091 -0.0230 15  ASP A CA  
105 C C   . ASP A 36  ? 0.6342 0.5873 0.5854 -0.1029 -0.0211 -0.0116 15  ASP A C   
106 O O   . ASP A 36  ? 0.6314 0.5647 0.5530 -0.1073 -0.0207 -0.0024 15  ASP A O   
107 C CB  . ASP A 36  ? 0.6566 0.6481 0.6466 -0.1127 -0.0205 -0.0324 15  ASP A CB  
108 C CG  . ASP A 36  ? 0.6715 0.6834 0.6711 -0.1239 -0.0065 -0.0437 15  ASP A CG  
109 O OD1 . ASP A 36  ? 0.6938 0.6929 0.6652 -0.1315 0.0093  -0.0403 15  ASP A OD1 
110 O OD2 . ASP A 36  ? 0.6705 0.7111 0.7060 -0.1256 -0.0123 -0.0565 15  ASP A OD2 
111 N N   . GLN A 37  ? 0.6271 0.5840 0.5972 -0.0941 -0.0309 -0.0127 16  GLN A N   
112 C CA  . GLN A 37  ? 0.6379 0.5735 0.5908 -0.0920 -0.0409 -0.0012 16  GLN A CA  
113 C C   . GLN A 37  ? 0.6416 0.5677 0.5704 -0.0943 -0.0250 0.0072  16  GLN A C   
114 O O   . GLN A 37  ? 0.6792 0.5887 0.5835 -0.0989 -0.0261 0.0168  16  GLN A O   
115 C CB  . GLN A 37  ? 0.6433 0.5807 0.6186 -0.0826 -0.0561 -0.0046 16  GLN A CB  
116 C CG  . GLN A 37  ? 0.6599 0.5988 0.6557 -0.0780 -0.0801 -0.0111 16  GLN A CG  
117 C CD  . GLN A 37  ? 0.6775 0.6108 0.6910 -0.0665 -0.0986 -0.0145 16  GLN A CD  
118 O OE1 . GLN A 37  ? 0.6570 0.6013 0.6848 -0.0601 -0.0896 -0.0205 16  GLN A OE1 
119 N NE2 . GLN A 37  ? 0.6927 0.6041 0.7017 -0.0641 -0.1267 -0.0109 16  GLN A NE2 
120 N N   . ALA A 38  ? 0.6205 0.5571 0.5561 -0.0917 -0.0106 0.0029  17  ALA A N   
121 C CA  . ALA A 38  ? 0.6054 0.5348 0.5228 -0.0922 0.0018  0.0094  17  ALA A CA  
122 C C   . ALA A 38  ? 0.6304 0.5503 0.5231 -0.0971 0.0099  0.0121  17  ALA A C   
123 O O   . ALA A 38  ? 0.6439 0.5561 0.5202 -0.0976 0.0152  0.0180  17  ALA A O   
124 C CB  . ALA A 38  ? 0.5973 0.5343 0.5228 -0.0891 0.0121  0.0040  17  ALA A CB  
125 N N   . ASP A 39  ? 0.6271 0.5481 0.5171 -0.1011 0.0119  0.0064  18  ASP A N   
126 C CA  . ASP A 39  ? 0.6467 0.5537 0.5097 -0.1056 0.0172  0.0082  18  ASP A CA  
127 C C   . ASP A 39  ? 0.6631 0.5571 0.5084 -0.1091 0.0106  0.0146  18  ASP A C   
128 O O   . ASP A 39  ? 0.6913 0.5741 0.5138 -0.1093 0.0186  0.0175  18  ASP A O   
129 C CB  . ASP A 39  ? 0.6582 0.5673 0.5208 -0.1125 0.0179  0.0013  18  ASP A CB  
130 C CG  . ASP A 39  ? 0.6753 0.5862 0.5376 -0.1133 0.0283  -0.0039 18  ASP A CG  
131 O OD1 . ASP A 39  ? 0.6889 0.5946 0.5463 -0.1065 0.0335  -0.0012 18  ASP A OD1 
132 O OD2 . ASP A 39  ? 0.6841 0.6021 0.5515 -0.1214 0.0306  -0.0108 18  ASP A OD2 
133 N N   . ALA A 40  ? 0.6654 0.5593 0.5199 -0.1119 -0.0047 0.0156  19  ALA A N   
134 C CA  . ALA A 40  ? 0.6887 0.5644 0.5210 -0.1172 -0.0139 0.0230  19  ALA A CA  
135 C C   . ALA A 40  ? 0.7038 0.5748 0.5235 -0.1174 -0.0061 0.0295  19  ALA A C   
136 O O   . ALA A 40  ? 0.7600 0.6184 0.5516 -0.1228 0.0015  0.0330  19  ALA A O   
137 C CB  . ALA A 40  ? 0.6820 0.5562 0.5296 -0.1178 -0.0364 0.0230  19  ALA A CB  
138 N N   . PHE A 41  ? 0.6842 0.5659 0.5240 -0.1126 -0.0074 0.0303  20  PHE A N   
139 C CA  . PHE A 41  ? 0.6859 0.5663 0.5165 -0.1152 -0.0001 0.0363  20  PHE A CA  
140 C C   . PHE A 41  ? 0.7007 0.5871 0.5210 -0.1135 0.0196  0.0339  20  PHE A C   
141 O O   . PHE A 41  ? 0.7151 0.5989 0.5183 -0.1195 0.0279  0.0369  20  PHE A O   
142 C CB  . PHE A 41  ? 0.6725 0.5647 0.5277 -0.1093 -0.0027 0.0360  20  PHE A CB  
143 C CG  . PHE A 41  ? 0.6670 0.5639 0.5178 -0.1124 0.0071  0.0407  20  PHE A CG  
144 C CD1 . PHE A 41  ? 0.6802 0.5654 0.5130 -0.1236 0.0021  0.0487  20  PHE A CD1 
145 C CD2 . PHE A 41  ? 0.6547 0.5666 0.5168 -0.1058 0.0206  0.0369  20  PHE A CD2 
146 C CE1 . PHE A 41  ? 0.6913 0.5854 0.5218 -0.1296 0.0130  0.0521  20  PHE A CE1 
147 C CE2 . PHE A 41  ? 0.6557 0.5769 0.5191 -0.1088 0.0291  0.0396  20  PHE A CE2 
148 C CZ  . PHE A 41  ? 0.6739 0.5891 0.5229 -0.1215 0.0267  0.0470  20  PHE A CZ  
149 N N   . CYS A 42  ? 0.6835 0.5783 0.5148 -0.1055 0.0267  0.0274  21  CYS A N   
150 C CA  . CYS A 42  ? 0.7040 0.6024 0.5290 -0.1002 0.0414  0.0236  21  CYS A CA  
151 C C   . CYS A 42  ? 0.7427 0.6277 0.5395 -0.1039 0.0472  0.0220  21  CYS A C   
152 O O   . CYS A 42  ? 0.7677 0.6557 0.5549 -0.1031 0.0589  0.0198  21  CYS A O   
153 C CB  . CYS A 42  ? 0.7036 0.6032 0.5368 -0.0928 0.0435  0.0175  21  CYS A CB  
154 S SG  . CYS A 42  ? 0.7273 0.6394 0.5872 -0.0878 0.0404  0.0171  21  CYS A SG  
155 N N   . LEU A 43  ? 0.7259 0.5972 0.5102 -0.1081 0.0395  0.0217  22  LEU A N   
156 C CA  . LEU A 43  ? 0.7631 0.6167 0.5158 -0.1124 0.0436  0.0202  22  LEU A CA  
157 C C   . LEU A 43  ? 0.7900 0.6377 0.5238 -0.1215 0.0463  0.0250  22  LEU A C   
158 O O   . LEU A 43  ? 0.8132 0.6582 0.5286 -0.1215 0.0599  0.0209  22  LEU A O   
159 C CB  . LEU A 43  ? 0.7699 0.6092 0.5122 -0.1177 0.0324  0.0197  22  LEU A CB  
160 C CG  . LEU A 43  ? 0.7596 0.5976 0.5040 -0.1121 0.0366  0.0133  22  LEU A CG  
161 C CD1 . LEU A 43  ? 0.7523 0.5899 0.5041 -0.1190 0.0259  0.0121  22  LEU A CD1 
162 C CD2 . LEU A 43  ? 0.7847 0.6041 0.4991 -0.1086 0.0455  0.0086  22  LEU A CD2 
163 N N   . ASP A 44  ? 0.8052 0.6506 0.5432 -0.1292 0.0335  0.0324  23  ASP A N   
164 C CA  . ASP A 44  ? 0.8336 0.6676 0.5478 -0.1420 0.0336  0.0386  23  ASP A CA  
165 C C   . ASP A 44  ? 0.8466 0.6992 0.5668 -0.1423 0.0514  0.0369  23  ASP A C   
166 O O   . ASP A 44  ? 0.8967 0.7447 0.5914 -0.1534 0.0630  0.0371  23  ASP A O   
167 C CB  . ASP A 44  ? 0.8496 0.6733 0.5682 -0.1486 0.0118  0.0469  23  ASP A CB  
168 C CG  . ASP A 44  ? 0.8632 0.6668 0.5727 -0.1514 -0.0091 0.0484  23  ASP A CG  
169 O OD1 . ASP A 44  ? 0.8628 0.6610 0.5630 -0.1500 -0.0069 0.0442  23  ASP A OD1 
170 O OD2 . ASP A 44  ? 0.8613 0.6531 0.5735 -0.1549 -0.0302 0.0536  23  ASP A OD2 
171 N N   . MET A 45  ? 0.8220 0.6965 0.5757 -0.1325 0.0533  0.0352  24  MET A N   
172 C CA  . MET A 45  ? 0.8014 0.6979 0.5677 -0.1322 0.0681  0.0328  24  MET A CA  
173 C C   . MET A 45  ? 0.8012 0.7063 0.5618 -0.1251 0.0865  0.0221  24  MET A C   
174 O O   . MET A 45  ? 0.8394 0.7609 0.6005 -0.1292 0.1016  0.0179  24  MET A O   
175 C CB  . MET A 45  ? 0.7771 0.6913 0.5787 -0.1219 0.0638  0.0327  24  MET A CB  
176 C CG  . MET A 45  ? 0.7709 0.7109 0.5918 -0.1193 0.0771  0.0288  24  MET A CG  
177 S SD  . MET A 45  ? 0.8643 0.8099 0.6710 -0.1409 0.0842  0.0350  24  MET A SD  
178 C CE  . MET A 45  ? 0.7966 0.7329 0.6130 -0.1471 0.0636  0.0468  24  MET A CE  
179 N N   . GLY A 46  ? 0.8290 0.7236 0.5847 -0.1145 0.0847  0.0164  25  GLY A N   
180 C CA  . GLY A 46  ? 0.8590 0.7555 0.6068 -0.1049 0.0988  0.0048  25  GLY A CA  
181 C C   . GLY A 46  ? 0.9117 0.7974 0.6251 -0.1163 0.1101  0.0023  25  GLY A C   
182 O O   . GLY A 46  ? 0.9157 0.8163 0.6290 -0.1127 0.1279  -0.0084 25  GLY A O   
183 N N   . GLN A 47  ? 0.9124 0.7720 0.5964 -0.1299 0.0994  0.0107  26  GLN A N   
184 C CA  . GLN A 47  ? 0.9871 0.8295 0.6306 -0.1443 0.1081  0.0099  26  GLN A CA  
185 C C   . GLN A 47  ? 1.0027 0.8615 0.6451 -0.1591 0.1203  0.0121  26  GLN A C   
186 O O   . GLN A 47  ? 1.0598 0.9231 0.6821 -0.1664 0.1400  0.0041  26  GLN A O   
187 C CB  . GLN A 47  ? 0.9953 0.8019 0.6066 -0.1559 0.0890  0.0192  26  GLN A CB  
188 N N   . VAL A 48  ? 0.9842 0.8531 0.6478 -0.1641 0.1103  0.0216  27  VAL A N   
189 C CA  . VAL A 48  ? 0.9852 0.8693 0.6471 -0.1805 0.1213  0.0242  27  VAL A CA  
190 C C   . VAL A 48  ? 0.9927 0.9178 0.6834 -0.1725 0.1457  0.0104  27  VAL A C   
191 O O   . VAL A 48  ? 1.0132 0.9508 0.6900 -0.1875 0.1649  0.0055  27  VAL A O   
192 C CB  . VAL A 48  ? 0.9712 0.8547 0.6500 -0.1862 0.1031  0.0367  27  VAL A CB  
193 C CG1 . VAL A 48  ? 0.9422 0.8506 0.6312 -0.1994 0.1165  0.0372  27  VAL A CG1 
194 C CG2 . VAL A 48  ? 0.9899 0.8332 0.6347 -0.2003 0.0802  0.0493  27  VAL A CG2 
195 N N   . LEU A 49  ? 0.9705 0.9165 0.7010 -0.1498 0.1443  0.0035  28  LEU A N   
196 C CA  . LEU A 49  ? 0.9572 0.9421 0.7200 -0.1380 0.1631  -0.0116 28  LEU A CA  
197 C C   . LEU A 49  ? 1.0205 1.0059 0.7645 -0.1329 0.1820  -0.0274 28  LEU A C   
198 O O   . LEU A 49  ? 1.0241 1.0436 0.7884 -0.1290 0.2020  -0.0422 28  LEU A O   
199 C CB  . LEU A 49  ? 0.8951 0.8910 0.6964 -0.1139 0.1526  -0.0155 28  LEU A CB  
200 C CG  . LEU A 49  ? 0.8406 0.8417 0.6670 -0.1143 0.1369  -0.0044 28  LEU A CG  
201 C CD1 . LEU A 49  ? 0.8087 0.8070 0.6570 -0.0923 0.1255  -0.0083 28  LEU A CD1 
202 C CD2 . LEU A 49  ? 0.8333 0.8686 0.6844 -0.1239 0.1468  -0.0053 28  LEU A CD2 
203 N N   . ALA A 50  ? 1.0721 1.0211 0.7798 -0.1322 0.1750  -0.0256 29  ALA A N   
204 C CA  . ALA A 50  ? 1.1020 1.0410 0.7824 -0.1280 0.1902  -0.0397 29  ALA A CA  
205 C C   . ALA A 50  ? 1.1382 1.0784 0.7855 -0.1523 0.2099  -0.0419 29  ALA A C   
206 O O   . ALA A 50  ? 1.1682 1.1351 0.8220 -0.1496 0.2344  -0.0595 29  ALA A O   
207 C CB  . ALA A 50  ? 1.1207 1.0166 0.7690 -0.1237 0.1740  -0.0348 29  ALA A CB  
208 N N   . LYS A 51  ? 1.1602 1.0705 0.7712 -0.1761 0.1986  -0.0253 30  LYS A N   
209 C CA  . LYS A 51  ? 1.1993 1.1031 0.7701 -0.2049 0.2146  -0.0243 30  LYS A CA  
210 C C   . LYS A 51  ? 1.1884 1.1420 0.7938 -0.2110 0.2363  -0.0327 30  LYS A C   
211 O O   . LYS A 51  ? 1.2515 1.2293 0.8536 -0.2154 0.2642  -0.0498 30  LYS A O   
212 C CB  . LYS A 51  ? 1.2118 1.0746 0.7434 -0.2289 0.1925  -0.0031 30  LYS A CB  
213 N N   . GLU A 52  ? 1.1436 1.1149 0.7849 -0.2102 0.2237  -0.0228 31  GLU A N   
214 C CA  . GLU A 52  ? 1.1323 1.1491 0.8055 -0.2207 0.2405  -0.0277 31  GLU A CA  
215 C C   . GLU A 52  ? 1.1318 1.1997 0.8469 -0.2023 0.2661  -0.0527 31  GLU A C   
216 O O   . GLU A 52  ? 1.1613 1.2642 0.8831 -0.2192 0.2909  -0.0628 31  GLU A O   
217 C CB  . GLU A 52  ? 1.0698 1.0934 0.7761 -0.2183 0.2192  -0.0134 31  GLU A CB  
218 N N   . THR A 53  ? 1.1251 1.1957 0.8661 -0.1693 0.2597  -0.0636 32  THR A N   
219 C CA  . THR A 53  ? 1.1273 1.2434 0.9121 -0.1466 0.2785  -0.0892 32  THR A CA  
220 C C   . THR A 53  ? 1.1740 1.2791 0.9335 -0.1350 0.2945  -0.1084 32  THR A C   
221 O O   . THR A 53  ? 1.1699 1.3132 0.9620 -0.1178 0.3127  -0.1327 32  THR A O   
222 C CB  . THR A 53  ? 1.0624 1.1898 0.8970 -0.1144 0.2591  -0.0919 32  THR A CB  
223 O OG1 . THR A 53  ? 1.0335 1.1131 0.8439 -0.1043 0.2346  -0.0790 32  THR A OG1 
224 C CG2 . THR A 53  ? 1.0317 1.1887 0.9071 -0.1203 0.2513  -0.0830 32  THR A CG2 
225 N N   . GLY A 54  ? 1.2124 1.2657 0.9165 -0.1424 0.2859  -0.0989 33  GLY A N   
226 C CA  . GLY A 54  ? 1.2448 1.2796 0.9184 -0.1321 0.2981  -0.1158 33  GLY A CA  
227 C C   . GLY A 54  ? 1.2332 1.2641 0.9322 -0.0947 0.2868  -0.1290 33  GLY A C   
228 O O   . GLY A 54  ? 1.3022 1.3169 0.9782 -0.0825 0.2954  -0.1450 33  GLY A O   
229 N N   . LYS A 55  ? 1.1848 1.2265 0.9268 -0.0769 0.2668  -0.1232 34  LYS A N   
230 C CA  . LYS A 55  ? 1.1717 1.1953 0.9257 -0.0455 0.2500  -0.1311 34  LYS A CA  
231 C C   . LYS A 55  ? 1.1858 1.1525 0.8915 -0.0527 0.2301  -0.1135 34  LYS A C   
232 O O   . LYS A 55  ? 1.2103 1.1611 0.8909 -0.0771 0.2252  -0.0951 34  LYS A O   
233 C CB  . LYS A 55  ? 1.1196 1.1668 0.9269 -0.0287 0.2338  -0.1287 34  LYS A CB  
234 N N   . PRO A 56  ? 1.2033 1.1378 0.8943 -0.0328 0.2176  -0.1199 35  PRO A N   
235 C CA  . PRO A 56  ? 1.2094 1.0941 0.8576 -0.0430 0.1987  -0.1031 35  PRO A CA  
236 C C   . PRO A 56  ? 1.1655 1.0435 0.8311 -0.0464 0.1754  -0.0833 35  PRO A C   
237 O O   . PRO A 56  ? 1.1231 1.0218 0.8281 -0.0334 0.1684  -0.0843 35  PRO A O   
238 C CB  . PRO A 56  ? 1.2474 1.0990 0.8729 -0.0223 0.1929  -0.1169 35  PRO A CB  
239 C CG  . PRO A 56  ? 1.2564 1.1386 0.9221 0.0043  0.2004  -0.1386 35  PRO A CG  
240 C CD  . PRO A 56  ? 1.2278 1.1656 0.9318 -0.0037 0.2214  -0.1439 35  PRO A CD  
241 N N   . VAL A 57  ? 1.1274 0.9756 0.7625 -0.0638 0.1630  -0.0670 36  VAL A N   
242 C CA  . VAL A 57  ? 1.0940 0.9373 0.7435 -0.0691 0.1433  -0.0504 36  VAL A CA  
243 C C   . VAL A 57  ? 1.0526 0.8879 0.7186 -0.0504 0.1300  -0.0538 36  VAL A C   
244 O O   . VAL A 57  ? 0.9833 0.8317 0.6778 -0.0485 0.1209  -0.0469 36  VAL A O   
245 C CB  . VAL A 57  ? 1.1141 0.9253 0.7283 -0.0874 0.1306  -0.0368 36  VAL A CB  
246 C CG1 . VAL A 57  ? 1.1875 0.9612 0.7652 -0.0828 0.1248  -0.0421 36  VAL A CG1 
247 C CG2 . VAL A 57  ? 1.0456 0.8602 0.6814 -0.0931 0.1129  -0.0224 36  VAL A CG2 
248 N N   . SER A 58  ? 1.0826 0.8928 0.7269 -0.0372 0.1286  -0.0652 37  SER A N   
249 C CA  . SER A 58  ? 1.0988 0.8912 0.7482 -0.0214 0.1137  -0.0684 37  SER A CA  
250 C C   . SER A 58  ? 1.0481 0.8683 0.7406 -0.0056 0.1121  -0.0738 37  SER A C   
251 O O   . SER A 58  ? 1.0114 0.8143 0.7066 0.0028  0.0966  -0.0724 37  SER A O   
252 C CB  . SER A 58  ? 1.1678 0.9266 0.7843 -0.0079 0.1127  -0.0825 37  SER A CB  
253 O OG  . SER A 58  ? 1.2104 0.9898 0.8461 0.0125  0.1250  -0.1017 37  SER A OG  
254 N N   . TYR A 59  ? 1.0439 0.9042 0.7666 -0.0031 0.1275  -0.0805 38  TYR A N   
255 C CA  . TYR A 59  ? 1.0530 0.9435 0.8204 0.0113  0.1254  -0.0864 38  TYR A CA  
256 C C   . TYR A 59  ? 0.9816 0.9012 0.7775 -0.0026 0.1255  -0.0730 38  TYR A C   
257 O O   . TYR A 59  ? 0.9238 0.8709 0.7574 0.0064  0.1242  -0.0768 38  TYR A O   
258 C CB  . TYR A 59  ? 1.1312 1.0514 0.9204 0.0274  0.1415  -0.1078 38  TYR A CB  
259 C CG  . TYR A 59  ? 1.2561 1.1459 1.0199 0.0461  0.1391  -0.1242 38  TYR A CG  
260 C CD1 . TYR A 59  ? 1.3203 1.1665 1.0645 0.0582  0.1163  -0.1228 38  TYR A CD1 
261 C CD2 . TYR A 59  ? 1.3209 1.2218 1.0759 0.0504  0.1592  -0.1414 38  TYR A CD2 
262 C CE1 . TYR A 59  ? 1.4097 1.2212 1.1254 0.0751  0.1111  -0.1374 38  TYR A CE1 
263 C CE2 . TYR A 59  ? 1.4201 1.2893 1.1493 0.0692  0.1558  -0.1576 38  TYR A CE2 
264 C CZ  . TYR A 59  ? 1.4589 1.2818 1.1684 0.0821  0.1303  -0.1552 38  TYR A CZ  
265 O OH  . TYR A 59  ? 1.5614 1.3464 1.2407 0.1006  0.1241  -0.1710 38  TYR A OH  
266 N N   . CYS A 60  ? 0.9357 0.8477 0.7143 -0.0237 0.1250  -0.0577 39  CYS A N   
267 C CA  . CYS A 60  ? 0.8997 0.8346 0.7012 -0.0367 0.1239  -0.0456 39  CYS A CA  
268 C C   . CYS A 60  ? 0.8544 0.7735 0.6598 -0.0383 0.1058  -0.0341 39  CYS A C   
269 O O   . CYS A 60  ? 0.8528 0.7438 0.6336 -0.0436 0.0969  -0.0284 39  CYS A O   
270 C CB  . CYS A 60  ? 0.9153 0.8506 0.6963 -0.0582 0.1324  -0.0374 39  CYS A CB  
271 S SG  . CYS A 60  ? 0.9633 0.9192 0.7360 -0.0615 0.1578  -0.0518 39  CYS A SG  
272 N N   . MET A 61  ? 0.8151 0.7539 0.6517 -0.0348 0.1013  -0.0316 40  MET A N   
273 C CA  . MET A 61  ? 0.7729 0.7003 0.6145 -0.0369 0.0868  -0.0224 40  MET A CA  
274 C C   . MET A 61  ? 0.7380 0.6816 0.5931 -0.0509 0.0864  -0.0115 40  MET A C   
275 O O   . MET A 61  ? 0.7343 0.7031 0.6069 -0.0547 0.0942  -0.0116 40  MET A O   
276 C CB  . MET A 61  ? 0.7764 0.7053 0.6370 -0.0214 0.0786  -0.0286 40  MET A CB  
277 C CG  . MET A 61  ? 0.7861 0.7018 0.6484 -0.0248 0.0654  -0.0204 40  MET A CG  
278 S SD  . MET A 61  ? 0.7799 0.6814 0.6492 -0.0075 0.0516  -0.0277 40  MET A SD  
279 C CE  . MET A 61  ? 0.7872 0.6473 0.6172 -0.0007 0.0460  -0.0346 40  MET A CE  
280 N N   . ALA A 62  ? 0.7273 0.6565 0.5741 -0.0594 0.0772  -0.0028 41  ALA A N   
281 C CA  . ALA A 62  ? 0.6959 0.6353 0.5559 -0.0693 0.0725  0.0063  41  ALA A CA  
282 C C   . ALA A 62  ? 0.6659 0.5952 0.5310 -0.0678 0.0619  0.0088  41  ALA A C   
283 O O   . ALA A 62  ? 0.6848 0.5971 0.5356 -0.0666 0.0590  0.0062  41  ALA A O   
284 C CB  . ALA A 62  ? 0.7148 0.6482 0.5583 -0.0830 0.0724  0.0128  41  ALA A CB  
285 N N   . GLY A 63  ? 0.6500 0.5890 0.5335 -0.0694 0.0569  0.0131  42  GLY A N   
286 C CA  . GLY A 63  ? 0.6325 0.5629 0.5196 -0.0691 0.0490  0.0139  42  GLY A CA  
287 C C   . GLY A 63  ? 0.6282 0.5659 0.5282 -0.0753 0.0432  0.0199  42  GLY A C   
288 O O   . GLY A 63  ? 0.6342 0.5830 0.5415 -0.0791 0.0443  0.0242  42  GLY A O   
289 N N   . VAL A 64  ? 0.5993 0.5312 0.5014 -0.0771 0.0374  0.0192  43  VAL A N   
290 C CA  . VAL A 64  ? 0.6263 0.5615 0.5411 -0.0793 0.0297  0.0225  43  VAL A CA  
291 C C   . VAL A 64  ? 0.6384 0.5689 0.5579 -0.0765 0.0279  0.0175  43  VAL A C   
292 O O   . VAL A 64  ? 0.6330 0.5583 0.5455 -0.0774 0.0310  0.0117  43  VAL A O   
293 C CB  . VAL A 64  ? 0.6418 0.5742 0.5554 -0.0844 0.0223  0.0246  43  VAL A CB  
294 C CG1 . VAL A 64  ? 0.6391 0.5689 0.5505 -0.0844 0.0221  0.0183  43  VAL A CG1 
295 C CG2 . VAL A 64  ? 0.6391 0.5704 0.5646 -0.0845 0.0115  0.0270  43  VAL A CG2 
296 N N   . ARG A 65  ? 0.6811 0.6123 0.6096 -0.0752 0.0234  0.0194  44  ARG A N   
297 C CA  . ARG A 65  ? 0.7212 0.6453 0.6495 -0.0739 0.0226  0.0140  44  ARG A CA  
298 C C   . ARG A 65  ? 0.7406 0.6645 0.6797 -0.0736 0.0147  0.0149  44  ARG A C   
299 O O   . ARG A 65  ? 0.6704 0.5967 0.6147 -0.0749 0.0089  0.0220  44  ARG A O   
300 C CB  . ARG A 65  ? 0.8077 0.7240 0.7291 -0.0711 0.0235  0.0144  44  ARG A CB  
301 C CG  . ARG A 65  ? 0.8149 0.7384 0.7476 -0.0692 0.0186  0.0204  44  ARG A CG  
302 C CD  . ARG A 65  ? 0.9039 0.8232 0.8342 -0.0637 0.0174  0.0192  44  ARG A CD  
303 N NE  . ARG A 65  ? 0.9491 0.8861 0.8974 -0.0626 0.0156  0.0233  44  ARG A NE  
304 C CZ  . ARG A 65  ? 1.0562 1.0016 1.0135 -0.0561 0.0150  0.0209  44  ARG A CZ  
305 N NH1 . ARG A 65  ? 1.1186 1.0492 1.0643 -0.0483 0.0132  0.0153  44  ARG A NH1 
306 N NH2 . ARG A 65  ? 1.0518 1.0206 1.0306 -0.0578 0.0156  0.0232  44  ARG A NH2 
307 N N   . LYS A 66  ? 0.7933 0.7143 0.7346 -0.0730 0.0149  0.0069  45  LYS A N   
308 C CA  . LYS A 66  ? 0.8002 0.7190 0.7514 -0.0704 0.0063  0.0055  45  LYS A CA  
309 C C   . LYS A 66  ? 0.7281 0.6362 0.6743 -0.0703 0.0030  0.0080  45  LYS A C   
310 O O   . LYS A 66  ? 0.7634 0.6644 0.6985 -0.0718 0.0076  0.0074  45  LYS A O   
311 C CB  . LYS A 66  ? 0.8790 0.8034 0.8406 -0.0677 0.0068  -0.0070 45  LYS A CB  
312 C CG  . LYS A 66  ? 0.9585 0.8816 0.9331 -0.0626 -0.0080 -0.0061 45  LYS A CG  
313 C CD  . LYS A 66  ? 1.0232 0.9524 1.0149 -0.0555 -0.0111 -0.0213 45  LYS A CD  
314 C CE  . LYS A 66  ? 1.0861 1.0018 1.0793 -0.0496 -0.0212 -0.0236 45  LYS A CE  
315 N NZ  . LYS A 66  ? 1.1356 1.0433 1.1158 -0.0528 -0.0119 -0.0253 45  LYS A NZ  
316 N N   . ALA A 67  ? 0.6711 0.5741 0.6226 -0.0693 -0.0078 0.0120  46  ALA A N   
317 C CA  . ALA A 67  ? 0.6506 0.5418 0.5977 -0.0702 -0.0139 0.0152  46  ALA A CA  
318 C C   . ALA A 67  ? 0.6509 0.5318 0.6015 -0.0674 -0.0258 0.0134  46  ALA A C   
319 O O   . ALA A 67  ? 0.6490 0.5314 0.6056 -0.0660 -0.0331 0.0146  46  ALA A O   
320 C CB  . ALA A 67  ? 0.5990 0.4953 0.5474 -0.0748 -0.0166 0.0266  46  ALA A CB  
321 N N   . ASP A 68  ? 0.6424 0.5089 0.5864 -0.0665 -0.0301 0.0105  47  ASP A N   
322 C CA  . ASP A 68  ? 0.6495 0.5004 0.5930 -0.0639 -0.0443 0.0104  47  ASP A CA  
323 C C   . ASP A 68  ? 0.6357 0.4820 0.5753 -0.0728 -0.0540 0.0257  47  ASP A C   
324 O O   . ASP A 68  ? 0.6251 0.4757 0.5627 -0.0778 -0.0504 0.0313  47  ASP A O   
325 C CB  . ASP A 68  ? 0.6856 0.5215 0.6205 -0.0602 -0.0433 -0.0003 47  ASP A CB  
326 C CG  . ASP A 68  ? 0.6979 0.5443 0.6374 -0.0552 -0.0291 -0.0174 47  ASP A CG  
327 O OD1 . ASP A 68  ? 0.7539 0.6122 0.7095 -0.0487 -0.0299 -0.0250 47  ASP A OD1 
328 O OD2 . ASP A 68  ? 0.7145 0.5570 0.6411 -0.0592 -0.0177 -0.0234 47  ASP A OD2 
329 N N   . MET A 69  ? 0.6178 0.4554 0.5560 -0.0757 -0.0670 0.0321  48  MET A N   
330 C CA  . MET A 69  ? 0.6295 0.4677 0.5638 -0.0885 -0.0732 0.0463  48  MET A CA  
331 C C   . MET A 69  ? 0.6698 0.4822 0.5922 -0.0924 -0.0928 0.0513  48  MET A C   
332 O O   . MET A 69  ? 0.6690 0.4678 0.5896 -0.0836 -0.1016 0.0444  48  MET A O   
333 C CB  . MET A 69  ? 0.6230 0.4805 0.5613 -0.0943 -0.0646 0.0518  48  MET A CB  
334 C CG  . MET A 69  ? 0.5980 0.4776 0.5451 -0.0906 -0.0474 0.0477  48  MET A CG  
335 S SD  . MET A 69  ? 0.6051 0.5027 0.5526 -0.0980 -0.0385 0.0534  48  MET A SD  
336 C CE  . MET A 69  ? 0.5810 0.4921 0.5328 -0.1120 -0.0374 0.0634  48  MET A CE  
337 N N   . SER A 70  ? 0.7035 0.5089 0.6182 -0.1057 -0.1007 0.0625  49  SER A N   
338 C CA  . SER A 70  ? 0.7749 0.5532 0.6718 -0.1161 -0.1202 0.0714  49  SER A CA  
339 C C   . SER A 70  ? 0.7877 0.5788 0.6807 -0.1375 -0.1175 0.0852  49  SER A C   
340 O O   . SER A 70  ? 0.7689 0.5895 0.6770 -0.1430 -0.1033 0.0873  49  SER A O   
341 C CB  . SER A 70  ? 0.8006 0.5528 0.6865 -0.1167 -0.1345 0.0718  49  SER A CB  
342 O OG  . SER A 70  ? 0.8356 0.6027 0.7286 -0.1252 -0.1283 0.0767  49  SER A OG  
343 N N   . PHE A 71  ? 0.8297 0.5970 0.7014 -0.1497 -0.1322 0.0936  50  PHE A N   
344 C CA  . PHE A 71  ? 0.8581 0.6321 0.7190 -0.1749 -0.1304 0.1067  50  PHE A CA  
345 C C   . PHE A 71  ? 0.9028 0.6325 0.7333 -0.1876 -0.1559 0.1153  50  PHE A C   
346 O O   . PHE A 71  ? 0.9323 0.6264 0.7431 -0.1809 -0.1739 0.1140  50  PHE A O   
347 C CB  . PHE A 71  ? 0.9026 0.6875 0.7585 -0.1796 -0.1205 0.1079  50  PHE A CB  
348 C CG  . PHE A 71  ? 0.9825 0.7773 0.8252 -0.2077 -0.1141 0.1192  50  PHE A CG  
349 C CD1 . PHE A 71  ? 1.0091 0.8461 0.8744 -0.2166 -0.0944 0.1193  50  PHE A CD1 
350 C CD2 . PHE A 71  ? 1.0799 0.8412 0.8864 -0.2262 -0.1283 0.1289  50  PHE A CD2 
351 C CE1 . PHE A 71  ? 1.0578 0.9104 0.9146 -0.2441 -0.0852 0.1270  50  PHE A CE1 
352 C CE2 . PHE A 71  ? 1.1369 0.9074 0.9270 -0.2566 -0.1197 0.1387  50  PHE A CE2 
353 C CZ  . PHE A 71  ? 1.1215 0.9412 0.9388 -0.2657 -0.0961 0.1370  50  PHE A CZ  
354 N N   . GLY A 72  ? 0.9038 0.6335 0.7309 -0.2048 -0.1598 0.1233  51  GLY A N   
355 C CA  . GLY A 72  ? 0.9594 0.6427 0.7555 -0.2166 -0.1857 0.1314  51  GLY A CA  
356 C C   . GLY A 72  ? 0.9655 0.6205 0.7613 -0.1919 -0.2000 0.1206  51  GLY A C   
357 O O   . GLY A 72  ? 0.9390 0.6138 0.7576 -0.1763 -0.1890 0.1112  51  GLY A O   
358 N N   . THR A 73  ? 0.9913 0.5981 0.7592 -0.1879 -0.2248 0.1206  52  THR A N   
359 C CA  . THR A 73  ? 1.0022 0.5763 0.7652 -0.1668 -0.2414 0.1095  52  THR A CA  
360 C C   . THR A 73  ? 0.9829 0.5580 0.7613 -0.1371 -0.2405 0.0923  52  THR A C   
361 O O   . THR A 73  ? 1.0058 0.5517 0.7798 -0.1176 -0.2563 0.0800  52  THR A O   
362 C CB  . THR A 73  ? 1.0513 0.5675 0.7737 -0.1804 -0.2732 0.1191  52  THR A CB  
363 O OG1 . THR A 73  ? 1.0802 0.5695 0.7795 -0.1857 -0.2884 0.1241  52  THR A OG1 
364 C CG2 . THR A 73  ? 1.0860 0.6067 0.7962 -0.2127 -0.2725 0.1356  52  THR A CG2 
365 N N   . SER A 74  ? 0.9497 0.5601 0.7479 -0.1335 -0.2217 0.0897  53  SER A N   
366 C CA  . SER A 74  ? 0.9140 0.5309 0.7303 -0.1083 -0.2201 0.0733  53  SER A CA  
367 C C   . SER A 74  ? 0.8615 0.5280 0.7069 -0.1031 -0.1905 0.0676  53  SER A C   
368 O O   . SER A 74  ? 0.8277 0.5204 0.6766 -0.1189 -0.1742 0.0775  53  SER A O   
369 C CB  . SER A 74  ? 0.9544 0.5432 0.7529 -0.1096 -0.2410 0.0768  53  SER A CB  
370 O OG  . SER A 74  ? 0.9548 0.5720 0.7596 -0.1188 -0.2249 0.0825  53  SER A OG  
371 N N   . THR A 75  ? 0.8378 0.5169 0.7044 -0.0807 -0.1842 0.0501  54  THR A N   
372 C CA  . THR A 75  ? 0.8083 0.5276 0.6986 -0.0750 -0.1597 0.0434  54  THR A CA  
373 C C   . THR A 75  ? 0.8029 0.5261 0.6961 -0.0732 -0.1638 0.0435  54  THR A C   
374 O O   . THR A 75  ? 0.7914 0.5402 0.7051 -0.0630 -0.1504 0.0330  54  THR A O   
375 C CB  . THR A 75  ? 0.7843 0.5157 0.6938 -0.0558 -0.1493 0.0236  54  THR A CB  
376 O OG1 . THR A 75  ? 0.8060 0.5164 0.7190 -0.0388 -0.1677 0.0101  54  THR A OG1 
377 C CG2 . THR A 75  ? 0.7819 0.5058 0.6831 -0.0596 -0.1452 0.0246  54  THR A CG2 
378 N N   . ASP A 76  ? 0.8365 0.5319 0.7058 -0.0853 -0.1830 0.0555  55  ASP A N   
379 C CA  . ASP A 76  ? 0.8520 0.5472 0.7196 -0.0851 -0.1881 0.0564  55  ASP A CA  
380 C C   . ASP A 76  ? 0.8126 0.5435 0.6869 -0.0959 -0.1620 0.0619  55  ASP A C   
381 O O   . ASP A 76  ? 0.7751 0.5251 0.6509 -0.1066 -0.1446 0.0681  55  ASP A O   
382 C CB  . ASP A 76  ? 0.9196 0.5711 0.7516 -0.0994 -0.2149 0.0695  55  ASP A CB  
383 C CG  . ASP A 76  ? 0.9922 0.6013 0.8161 -0.0844 -0.2471 0.0619  55  ASP A CG  
384 O OD1 . ASP A 76  ? 1.0225 0.6409 0.8719 -0.0621 -0.2459 0.0446  55  ASP A OD1 
385 O OD2 . ASP A 76  ? 1.0782 0.6423 0.8678 -0.0955 -0.2742 0.0724  55  ASP A OD2 
386 N N   . LEU A 77  ? 0.8158 0.5526 0.6937 -0.0924 -0.1621 0.0592  56  LEU A N   
387 C CA  . LEU A 77  ? 0.7840 0.5521 0.6691 -0.0981 -0.1386 0.0607  56  LEU A CA  
388 C C   . LEU A 77  ? 0.7776 0.5518 0.6450 -0.1202 -0.1263 0.0750  56  LEU A C   
389 O O   . LEU A 77  ? 0.8106 0.5595 0.6503 -0.1372 -0.1391 0.0867  56  LEU A O   
390 C CB  . LEU A 77  ? 0.8023 0.5607 0.6810 -0.0964 -0.1497 0.0598  56  LEU A CB  
391 C CG  . LEU A 77  ? 0.7978 0.5800 0.6803 -0.0998 -0.1318 0.0595  56  LEU A CG  
392 C CD1 . LEU A 77  ? 0.7526 0.5694 0.6660 -0.0859 -0.1118 0.0463  56  LEU A CD1 
393 C CD2 . LEU A 77  ? 0.8589 0.6190 0.7309 -0.0977 -0.1532 0.0591  56  LEU A CD2 
394 N N   . CYS A 78  ? 0.7460 0.5533 0.6300 -0.1202 -0.1024 0.0729  57  CYS A N   
395 C CA  . CYS A 78  ? 0.7505 0.5750 0.6280 -0.1382 -0.0871 0.0823  57  CYS A CA  
396 C C   . CYS A 78  ? 0.7170 0.5757 0.6135 -0.1311 -0.0635 0.0756  57  CYS A C   
397 O O   . CYS A 78  ? 0.7105 0.5765 0.6217 -0.1149 -0.0596 0.0653  57  CYS A O   
398 C CB  . CYS A 78  ? 0.7532 0.5751 0.6306 -0.1469 -0.0906 0.0879  57  CYS A CB  
399 S SG  . CYS A 78  ? 0.7385 0.5720 0.6409 -0.1284 -0.0861 0.0774  57  CYS A SG  
400 N N   . CYS A 79  ? 0.7177 0.5959 0.6121 -0.1435 -0.0483 0.0802  58  CYS A N   
401 C CA  . CYS A 79  ? 0.7154 0.6222 0.6249 -0.1363 -0.0279 0.0734  58  CYS A CA  
402 C C   . CYS A 79  ? 0.7052 0.6380 0.6267 -0.1444 -0.0151 0.0751  58  CYS A C   
403 O O   . CYS A 79  ? 0.7186 0.6537 0.6304 -0.1628 -0.0141 0.0822  58  CYS A O   
404 C CB  . CYS A 79  ? 0.7233 0.6305 0.6181 -0.1411 -0.0205 0.0735  58  CYS A CB  
405 S SG  . CYS A 79  ? 0.8100 0.6935 0.6948 -0.1321 -0.0350 0.0702  58  CYS A SG  
406 N N   . PHE A 80  ? 0.6906 0.6430 0.6322 -0.1320 -0.0052 0.0676  59  PHE A N   
407 C CA  . PHE A 80  ? 0.6948 0.6770 0.6541 -0.1353 0.0072  0.0655  59  PHE A CA  
408 C C   . PHE A 80  ? 0.6850 0.6811 0.6469 -0.1263 0.0220  0.0574  59  PHE A C   
409 O O   . PHE A 80  ? 0.6852 0.6702 0.6435 -0.1134 0.0212  0.0524  59  PHE A O   
410 C CB  . PHE A 80  ? 0.7010 0.6884 0.6795 -0.1270 0.0013  0.0632  59  PHE A CB  
411 C CG  . PHE A 80  ? 0.7294 0.7491 0.7324 -0.1282 0.0100  0.0595  59  PHE A CG  
412 C CD1 . PHE A 80  ? 0.7366 0.7733 0.7485 -0.1448 0.0102  0.0644  59  PHE A CD1 
413 C CD2 . PHE A 80  ? 0.7508 0.7836 0.7678 -0.1129 0.0168  0.0500  59  PHE A CD2 
414 C CE1 . PHE A 80  ? 0.7646 0.8378 0.8058 -0.1454 0.0185  0.0584  59  PHE A CE1 
415 C CE2 . PHE A 80  ? 0.7654 0.8295 0.8094 -0.1109 0.0226  0.0442  59  PHE A CE2 
416 C CZ  . PHE A 80  ? 0.7446 0.8322 0.8038 -0.1267 0.0241  0.0476  59  PHE A CZ  
417 N N   . VAL A 81  ? 0.6952 0.7144 0.6612 -0.1347 0.0359  0.0554  60  VAL A N   
418 C CA  . VAL A 81  ? 0.6916 0.7236 0.6591 -0.1262 0.0502  0.0464  60  VAL A CA  
419 C C   . VAL A 81  ? 0.6986 0.7641 0.6961 -0.1194 0.0596  0.0374  60  VAL A C   
420 O O   . VAL A 81  ? 0.7034 0.7933 0.7158 -0.1315 0.0647  0.0380  60  VAL A O   
421 C CB  . VAL A 81  ? 0.7081 0.7372 0.6514 -0.1408 0.0600  0.0485  60  VAL A CB  
422 C CG1 . VAL A 81  ? 0.6938 0.7274 0.6328 -0.1299 0.0723  0.0390  60  VAL A CG1 
423 C CG2 . VAL A 81  ? 0.7006 0.6959 0.6160 -0.1496 0.0457  0.0584  60  VAL A CG2 
424 N N   . ASP A 82  ? 0.7104 0.7758 0.7169 -0.1003 0.0597  0.0286  61  ASP A N   
425 C CA  . ASP A 82  ? 0.7114 0.8052 0.7448 -0.0893 0.0671  0.0168  61  ASP A CA  
426 C C   . ASP A 82  ? 0.7140 0.8132 0.7362 -0.0864 0.0824  0.0085  61  ASP A C   
427 O O   . ASP A 82  ? 0.6840 0.7585 0.6857 -0.0773 0.0803  0.0071  61  ASP A O   
428 C CB  . ASP A 82  ? 0.7389 0.8189 0.7803 -0.0698 0.0545  0.0119  61  ASP A CB  
429 C CG  . ASP A 82  ? 0.7821 0.8659 0.8428 -0.0700 0.0409  0.0155  61  ASP A CG  
430 O OD1 . ASP A 82  ? 0.8150 0.9304 0.9067 -0.0697 0.0423  0.0102  61  ASP A OD1 
431 O OD2 . ASP A 82  ? 0.8280 0.8840 0.8733 -0.0707 0.0290  0.0226  61  ASP A OD2 
432 N N   . PHE A 83  ? 0.7167 0.8476 0.7508 -0.0954 0.0985  0.0022  62  PHE A N   
433 C CA  . PHE A 83  ? 0.7460 0.8855 0.7714 -0.0915 0.1155  -0.0090 62  PHE A CA  
434 C C   . PHE A 83  ? 0.7531 0.9232 0.8148 -0.0717 0.1202  -0.0267 62  PHE A C   
435 O O   . PHE A 83  ? 0.7498 0.9538 0.8475 -0.0726 0.1205  -0.0313 62  PHE A O   
436 C CB  . PHE A 83  ? 0.7788 0.9319 0.7882 -0.1166 0.1326  -0.0064 62  PHE A CB  
437 C CG  . PHE A 83  ? 0.8052 0.9715 0.8061 -0.1147 0.1534  -0.0203 62  PHE A CG  
438 C CD1 . PHE A 83  ? 0.8366 0.9706 0.8018 -0.1105 0.1540  -0.0199 62  PHE A CD1 
439 C CD2 . PHE A 83  ? 0.8328 1.0455 0.8626 -0.1176 0.1728  -0.0351 62  PHE A CD2 
440 C CE1 . PHE A 83  ? 0.8585 1.0008 0.8120 -0.1086 0.1728  -0.0333 62  PHE A CE1 
441 C CE2 . PHE A 83  ? 0.8534 1.0787 0.8748 -0.1151 0.1937  -0.0505 62  PHE A CE2 
442 C CZ  . PHE A 83  ? 0.8595 1.0470 0.8404 -0.1103 0.1933  -0.0492 62  PHE A CZ  
443 N N   . TYR A 84  ? 0.7818 0.9383 0.8344 -0.0531 0.1213  -0.0372 63  TYR A N   
444 C CA  . TYR A 84  ? 0.8060 0.9873 0.8911 -0.0313 0.1236  -0.0565 63  TYR A CA  
445 C C   . TYR A 84  ? 0.8583 1.0476 0.9315 -0.0270 0.1435  -0.0711 63  TYR A C   
446 O O   . TYR A 84  ? 0.8709 1.0275 0.9033 -0.0312 0.1462  -0.0661 63  TYR A O   
447 C CB  . TYR A 84  ? 0.8049 0.9560 0.8899 -0.0084 0.1012  -0.0580 63  TYR A CB  
448 C CG  . TYR A 84  ? 0.7724 0.9051 0.8585 -0.0120 0.0814  -0.0442 63  TYR A CG  
449 C CD1 . TYR A 84  ? 0.7648 0.9158 0.8865 -0.0037 0.0687  -0.0480 63  TYR A CD1 
450 C CD2 . TYR A 84  ? 0.7727 0.8693 0.8244 -0.0225 0.0747  -0.0292 63  TYR A CD2 
451 C CE1 . TYR A 84  ? 0.7575 0.8879 0.8755 -0.0076 0.0506  -0.0359 63  TYR A CE1 
452 C CE2 . TYR A 84  ? 0.7597 0.8394 0.8110 -0.0253 0.0585  -0.0191 63  TYR A CE2 
453 C CZ  . TYR A 84  ? 0.7445 0.8391 0.8261 -0.0184 0.0469  -0.0221 63  TYR A CZ  
454 O OH  . TYR A 84  ? 0.7816 0.8563 0.8583 -0.0217 0.0312  -0.0127 63  TYR A OH  
455 N N   . CYS A 85  ? 0.9024 1.1368 1.0129 -0.0191 0.1571  -0.0902 64  CYS A N   
456 C CA  . CYS A 85  ? 0.9594 1.2075 1.0656 -0.0115 0.1773  -0.1093 64  CYS A CA  
457 C C   . CYS A 85  ? 0.9953 1.2818 1.1545 0.0146  0.1758  -0.1329 64  CYS A C   
458 O O   . CYS A 85  ? 0.9715 1.2979 1.1764 0.0129  0.1732  -0.1360 64  CYS A O   
459 C CB  . CYS A 85  ? 0.9562 1.2320 1.0514 -0.0397 0.2055  -0.1100 64  CYS A CB  
460 N N   . ILE A 86  ? 1.0386 1.3105 1.1918 0.0394  0.1748  -0.1500 65  ILE A N   
461 C CA  . ILE A 86  ? 1.0638 1.3733 1.2671 0.0669  0.1753  -0.1774 65  ILE A CA  
462 C C   . ILE A 86  ? 1.1060 1.4748 1.3325 0.0528  0.2105  -0.1944 65  ILE A C   
463 O O   . ILE A 86  ? 1.0982 1.4576 1.2891 0.0440  0.2317  -0.1995 65  ILE A O   
464 C CB  . ILE A 86  ? 1.0464 1.3153 1.2287 0.0971  0.1626  -0.1907 65  ILE A CB  
465 N N   . GLY A 87  ? 1.1237 1.5520 1.4063 0.0471  0.2167  -0.2024 66  GLY A N   
466 C CA  . GLY A 87  ? 1.1418 1.6324 1.4488 0.0271  0.2520  -0.2178 66  GLY A CA  
467 C C   . GLY A 87  ? 1.1391 1.6790 1.4891 0.0053  0.2543  -0.2116 66  GLY A C   
468 O O   . GLY A 87  ? 1.1305 1.7204 1.4955 -0.0201 0.2836  -0.2198 66  GLY A O   
469 N N   . LYS A 93  ? 1.2542 1.9694 1.2117 -0.4949 0.4325  -0.1838 72  LYS A N   
470 C CA  . LYS A 93  ? 1.3071 1.9937 1.2303 -0.4882 0.4333  -0.1923 72  LYS A CA  
471 C C   . LYS A 93  ? 1.3523 1.9463 1.2455 -0.4530 0.3911  -0.1466 72  LYS A C   
472 O O   . LYS A 93  ? 1.3183 1.8871 1.2052 -0.4325 0.3856  -0.1537 72  LYS A O   
473 C CB  . LYS A 93  ? 1.2676 2.0146 1.2838 -0.4539 0.4565  -0.2504 72  LYS A CB  
474 N N   . ASN A 94  ? 1.3973 1.9448 1.2705 -0.4503 0.3632  -0.1030 73  ASN A N   
475 C CA  . ASN A 94  ? 1.3005 1.7790 1.1805 -0.4069 0.3245  -0.0675 73  ASN A CA  
476 C C   . ASN A 94  ? 1.3194 1.7149 1.1184 -0.4170 0.2932  -0.0212 73  ASN A C   
477 O O   . ASN A 94  ? 1.2466 1.5965 1.0541 -0.3806 0.2679  -0.0051 73  ASN A O   
478 C CB  . ASN A 94  ? 1.2314 1.7233 1.1690 -0.3865 0.3130  -0.0580 73  ASN A CB  
479 C CG  . ASN A 94  ? 1.1370 1.6448 1.1613 -0.3327 0.3041  -0.0723 73  ASN A CG  
480 O OD1 . ASN A 94  ? 1.1546 1.6408 1.1895 -0.3055 0.2983  -0.0791 73  ASN A OD1 
481 N ND2 . ASN A 94  ? 1.0609 1.6045 1.1461 -0.3191 0.3004  -0.0748 73  ASN A ND2 
482 N N   . PRO A 95  ? 1.3882 1.7630 1.1134 -0.4656 0.2923  0.0011  74  PRO A N   
483 C CA  . PRO A 95  ? 1.3983 1.6902 1.0629 -0.4655 0.2564  0.0446  74  PRO A CA  
484 C C   . PRO A 95  ? 1.3828 1.6449 1.0120 -0.4560 0.2452  0.0468  74  PRO A C   
485 O O   . PRO A 95  ? 1.3772 1.5748 0.9673 -0.4485 0.2128  0.0790  74  PRO A O   
486 C CB  . PRO A 95  ? 1.4946 1.7682 1.0871 -0.5231 0.2570  0.0679  74  PRO A CB  
487 C CG  . PRO A 95  ? 1.5289 1.8777 1.1187 -0.5631 0.2979  0.0338  74  PRO A CG  
488 C CD  . PRO A 95  ? 1.4786 1.8969 1.1674 -0.5232 0.3206  -0.0103 74  PRO A CD  
489 N N   . SER A 96  ? 1.3422 1.6531 0.9884 -0.4569 0.2717  0.0101  75  SER A N   
490 C CA  . SER A 96  ? 1.3214 1.6124 0.9476 -0.4432 0.2635  0.0049  75  SER A CA  
491 C C   . SER A 96  ? 1.2240 1.4804 0.8990 -0.3880 0.2383  0.0137  75  SER A C   
492 O O   . SER A 96  ? 1.2014 1.4099 0.8431 -0.3781 0.2119  0.0344  75  SER A O   
493 C CB  . SER A 96  ? 1.2926 1.6479 0.9418 -0.4522 0.3004  -0.0446 75  SER A CB  
494 N N   . ILE A 97  ? 1.1579 1.4410 0.9109 -0.3548 0.2452  -0.0019 76  ILE A N   
495 C CA  . ILE A 97  ? 1.0800 1.3352 0.8775 -0.3083 0.2235  0.0065  76  ILE A CA  
496 C C   . ILE A 97  ? 1.0525 1.2537 0.8219 -0.3043 0.1920  0.0450  76  ILE A C   
497 O O   . ILE A 97  ? 1.0309 1.1937 0.7910 -0.2844 0.1696  0.0581  76  ILE A O   
498 C CB  . ILE A 97  ? 1.0478 1.3429 0.9310 -0.2781 0.2342  -0.0142 76  ILE A CB  
499 N N   . SER A 98  ? 1.0794 1.2797 0.8358 -0.3253 0.1913  0.0595  77  SER A N   
500 C CA  . SER A 98  ? 1.0864 1.2344 0.8201 -0.3236 0.1629  0.0914  77  SER A CA  
501 C C   . SER A 98  ? 1.0979 1.1873 0.7741 -0.3295 0.1356  0.1157  77  SER A C   
502 O O   . SER A 98  ? 1.0927 1.1446 0.7784 -0.3051 0.1104  0.1293  77  SER A O   
503 C CB  . SER A 98  ? 1.1270 1.2810 0.8447 -0.3562 0.1692  0.1009  77  SER A CB  
504 O OG  . SER A 98  ? 1.1499 1.3436 0.9286 -0.3409 0.1791  0.0881  77  SER A OG  
505 N N   . ALA A 99  ? 1.0961 1.1809 0.7139 -0.3637 0.1399  0.1203  78  ALA A N   
506 C CA  . ALA A 99  ? 1.1424 1.1730 0.7007 -0.3739 0.1101  0.1465  78  ALA A CA  
507 C C   . ALA A 99  ? 1.0991 1.1263 0.6741 -0.3425 0.0995  0.1369  78  ALA A C   
508 O O   . ALA A 99  ? 1.1411 1.1254 0.7053 -0.3266 0.0679  0.1549  78  ALA A O   
509 C CB  . ALA A 99  ? 1.2100 1.2449 0.6960 -0.4257 0.1193  0.1540  78  ALA A CB  
510 N N   . ALA A 100 ? 1.0521 1.1265 0.6578 -0.3340 0.1262  0.1059  79  ALA A N   
511 C CA  . ALA A 100 ? 1.0097 1.0856 0.6368 -0.3066 0.1211  0.0921  79  ALA A CA  
512 C C   . ALA A 100 ? 0.9680 1.0264 0.6460 -0.2663 0.1039  0.0969  79  ALA A C   
513 O O   . ALA A 100 ? 0.9590 0.9897 0.6313 -0.2506 0.0800  0.1060  79  ALA A O   
514 C CB  . ALA A 100 ? 0.9983 1.1255 0.6567 -0.3059 0.1546  0.0550  79  ALA A CB  
515 N N   . ILE A 101 ? 0.9095 0.9882 0.6367 -0.2520 0.1156  0.0898  80  ILE A N   
516 C CA  . ILE A 101 ? 0.8789 0.9455 0.6487 -0.2201 0.1009  0.0943  80  ILE A CA  
517 C C   . ILE A 101 ? 0.8810 0.9035 0.6288 -0.2185 0.0718  0.1172  80  ILE A C   
518 O O   . ILE A 101 ? 0.8613 0.8676 0.6234 -0.1972 0.0543  0.1183  80  ILE A O   
519 C CB  . ILE A 101 ? 0.8733 0.9704 0.6927 -0.2110 0.1151  0.0869  80  ILE A CB  
520 C CG1 . ILE A 101 ? 0.8780 1.0137 0.7366 -0.2015 0.1371  0.0623  80  ILE A CG1 
521 C CG2 . ILE A 101 ? 0.8565 0.9413 0.7057 -0.1881 0.0989  0.0949  80  ILE A CG2 
522 C CD1 . ILE A 101 ? 0.8383 1.0052 0.7510 -0.1897 0.1455  0.0566  80  ILE A CD1 
523 N N   . THR A 102 ? 0.9027 0.9064 0.6182 -0.2422 0.0671  0.1331  81  THR A N   
524 C CA  . THR A 102 ? 0.9360 0.8922 0.6349 -0.2413 0.0385  0.1532  81  THR A CA  
525 C C   . THR A 102 ? 0.9865 0.9082 0.6559 -0.2368 0.0111  0.1643  81  THR A C   
526 O O   . THR A 102 ? 1.0028 0.8986 0.6907 -0.2151 -0.0132 0.1679  81  THR A O   
527 C CB  . THR A 102 ? 1.0005 0.9389 0.6669 -0.2732 0.0395  0.1692  81  THR A CB  
528 O OG1 . THR A 102 ? 0.9805 0.9496 0.6846 -0.2714 0.0579  0.1586  81  THR A OG1 
529 C CG2 . THR A 102 ? 1.0375 0.9135 0.6804 -0.2747 0.0050  0.1919  81  THR A CG2 
530 N N   . GLY A 103 ? 1.0062 0.9313 0.6317 -0.2586 0.0143  0.1679  82  GLY A N   
531 C CA  . GLY A 103 ? 1.0398 0.9392 0.6362 -0.2560 -0.0134 0.1786  82  GLY A CA  
532 C C   . GLY A 103 ? 0.9766 0.8926 0.6155 -0.2225 -0.0177 0.1603  82  GLY A C   
533 O O   . GLY A 103 ? 0.9907 0.8844 0.6311 -0.2077 -0.0473 0.1670  82  GLY A O   
534 N N   . CYS A 104 ? 0.9104 0.8655 0.5866 -0.2112 0.0099  0.1372  83  CYS A N   
535 C CA  . CYS A 104 ? 0.8560 0.8248 0.5710 -0.1842 0.0072  0.1214  83  CYS A CA  
536 C C   . CYS A 104 ? 0.8296 0.7850 0.5807 -0.1615 -0.0093 0.1235  83  CYS A C   
537 O O   . CYS A 104 ? 0.8327 0.7842 0.6009 -0.1444 -0.0275 0.1187  83  CYS A O   
538 C CB  . CYS A 104 ? 0.8219 0.8275 0.5683 -0.1793 0.0378  0.0999  83  CYS A CB  
539 S SG  . CYS A 104 ? 0.8143 0.8328 0.5949 -0.1567 0.0356  0.0822  83  CYS A SG  
540 N N   . LEU A 105 ? 0.8437 0.7971 0.6084 -0.1636 -0.0019 0.1275  84  LEU A N   
541 C CA  . LEU A 105 ? 0.8162 0.7608 0.6142 -0.1464 -0.0138 0.1249  84  LEU A CA  
542 C C   . LEU A 105 ? 0.8408 0.7460 0.6291 -0.1403 -0.0470 0.1351  84  LEU A C   
543 O O   . LEU A 105 ? 0.8208 0.7259 0.6417 -0.1193 -0.0619 0.1238  84  LEU A O   
544 C CB  . LEU A 105 ? 0.8261 0.7748 0.6322 -0.1558 -0.0006 0.1281  84  LEU A CB  
545 C CG  . LEU A 105 ? 0.7868 0.7762 0.6228 -0.1524 0.0243  0.1166  84  LEU A CG  
546 C CD1 . LEU A 105 ? 0.8291 0.8250 0.6715 -0.1640 0.0333  0.1209  84  LEU A CD1 
547 C CD2 . LEU A 105 ? 0.7003 0.7058 0.5707 -0.1330 0.0222  0.1043  84  LEU A CD2 
548 N N   . THR A 106 ? 0.8721 0.7445 0.6165 -0.1600 -0.0593 0.1560  85  THR A N   
549 C CA  . THR A 106 ? 0.9278 0.7531 0.6584 -0.1562 -0.0969 0.1720  85  THR A CA  
550 C C   . THR A 106 ? 0.9332 0.7618 0.6685 -0.1406 -0.1191 0.1684  85  THR A C   
551 O O   . THR A 106 ? 0.9552 0.7654 0.7193 -0.1188 -0.1479 0.1653  85  THR A O   
552 C CB  . THR A 106 ? 0.9898 0.7784 0.6616 -0.1890 -0.1049 0.2004  85  THR A CB  
553 O OG1 . THR A 106 ? 0.9826 0.7715 0.6574 -0.2032 -0.0851 0.2008  85  THR A OG1 
554 C CG2 . THR A 106 ? 1.0399 0.7712 0.6959 -0.1858 -0.1493 0.2224  85  THR A CG2 
555 N N   . GLN A 107 ? 0.9324 0.7881 0.6449 -0.1508 -0.1055 0.1647  86  GLN A N   
556 C CA  . GLN A 107 ? 0.9294 0.7954 0.6455 -0.1392 -0.1244 0.1587  86  GLN A CA  
557 C C   . GLN A 107 ? 0.8596 0.7542 0.6376 -0.1096 -0.1226 0.1323  86  GLN A C   
558 O O   . GLN A 107 ? 0.8611 0.7562 0.6592 -0.0930 -0.1493 0.1269  86  GLN A O   
559 C CB  . GLN A 107 ? 0.9082 0.7996 0.5867 -0.1598 -0.1061 0.1551  86  GLN A CB  
560 N N   . HIS A 108 ? 0.8102 0.7313 0.6180 -0.1053 -0.0929 0.1161  87  HIS A N   
561 C CA  . HIS A 108 ? 0.7543 0.7070 0.6124 -0.0856 -0.0874 0.0916  87  HIS A CA  
562 C C   . HIS A 108 ? 0.7558 0.7043 0.6541 -0.0699 -0.0962 0.0811  87  HIS A C   
563 O O   . HIS A 108 ? 0.7323 0.6995 0.6689 -0.0529 -0.1072 0.0617  87  HIS A O   
564 C CB  . HIS A 108 ? 0.7094 0.6943 0.5754 -0.0919 -0.0541 0.0804  87  HIS A CB  
565 C CG  . HIS A 108 ? 0.7197 0.7175 0.5656 -0.1004 -0.0466 0.0766  87  HIS A CG  
566 N ND1 . HIS A 108 ? 0.7595 0.7495 0.5655 -0.1186 -0.0371 0.0863  87  HIS A ND1 
567 C CD2 . HIS A 108 ? 0.6894 0.7089 0.5502 -0.0954 -0.0478 0.0613  87  HIS A CD2 
568 C CE1 . HIS A 108 ? 0.7367 0.7423 0.5338 -0.1237 -0.0318 0.0752  87  HIS A CE1 
569 N NE2 . HIS A 108 ? 0.7179 0.7388 0.5471 -0.1097 -0.0398 0.0616  87  HIS A NE2 
570 N N   . PHE A 109 ? 0.7685 0.6964 0.6606 -0.0767 -0.0910 0.0899  88  PHE A N   
571 C CA  . PHE A 109 ? 0.7614 0.6895 0.6921 -0.0652 -0.0936 0.0744  88  PHE A CA  
572 C C   . PHE A 109 ? 0.8245 0.7030 0.7538 -0.0607 -0.1219 0.0848  88  PHE A C   
573 O O   . PHE A 109 ? 0.8136 0.6896 0.7819 -0.0473 -0.1293 0.0659  88  PHE A O   
574 C CB  . PHE A 109 ? 0.7440 0.6936 0.6778 -0.0768 -0.0641 0.0706  88  PHE A CB  
575 C CG  . PHE A 109 ? 0.7236 0.7137 0.6622 -0.0806 -0.0405 0.0634  88  PHE A CG  
576 C CD1 . PHE A 109 ? 0.6963 0.7153 0.6618 -0.0709 -0.0403 0.0444  88  PHE A CD1 
577 C CD2 . PHE A 109 ? 0.7536 0.7518 0.6727 -0.0943 -0.0201 0.0750  88  PHE A CD2 
578 C CE1 . PHE A 109 ? 0.6940 0.7415 0.6609 -0.0771 -0.0216 0.0409  88  PHE A CE1 
579 C CE2 . PHE A 109 ? 0.7015 0.7281 0.6289 -0.0958 -0.0029 0.0698  88  PHE A CE2 
580 C CZ  . PHE A 109 ? 0.6899 0.7370 0.6383 -0.0883 -0.0044 0.0548  88  PHE A CZ  
581 N N   . LYS A 110 ? 0.8751 0.7140 0.7588 -0.0745 -0.1373 0.1133  89  LYS A N   
582 C CA  . LYS A 110 ? 0.9407 0.7210 0.8153 -0.0733 -0.1709 0.1307  89  LYS A CA  
583 C C   . LYS A 110 ? 0.9398 0.6957 0.8074 -0.0883 -0.1598 0.1357  89  LYS A C   
584 O O   . LYS A 110 ? 0.9881 0.6929 0.8588 -0.0865 -0.1849 0.1443  89  LYS A O   
585 C CB  . LYS A 110 ? 0.9571 0.7300 0.8855 -0.0419 -0.2027 0.1118  89  LYS A CB  
586 N N   . VAL A 111 ? 0.8981 0.6895 0.7572 -0.1035 -0.1239 0.1311  90  VAL A N   
587 C CA  . VAL A 111 ? 0.9098 0.6901 0.7608 -0.1215 -0.1098 0.1350  90  VAL A CA  
588 C C   . VAL A 111 ? 0.9828 0.7148 0.7805 -0.1486 -0.1214 0.1671  90  VAL A C   
589 O O   . VAL A 111 ? 0.9995 0.7316 0.7563 -0.1632 -0.1214 0.1851  90  VAL A O   
590 C CB  . VAL A 111 ? 0.8669 0.7016 0.7215 -0.1315 -0.0723 0.1257  90  VAL A CB  
591 C CG1 . VAL A 111 ? 0.8743 0.7291 0.6960 -0.1446 -0.0576 0.1384  90  VAL A CG1 
592 C CG2 . VAL A 111 ? 0.8425 0.6723 0.6935 -0.1500 -0.0599 0.1278  90  VAL A CG2 
593 N N   . LYS A 112 ? 1.0207 0.7119 0.8167 -0.1591 -0.1305 0.1730  91  LYS A N   
594 C CA  . LYS A 112 ? 1.0792 0.7234 0.8215 -0.1916 -0.1398 0.2045  91  LYS A CA  
595 C C   . LYS A 112 ? 1.0405 0.7316 0.7604 -0.2183 -0.1014 0.2051  91  LYS A C   
596 O O   . LYS A 112 ? 0.9873 0.7235 0.7407 -0.2113 -0.0770 0.1835  91  LYS A O   
597 C CB  . LYS A 112 ? 1.1583 0.7445 0.9102 -0.1962 -0.1592 0.2075  91  LYS A CB  
598 C CG  . LYS A 112 ? 1.1953 0.7378 0.9898 -0.1634 -0.1967 0.1970  91  LYS A CG  
599 C CD  . LYS A 112 ? 1.2769 0.7634 1.0859 -0.1696 -0.2103 0.1938  91  LYS A CD  
600 C CE  . LYS A 112 ? 1.3496 0.7705 1.1926 -0.1419 -0.2574 0.1926  91  LYS A CE  
601 N NZ  . LYS A 112 ? 1.4118 0.7679 1.2662 -0.1512 -0.2718 0.1907  91  LYS A NZ  
602 N N   . PRO A 113 ? 1.0839 0.7700 0.7496 -0.2493 -0.0961 0.2277  92  PRO A N   
603 C CA  . PRO A 113 ? 1.0659 0.8025 0.7174 -0.2743 -0.0589 0.2234  92  PRO A CA  
604 C C   . PRO A 113 ? 1.0785 0.8214 0.7421 -0.2913 -0.0433 0.2183  92  PRO A C   
605 O O   . PRO A 113 ? 1.0615 0.8603 0.7412 -0.2980 -0.0131 0.2046  92  PRO A O   
606 C CB  . PRO A 113 ? 1.1513 0.8693 0.7366 -0.3108 -0.0621 0.2489  92  PRO A CB  
607 C CG  . PRO A 113 ? 1.1940 0.8654 0.7605 -0.2981 -0.0999 0.2658  92  PRO A CG  
608 C CD  . PRO A 113 ? 1.1854 0.8213 0.8001 -0.2645 -0.1260 0.2577  92  PRO A CD  
609 N N   . GLU A 114 ? 1.1444 0.8297 0.8032 -0.2985 -0.0655 0.2283  93  GLU A N   
610 C CA  . GLU A 114 ? 1.1424 0.8324 0.8139 -0.3161 -0.0520 0.2210  93  GLU A CA  
611 C C   . GLU A 114 ? 1.0536 0.7819 0.7838 -0.2872 -0.0420 0.1907  93  GLU A C   
612 O O   . GLU A 114 ? 1.0636 0.8033 0.8088 -0.2992 -0.0314 0.1807  93  GLU A O   
613 C CB  . GLU A 114 ? 1.2604 0.8701 0.9056 -0.3372 -0.0789 0.2409  93  GLU A CB  
614 C CG  . GLU A 114 ? 1.3164 0.8707 0.9945 -0.3049 -0.1130 0.2339  93  GLU A CG  
615 C CD  . GLU A 114 ? 1.4144 0.9176 1.0704 -0.2925 -0.1491 0.2563  93  GLU A CD  
616 O OE1 . GLU A 114 ? 1.4385 0.9578 1.0535 -0.3057 -0.1455 0.2743  93  GLU A OE1 
617 O OE2 . GLU A 114 ? 1.4953 0.9437 1.1786 -0.2692 -0.1823 0.2534  93  GLU A OE2 
618 N N   . ARG A 115 ? 0.9806 0.7317 0.7409 -0.2531 -0.0451 0.1760  94  ARG A N   
619 C CA  . ARG A 115 ? 0.9099 0.7043 0.7187 -0.2316 -0.0336 0.1486  94  ARG A CA  
620 C C   . ARG A 115 ? 0.8533 0.7131 0.6772 -0.2203 -0.0113 0.1404  94  ARG A C   
621 O O   . ARG A 115 ? 0.7994 0.6880 0.6558 -0.1984 -0.0088 0.1228  94  ARG A O   
622 C CB  . ARG A 115 ? 0.9009 0.6639 0.7402 -0.2041 -0.0572 0.1328  94  ARG A CB  
623 C CG  . ARG A 115 ? 0.9476 0.6511 0.7876 -0.2138 -0.0758 0.1327  94  ARG A CG  
624 C CD  . ARG A 115 ? 0.9530 0.6306 0.8361 -0.1848 -0.0974 0.1085  94  ARG A CD  
625 N NE  . ARG A 115 ? 0.8933 0.6238 0.8196 -0.1721 -0.0800 0.0723  94  ARG A NE  
626 C CZ  . ARG A 115 ? 0.8945 0.6265 0.8421 -0.1802 -0.0739 0.0490  94  ARG A CZ  
627 N NH1 . ARG A 115 ? 0.9441 0.6242 0.8777 -0.2000 -0.0833 0.0571  94  ARG A NH1 
628 N NH2 . ARG A 115 ? 0.8451 0.6313 0.8257 -0.1718 -0.0582 0.0165  94  ARG A NH2 
629 N N   . VAL A 116 ? 0.8573 0.7390 0.6578 -0.2378 0.0046  0.1518  95  VAL A N   
630 C CA  . VAL A 116 ? 0.8216 0.7565 0.6366 -0.2285 0.0240  0.1449  95  VAL A CA  
631 C C   . VAL A 116 ? 0.8288 0.8059 0.6481 -0.2491 0.0468  0.1440  95  VAL A C   
632 O O   . VAL A 116 ? 0.8877 0.8599 0.6775 -0.2751 0.0543  0.1535  95  VAL A O   
633 C CB  . VAL A 116 ? 0.8474 0.7737 0.6366 -0.2257 0.0213  0.1525  95  VAL A CB  
634 C CG1 . VAL A 116 ? 0.7896 0.7678 0.5944 -0.2212 0.0443  0.1427  95  VAL A CG1 
635 C CG2 . VAL A 116 ? 0.8435 0.7426 0.6397 -0.2013 -0.0014 0.1499  95  VAL A CG2 
636 N N   . TYR A 117 ? 0.8055 0.8261 0.6616 -0.2395 0.0566  0.1328  96  TYR A N   
637 C CA  . TYR A 117 ? 0.8009 0.8714 0.6748 -0.2520 0.0755  0.1293  96  TYR A CA  
638 C C   . TYR A 117 ? 0.7620 0.8696 0.6602 -0.2337 0.0858  0.1227  96  TYR A C   
639 O O   . TYR A 117 ? 0.7266 0.8344 0.6416 -0.2107 0.0785  0.1194  96  TYR A O   
640 C CB  . TYR A 117 ? 0.8312 0.9270 0.7326 -0.2541 0.0744  0.1232  96  TYR A CB  
641 C CG  . TYR A 117 ? 0.9147 0.9886 0.7998 -0.2805 0.0712  0.1254  96  TYR A CG  
642 C CD1 . TYR A 117 ? 0.9980 1.0328 0.8451 -0.3042 0.0702  0.1362  96  TYR A CD1 
643 C CD2 . TYR A 117 ? 0.9195 1.0127 0.8247 -0.2856 0.0688  0.1173  96  TYR A CD2 
644 C CE1 . TYR A 117 ? 1.0983 1.1077 0.9301 -0.3311 0.0666  0.1393  96  TYR A CE1 
645 C CE2 . TYR A 117 ? 0.9607 1.0332 0.8528 -0.3112 0.0665  0.1165  96  TYR A CE2 
646 C CZ  . TYR A 117 ? 1.0790 1.1071 0.9355 -0.3336 0.0653  0.1278  96  TYR A CZ  
647 O OH  . TYR A 117 ? 1.1196 1.1195 0.9610 -0.3625 0.0622  0.1287  96  TYR A OH  
648 N N   . ILE A 118 ? 0.7529 0.8933 0.6567 -0.2450 0.1033  0.1181  97  ILE A N   
649 C CA  . ILE A 118 ? 0.7588 0.9349 0.6935 -0.2281 0.1145  0.1074  97  ILE A CA  
650 C C   . ILE A 118 ? 0.7440 0.9758 0.7229 -0.2303 0.1261  0.0985  97  ILE A C   
651 O O   . ILE A 118 ? 0.7692 1.0219 0.7440 -0.2542 0.1374  0.0951  97  ILE A O   
652 C CB  . ILE A 118 ? 0.8127 0.9831 0.7201 -0.2377 0.1264  0.1022  97  ILE A CB  
653 C CG1 . ILE A 118 ? 0.8504 0.9677 0.7159 -0.2345 0.1100  0.1129  97  ILE A CG1 
654 C CG2 . ILE A 118 ? 0.7923 0.9978 0.7381 -0.2190 0.1390  0.0853  97  ILE A CG2 
655 C CD1 . ILE A 118 ? 0.8653 0.9753 0.6944 -0.2484 0.1179  0.1105  97  ILE A CD1 
656 N N   . SER A 119 ? 0.7126 0.9690 0.7350 -0.2064 0.1216  0.0952  98  SER A N   
657 C CA  . SER A 119 ? 0.7320 1.0428 0.8060 -0.2028 0.1268  0.0875  98  SER A CA  
658 C C   . SER A 119 ? 0.7374 1.0724 0.8465 -0.1868 0.1391  0.0708  98  SER A C   
659 O O   . SER A 119 ? 0.7105 1.0272 0.8292 -0.1651 0.1320  0.0718  98  SER A O   
660 C CB  . SER A 119 ? 0.7509 1.0700 0.8504 -0.1887 0.1073  0.0988  98  SER A CB  
661 O OG  . SER A 119 ? 0.7362 1.1040 0.8925 -0.1770 0.1050  0.0945  98  SER A OG  
662 N N   . PHE A 120 ? 0.7757 1.1534 0.9059 -0.1992 0.1587  0.0524  99  PHE A N   
663 C CA  . PHE A 120 ? 0.8133 1.2214 0.9881 -0.1833 0.1725  0.0286  99  PHE A CA  
664 C C   . PHE A 120 ? 0.8065 1.2581 1.0587 -0.1589 0.1624  0.0232  99  PHE A C   
665 O O   . PHE A 120 ? 0.8223 1.3205 1.1054 -0.1684 0.1649  0.0179  99  PHE A O   
666 C CB  . PHE A 120 ? 0.8631 1.3028 1.0252 -0.2107 0.2011  0.0055  99  PHE A CB  
667 C CG  . PHE A 120 ? 0.9172 1.3137 1.0062 -0.2319 0.2081  0.0106  99  PHE A CG  
668 C CD1 . PHE A 120 ? 0.9440 1.2999 0.9714 -0.2561 0.1985  0.0342  99  PHE A CD1 
669 C CD2 . PHE A 120 ? 0.9629 1.3579 1.0460 -0.2283 0.2218  -0.0087 99  PHE A CD2 
670 C CE1 . PHE A 120 ? 0.9807 1.2947 0.9434 -0.2742 0.1987  0.0428  99  PHE A CE1 
671 C CE2 . PHE A 120 ? 0.9998 1.3579 1.0132 -0.2497 0.2245  -0.0015 99  PHE A CE2 
672 C CZ  . PHE A 120 ? 1.0337 1.3505 0.9873 -0.2719 0.2109  0.0263  99  PHE A CZ  
673 N N   . ASN A 121 ? 0.7836 1.2183 1.0670 -0.1289 0.1490  0.0255  100 ASN A N   
674 C CA  . ASN A 121 ? 0.8111 1.2758 1.1683 -0.1026 0.1320  0.0258  100 ASN A CA  
675 C C   . ASN A 121 ? 0.8311 1.3163 1.2495 -0.0801 0.1434  -0.0047 100 ASN A C   
676 O O   . ASN A 121 ? 0.8106 1.2614 1.2426 -0.0579 0.1327  -0.0021 100 ASN A O   
677 C CB  . ASN A 121 ? 0.8219 1.2462 1.1673 -0.0888 0.1021  0.0573  100 ASN A CB  
678 C CG  . ASN A 121 ? 0.8510 1.2595 1.1420 -0.1106 0.0928  0.0801  100 ASN A CG  
679 O OD1 . ASN A 121 ? 0.8892 1.3317 1.1918 -0.1223 0.0878  0.0845  100 ASN A OD1 
680 N ND2 . ASN A 121 ? 0.8443 1.2042 1.0804 -0.1162 0.0905  0.0912  100 ASN A ND2 
681 N N   . GLU A 122 ? 0.8499 1.3928 1.3073 -0.0875 0.1660  -0.0366 101 GLU A N   
682 C CA  . GLU A 122 ? 0.8787 1.4480 1.3934 -0.0706 0.1842  -0.0765 101 GLU A CA  
683 C C   . GLU A 122 ? 0.8909 1.5045 1.5096 -0.0381 0.1680  -0.0887 101 GLU A C   
684 O O   . GLU A 122 ? 0.8820 1.4771 1.5530 -0.0060 0.1555  -0.0967 101 GLU A O   
685 C CB  . GLU A 122 ? 0.8977 1.5089 1.3904 -0.1028 0.2232  -0.1106 101 GLU A CB  
# 
